data_6NP0
#
_entry.id   6NP0
#
_cell.length_a   1.00
_cell.length_b   1.00
_cell.length_c   1.00
_cell.angle_alpha   90.00
_cell.angle_beta   90.00
_cell.angle_gamma   90.00
#
_symmetry.space_group_name_H-M   'P 1'
#
loop_
_entity.id
_entity.type
_entity.pdbx_description
1 polymer '5-hydroxytryptamine receptor 3A'
2 branched beta-D-mannopyranose-(1-4)-2-acetamido-2-deoxy-beta-D-glucopyranose-(1-4)-2-acetamido-2-deoxy-beta-D-glucopyranose
3 branched 2-acetamido-2-deoxy-beta-D-glucopyranose-(1-4)-2-acetamido-2-deoxy-beta-D-glucopyranose
4 non-polymer 2-acetamido-2-deoxy-beta-D-glucopyranose
5 non-polymer 1-methyl-N-[(1R,5S)-9-methyl-9-azabicyclo[3.3.1]nonan-3-yl]indazole-3-carboxamide
6 non-polymer 'CHLORIDE ION'
#
_entity_poly.entity_id   1
_entity_poly.type   'polypeptide(L)'
_entity_poly.pdbx_seq_one_letter_code
;MRLCIPQVLLALFLSMLTAPGEGSRRRATQARDTTQPALLRLSDHLLANYKKGVRPVRDWRKPTTVSIDVIMYAILNVDE
KNQVLTTYIWYRQYWTDEFLQWTPEDFDNVTKLSIPTDSIWVPDILINEFVDVGKSPNIPYVYVHHRGEVQNYKPLQLVT
ACSLDIYNFPFDVQNCSLTFTSWLHTIQDINITLWRSPEEVRSDKSIFINQGEWELLEVFPQFKEFSIDISNSYAEMKFY
VIIRRRPLFYAVSLLLPSIFLMVVDIVGFCLPPDSGERVSFKITLLLGYSVFLIIVSDTLPATAIGTPLIGVYFVVCMAL
LVISLAETIFIVRLVHKQDLQRPVPDWLRHLVLDRIAWILCLGEQPMAHRPPATFQANKTDDCSGSDLLPAMGNHCSHVG
GPQDLEKTPRGRGSPLPPPREASLAVRGLLQELSSIRHFLEKRDEMREVARDWLRVGYVLDRLLFRIYLLAVLAYSITLV
TLWSIWHYS
;
_entity_poly.pdbx_strand_id   A,B,C,D,E
#
loop_
_chem_comp.id
_chem_comp.type
_chem_comp.name
_chem_comp.formula
BMA D-saccharide, beta linking beta-D-mannopyranose 'C6 H12 O6'
CL non-polymer 'CHLORIDE ION' 'Cl -1'
CWB non-polymer 1-methyl-N-[(1R,5S)-9-methyl-9-azabicyclo[3.3.1]nonan-3-yl]indazole-3-carboxamide 'C18 H24 N4 O'
NAG D-saccharide, beta linking 2-acetamido-2-deoxy-beta-D-glucopyranose 'C8 H15 N O6'
#
# COMPACT_ATOMS: atom_id res chain seq x y z
N THR A 34 59.69 -15.53 38.55
CA THR A 34 58.35 -15.56 37.99
C THR A 34 57.68 -16.91 38.22
N THR A 35 56.46 -17.05 37.71
CA THR A 35 55.70 -18.28 37.88
C THR A 35 54.83 -18.47 36.66
N GLN A 36 53.84 -19.36 36.79
CA GLN A 36 52.90 -19.66 35.71
C GLN A 36 51.47 -19.75 36.25
N PRO A 37 50.76 -18.63 36.31
CA PRO A 37 49.31 -18.73 36.50
C PRO A 37 48.64 -19.35 35.28
N ALA A 38 48.80 -18.70 34.14
CA ALA A 38 48.34 -19.11 32.82
C ALA A 38 49.00 -18.17 31.82
N LEU A 39 48.50 -18.14 30.60
CA LEU A 39 48.90 -17.10 29.66
C LEU A 39 47.80 -16.07 29.45
N LEU A 40 47.12 -15.72 30.54
CA LEU A 40 46.42 -14.46 30.65
C LEU A 40 47.32 -13.39 31.22
N ARG A 41 48.50 -13.77 31.69
CA ARG A 41 49.47 -12.79 32.16
C ARG A 41 50.08 -11.98 31.02
N LEU A 42 50.00 -12.48 29.79
CA LEU A 42 50.34 -11.64 28.65
C LEU A 42 49.34 -10.51 28.51
N SER A 43 48.05 -10.83 28.53
CA SER A 43 47.02 -9.80 28.46
C SER A 43 47.02 -8.89 29.67
N ASP A 44 47.47 -9.38 30.82
CA ASP A 44 47.74 -8.51 31.95
C ASP A 44 48.93 -7.60 31.68
N HIS A 45 49.92 -8.09 30.92
CA HIS A 45 51.13 -7.32 30.66
C HIS A 45 50.88 -6.15 29.72
N LEU A 46 50.12 -6.36 28.65
CA LEU A 46 50.06 -5.34 27.61
C LEU A 46 48.74 -4.60 27.56
N LEU A 47 47.85 -4.79 28.53
CA LEU A 47 46.67 -3.95 28.69
C LEU A 47 46.57 -3.35 30.08
N ALA A 48 47.66 -3.35 30.85
CA ALA A 48 47.61 -2.78 32.19
C ALA A 48 47.59 -1.26 32.13
N ASN A 49 48.63 -0.66 31.55
CA ASN A 49 48.76 0.78 31.42
C ASN A 49 48.51 1.26 30.00
N TYR A 50 47.55 0.65 29.30
CA TYR A 50 47.27 1.00 27.93
C TYR A 50 46.15 2.03 27.86
N LYS A 51 46.35 3.05 27.03
CA LYS A 51 45.39 4.13 26.87
C LYS A 51 44.76 4.01 25.49
N LYS A 52 43.47 3.70 25.45
CA LYS A 52 42.78 3.49 24.20
C LYS A 52 42.35 4.78 23.52
N GLY A 53 42.73 5.93 24.05
CA GLY A 53 42.36 7.18 23.43
C GLY A 53 43.41 7.72 22.49
N VAL A 54 44.66 7.33 22.69
CA VAL A 54 45.74 7.91 21.91
C VAL A 54 45.90 7.17 20.59
N ARG A 55 46.33 7.90 19.57
CA ARG A 55 46.64 7.22 18.33
C ARG A 55 47.98 6.52 18.53
N PRO A 56 48.01 5.22 18.38
CA PRO A 56 49.10 4.45 18.96
C PRO A 56 50.37 4.40 18.12
N VAL A 57 51.18 5.43 18.20
CA VAL A 57 52.48 5.47 17.55
C VAL A 57 53.51 6.00 18.53
N ARG A 58 54.77 5.59 18.33
CA ARG A 58 55.85 6.14 19.13
C ARG A 58 56.19 7.56 18.71
N ASP A 59 56.49 7.73 17.44
CA ASP A 59 56.75 9.04 16.85
C ASP A 59 55.44 9.56 16.27
N TRP A 60 55.01 10.74 16.69
CA TRP A 60 53.71 11.24 16.27
C TRP A 60 53.70 11.71 14.83
N ARG A 61 54.85 11.77 14.16
CA ARG A 61 54.92 12.20 12.78
C ARG A 61 54.62 11.08 11.80
N LYS A 62 54.55 9.84 12.28
CA LYS A 62 54.36 8.69 11.40
C LYS A 62 52.88 8.34 11.34
N PRO A 63 52.29 8.23 10.15
CA PRO A 63 50.85 7.96 10.08
C PRO A 63 50.54 6.50 10.31
N THR A 64 49.35 6.24 10.82
CA THR A 64 48.83 4.88 10.98
C THR A 64 48.20 4.44 9.68
N THR A 65 48.75 3.39 9.07
CA THR A 65 48.29 2.93 7.76
C THR A 65 47.37 1.73 7.93
N VAL A 66 46.09 1.92 7.70
CA VAL A 66 45.15 0.81 7.73
C VAL A 66 45.08 0.20 6.34
N SER A 67 44.78 -1.09 6.27
CA SER A 67 44.76 -1.79 4.99
C SER A 67 43.45 -2.55 4.89
N ILE A 68 42.57 -2.12 3.99
CA ILE A 68 41.21 -2.61 3.94
C ILE A 68 40.96 -3.37 2.64
N ASP A 69 40.01 -4.30 2.67
CA ASP A 69 39.34 -4.73 1.46
C ASP A 69 37.93 -5.23 1.79
N VAL A 70 37.18 -5.53 0.75
CA VAL A 70 35.73 -5.72 0.80
C VAL A 70 35.35 -6.81 -0.18
N ILE A 71 34.53 -7.76 0.28
CA ILE A 71 33.86 -8.69 -0.61
C ILE A 71 32.35 -8.46 -0.50
N MET A 72 31.68 -8.44 -1.64
CA MET A 72 30.27 -8.12 -1.70
C MET A 72 29.44 -9.36 -1.48
N TYR A 73 28.42 -9.26 -0.61
CA TYR A 73 27.60 -10.41 -0.27
C TYR A 73 26.22 -10.36 -0.88
N ALA A 74 25.48 -9.26 -0.75
CA ALA A 74 24.13 -9.21 -1.29
C ALA A 74 23.75 -7.79 -1.64
N ILE A 75 22.89 -7.65 -2.64
CA ILE A 75 22.29 -6.38 -3.00
C ILE A 75 20.88 -6.41 -2.44
N LEU A 76 20.65 -5.69 -1.34
CA LEU A 76 19.39 -5.87 -0.63
C LEU A 76 18.25 -5.08 -1.28
N ASN A 77 18.52 -3.87 -1.74
CA ASN A 77 17.46 -3.03 -2.27
C ASN A 77 18.08 -1.97 -3.18
N VAL A 78 17.32 -1.56 -4.19
CA VAL A 78 17.68 -0.44 -5.06
C VAL A 78 16.43 0.43 -5.18
N ASP A 79 16.42 1.60 -4.56
CA ASP A 79 15.33 2.55 -4.68
C ASP A 79 15.67 3.54 -5.78
N GLU A 80 15.09 3.37 -6.95
CA GLU A 80 15.35 4.29 -8.05
C GLU A 80 14.68 5.64 -7.83
N LYS A 81 13.62 5.68 -7.03
CA LYS A 81 12.96 6.94 -6.72
C LYS A 81 13.77 7.76 -5.74
N ASN A 82 14.22 7.15 -4.66
CA ASN A 82 14.94 7.86 -3.61
C ASN A 82 16.44 7.94 -3.87
N GLN A 83 16.93 7.29 -4.93
CA GLN A 83 18.34 7.23 -5.31
C GLN A 83 19.20 6.63 -4.19
N VAL A 84 18.71 5.56 -3.59
CA VAL A 84 19.33 4.95 -2.40
C VAL A 84 19.61 3.49 -2.67
N LEU A 85 20.86 3.08 -2.51
CA LEU A 85 21.30 1.71 -2.63
C LEU A 85 21.45 1.09 -1.25
N THR A 86 21.13 -0.21 -1.13
CA THR A 86 21.26 -0.94 0.12
C THR A 86 21.95 -2.27 -0.15
N THR A 87 23.18 -2.43 0.33
CA THR A 87 23.92 -3.66 0.14
C THR A 87 24.31 -4.23 1.49
N TYR A 88 25.04 -5.33 1.45
CA TYR A 88 25.57 -5.98 2.64
C TYR A 88 26.93 -6.54 2.27
N ILE A 89 27.98 -6.11 2.96
CA ILE A 89 29.32 -6.54 2.59
C ILE A 89 29.96 -7.26 3.76
N TRP A 90 31.08 -7.92 3.48
CA TRP A 90 32.00 -8.38 4.51
C TRP A 90 33.26 -7.53 4.43
N TYR A 91 33.75 -7.12 5.58
CA TYR A 91 34.77 -6.10 5.66
C TYR A 91 35.88 -6.55 6.59
N ARG A 92 37.11 -6.20 6.25
CA ARG A 92 38.24 -6.51 7.13
C ARG A 92 39.33 -5.48 6.95
N GLN A 93 40.16 -5.34 7.97
CA GLN A 93 41.17 -4.28 8.00
C GLN A 93 42.25 -4.66 8.99
N TYR A 94 43.48 -4.21 8.73
CA TYR A 94 44.50 -4.33 9.77
C TYR A 94 45.33 -3.07 9.82
N TRP A 95 45.98 -2.87 10.96
CA TRP A 95 46.87 -1.74 11.16
C TRP A 95 47.92 -2.18 12.17
N THR A 96 48.87 -1.30 12.43
CA THR A 96 50.02 -1.63 13.25
C THR A 96 50.10 -0.65 14.41
N ASP A 97 50.31 -1.14 15.62
CA ASP A 97 50.55 -0.25 16.74
C ASP A 97 51.69 -0.74 17.61
N GLU A 98 52.52 0.20 18.02
CA GLU A 98 53.74 -0.14 18.76
C GLU A 98 53.49 -0.36 20.23
N PHE A 99 52.25 -0.29 20.68
CA PHE A 99 51.92 -0.49 22.09
C PHE A 99 51.42 -1.89 22.38
N LEU A 100 51.17 -2.69 21.34
CA LEU A 100 50.66 -4.05 21.47
C LEU A 100 51.69 -5.06 21.02
N GLN A 101 52.95 -4.85 21.37
CA GLN A 101 54.03 -5.70 20.92
C GLN A 101 54.61 -6.48 22.09
N TRP A 102 55.05 -7.71 21.81
CA TRP A 102 55.68 -8.53 22.83
C TRP A 102 56.65 -9.48 22.15
N THR A 103 57.63 -9.94 22.91
CA THR A 103 58.42 -11.01 22.30
C THR A 103 57.66 -12.31 22.41
N PRO A 104 57.63 -13.12 21.34
CA PRO A 104 56.88 -14.38 21.42
C PRO A 104 57.50 -15.39 22.38
N GLU A 105 58.79 -15.30 22.66
CA GLU A 105 59.37 -16.10 23.74
C GLU A 105 58.93 -15.52 25.08
N ASP A 106 59.30 -16.22 26.16
CA ASP A 106 58.96 -15.97 27.58
C ASP A 106 57.48 -15.68 27.84
N PHE A 107 56.61 -16.19 26.97
CA PHE A 107 55.17 -16.24 27.18
C PHE A 107 54.63 -17.57 26.67
N ASP A 108 55.48 -18.60 26.70
CA ASP A 108 55.20 -19.94 26.20
C ASP A 108 54.79 -19.90 24.73
N ASN A 109 55.56 -19.15 23.94
CA ASN A 109 55.55 -19.19 22.48
C ASN A 109 54.24 -18.74 21.86
N VAL A 110 53.46 -17.92 22.54
CA VAL A 110 52.21 -17.44 21.96
C VAL A 110 52.52 -16.31 20.99
N THR A 111 51.93 -16.38 19.80
CA THR A 111 52.18 -15.39 18.76
C THR A 111 50.97 -14.56 18.41
N LYS A 112 49.76 -15.00 18.73
CA LYS A 112 48.60 -14.15 18.56
C LYS A 112 47.57 -14.51 19.61
N LEU A 113 46.68 -13.56 19.87
CA LEU A 113 45.64 -13.77 20.87
C LEU A 113 44.46 -12.86 20.55
N SER A 114 43.35 -13.15 21.19
CA SER A 114 42.14 -12.35 21.04
C SER A 114 42.08 -11.29 22.13
N ILE A 115 41.82 -10.05 21.73
CA ILE A 115 41.65 -8.94 22.66
C ILE A 115 40.28 -8.34 22.35
N PRO A 116 39.50 -7.94 23.35
CA PRO A 116 38.22 -7.29 23.08
C PRO A 116 38.40 -5.98 22.34
N THR A 117 37.40 -5.64 21.53
CA THR A 117 37.51 -4.50 20.62
C THR A 117 37.44 -3.19 21.39
N ASP A 118 36.73 -3.18 22.51
CA ASP A 118 36.48 -1.94 23.23
C ASP A 118 37.63 -1.56 24.15
N SER A 119 38.76 -2.24 24.03
CA SER A 119 39.91 -1.97 24.88
C SER A 119 41.13 -1.51 24.11
N ILE A 120 41.05 -1.36 22.78
CA ILE A 120 42.16 -0.89 21.98
C ILE A 120 41.68 0.26 21.10
N TRP A 121 42.64 0.95 20.49
CA TRP A 121 42.35 2.02 19.57
C TRP A 121 41.84 1.44 18.25
N VAL A 122 40.73 1.97 17.76
CA VAL A 122 40.13 1.54 16.50
C VAL A 122 39.92 2.76 15.63
N PRO A 123 40.37 2.75 14.38
CA PRO A 123 40.20 3.93 13.52
C PRO A 123 38.75 4.10 13.09
N ASP A 124 38.40 5.35 12.77
CA ASP A 124 37.04 5.69 12.36
C ASP A 124 36.95 5.70 10.84
N ILE A 125 36.77 4.53 10.24
CA ILE A 125 36.68 4.41 8.79
C ILE A 125 35.20 4.38 8.44
N LEU A 126 34.73 5.41 7.77
CA LEU A 126 33.33 5.53 7.40
C LEU A 126 33.20 5.67 5.88
N ILE A 127 31.97 5.85 5.44
CA ILE A 127 31.64 5.99 4.03
C ILE A 127 31.07 7.37 3.81
N ASN A 128 31.50 8.05 2.75
CA ASN A 128 30.95 9.37 2.45
C ASN A 128 29.51 9.30 2.00
N GLU A 129 29.09 8.21 1.36
CA GLU A 129 27.79 8.16 0.74
C GLU A 129 26.68 7.70 1.67
N PHE A 130 26.92 7.64 2.98
CA PHE A 130 25.89 7.26 3.93
C PHE A 130 24.71 8.21 3.92
N VAL A 131 23.51 7.64 4.02
CA VAL A 131 22.31 8.42 4.29
C VAL A 131 21.56 7.91 5.51
N ASP A 132 21.98 6.82 6.12
CA ASP A 132 21.27 6.16 7.20
C ASP A 132 22.25 5.20 7.85
N VAL A 133 21.81 4.52 8.90
CA VAL A 133 22.62 3.52 9.59
C VAL A 133 21.97 2.16 9.44
N GLY A 134 22.64 1.25 8.77
CA GLY A 134 22.18 -0.12 8.67
C GLY A 134 22.54 -0.90 9.92
N LYS A 135 21.69 -1.87 10.25
CA LYS A 135 21.93 -2.70 11.42
C LYS A 135 22.85 -3.85 11.04
N SER A 136 23.94 -4.00 11.79
CA SER A 136 24.92 -5.02 11.53
C SER A 136 25.42 -5.57 12.86
N PRO A 137 25.77 -6.85 12.92
CA PRO A 137 26.23 -7.42 14.19
C PRO A 137 27.60 -6.90 14.55
N ASN A 138 27.79 -6.61 15.84
CA ASN A 138 29.11 -6.23 16.29
C ASN A 138 29.97 -7.47 16.53
N ILE A 139 31.26 -7.32 16.28
CA ILE A 139 32.22 -8.39 16.51
C ILE A 139 33.08 -7.99 17.70
N PRO A 140 32.98 -8.66 18.84
CA PRO A 140 33.61 -8.17 20.06
C PRO A 140 35.09 -8.51 20.20
N TYR A 141 35.73 -9.17 19.24
CA TYR A 141 37.12 -9.56 19.42
C TYR A 141 37.92 -9.18 18.18
N VAL A 142 39.22 -8.95 18.38
CA VAL A 142 40.18 -8.77 17.30
C VAL A 142 41.39 -9.65 17.58
N TYR A 143 42.11 -9.97 16.51
CA TYR A 143 43.42 -10.61 16.61
C TYR A 143 44.50 -9.58 16.76
N VAL A 144 45.57 -9.93 17.48
CA VAL A 144 46.75 -9.10 17.62
C VAL A 144 47.97 -10.01 17.49
N HIS A 145 48.79 -9.78 16.48
CA HIS A 145 50.03 -10.54 16.36
C HIS A 145 51.12 -9.93 17.22
N HIS A 146 52.27 -10.59 17.26
CA HIS A 146 53.31 -10.18 18.20
C HIS A 146 54.17 -9.06 17.66
N ARG A 147 53.89 -8.57 16.47
CA ARG A 147 54.53 -7.37 15.97
C ARG A 147 53.64 -6.14 16.13
N GLY A 148 52.41 -6.32 16.57
CA GLY A 148 51.46 -5.24 16.63
C GLY A 148 50.46 -5.22 15.49
N GLU A 149 50.52 -6.18 14.58
CA GLU A 149 49.55 -6.25 13.50
C GLU A 149 48.23 -6.72 14.08
N VAL A 150 47.30 -5.80 14.26
CA VAL A 150 45.98 -6.10 14.81
C VAL A 150 44.96 -6.15 13.66
N GLN A 151 44.26 -7.27 13.54
CA GLN A 151 43.33 -7.53 12.45
C GLN A 151 41.90 -7.47 12.94
N ASN A 152 41.04 -6.82 12.18
CA ASN A 152 39.64 -6.65 12.55
C ASN A 152 38.77 -7.20 11.43
N TYR A 153 37.83 -8.07 11.79
CA TYR A 153 36.88 -8.66 10.85
C TYR A 153 35.48 -8.27 11.29
N LYS A 154 34.70 -7.68 10.38
CA LYS A 154 33.33 -7.36 10.72
C LYS A 154 32.43 -7.32 9.51
N PRO A 155 31.20 -7.79 9.62
CA PRO A 155 30.22 -7.58 8.56
C PRO A 155 29.46 -6.29 8.80
N LEU A 156 29.09 -5.62 7.71
CA LEU A 156 28.41 -4.35 7.88
C LEU A 156 27.44 -4.09 6.75
N GLN A 157 26.17 -3.89 7.12
CA GLN A 157 25.13 -3.45 6.22
C GLN A 157 25.27 -1.95 6.00
N LEU A 158 25.24 -1.51 4.76
CA LEU A 158 25.41 -0.11 4.47
C LEU A 158 24.33 0.37 3.51
N VAL A 159 23.80 1.54 3.81
CA VAL A 159 22.73 2.18 3.04
C VAL A 159 23.29 3.47 2.46
N THR A 160 23.59 3.44 1.18
CA THR A 160 24.25 4.57 0.54
C THR A 160 23.36 5.17 -0.53
N ALA A 161 23.82 6.30 -1.06
CA ALA A 161 23.11 7.05 -2.08
C ALA A 161 23.93 7.11 -3.35
N CYS A 162 23.29 6.87 -4.48
CA CYS A 162 23.98 6.95 -5.75
C CYS A 162 23.05 7.49 -6.82
N SER A 163 23.64 7.88 -7.93
CA SER A 163 22.91 8.35 -9.10
C SER A 163 22.55 7.15 -9.96
N LEU A 164 21.27 6.98 -10.24
CA LEU A 164 20.77 5.83 -10.99
C LEU A 164 20.13 6.31 -12.27
N ASP A 165 20.60 5.78 -13.41
CA ASP A 165 20.09 6.14 -14.72
C ASP A 165 19.06 5.13 -15.19
N ILE A 166 17.87 5.62 -15.53
CA ILE A 166 16.78 4.75 -15.94
C ILE A 166 16.50 5.12 -17.38
N TYR A 167 17.56 5.37 -18.15
CA TYR A 167 17.37 5.66 -19.57
C TYR A 167 16.89 4.44 -20.32
N ASN A 168 17.22 3.24 -19.86
CA ASN A 168 16.74 2.00 -20.45
C ASN A 168 16.45 1.02 -19.33
N PHE A 169 15.15 0.89 -18.97
CA PHE A 169 14.79 0.34 -17.66
C PHE A 169 15.16 -1.13 -17.46
N PRO A 170 14.77 -2.09 -18.32
CA PRO A 170 15.16 -3.47 -18.00
C PRO A 170 16.58 -3.83 -18.39
N PHE A 171 17.24 -3.05 -19.24
CA PHE A 171 18.60 -3.36 -19.67
C PHE A 171 19.49 -2.22 -19.20
N ASP A 172 19.99 -2.29 -17.97
CA ASP A 172 20.78 -1.19 -17.45
C ASP A 172 21.84 -1.68 -16.48
N VAL A 173 23.02 -1.12 -16.60
CA VAL A 173 24.07 -1.29 -15.60
C VAL A 173 24.07 -0.06 -14.71
N GLN A 174 24.47 -0.24 -13.46
CA GLN A 174 24.48 0.84 -12.49
C GLN A 174 25.86 0.91 -11.90
N ASN A 175 26.39 2.12 -11.77
CA ASN A 175 27.78 2.34 -11.34
C ASN A 175 27.72 3.11 -10.02
N CYS A 176 27.84 2.40 -8.92
CA CYS A 176 27.71 2.98 -7.59
C CYS A 176 29.05 3.02 -6.89
N SER A 177 29.26 4.06 -6.08
CA SER A 177 30.54 4.29 -5.43
C SER A 177 30.42 4.06 -3.92
N LEU A 178 31.48 3.55 -3.33
CA LEU A 178 31.62 3.41 -1.88
C LEU A 178 32.97 4.01 -1.54
N THR A 179 33.00 5.17 -0.90
CA THR A 179 34.24 5.85 -0.61
C THR A 179 34.58 5.69 0.86
N PHE A 180 35.54 4.82 1.16
CA PHE A 180 36.02 4.64 2.52
C PHE A 180 37.00 5.74 2.86
N THR A 181 36.76 6.41 3.98
CA THR A 181 37.62 7.49 4.41
C THR A 181 37.54 7.62 5.92
N SER A 182 38.58 8.19 6.50
CA SER A 182 38.56 8.56 7.90
C SER A 182 37.79 9.87 7.99
N TRP A 183 36.86 9.94 8.94
CA TRP A 183 36.00 11.11 8.97
C TRP A 183 36.68 12.32 9.57
N LEU A 184 37.70 12.11 10.40
CA LEU A 184 38.37 13.21 11.08
C LEU A 184 39.83 13.35 10.69
N HIS A 185 40.59 12.27 10.76
CA HIS A 185 42.04 12.34 10.64
C HIS A 185 42.48 12.61 9.21
N THR A 186 43.58 13.36 9.09
CA THR A 186 44.12 13.72 7.80
C THR A 186 45.17 12.69 7.36
N ILE A 187 45.77 12.91 6.19
CA ILE A 187 46.59 11.87 5.58
C ILE A 187 47.97 11.78 6.23
N GLN A 188 48.36 12.76 7.04
CA GLN A 188 49.53 12.58 7.87
C GLN A 188 49.17 11.99 9.23
N ASP A 189 47.92 11.57 9.41
CA ASP A 189 47.45 11.04 10.66
C ASP A 189 46.90 9.62 10.50
N ILE A 190 46.06 9.39 9.49
CA ILE A 190 45.59 8.06 9.10
C ILE A 190 45.62 7.96 7.59
N ASN A 191 46.24 6.89 7.09
CA ASN A 191 46.39 6.62 5.68
C ASN A 191 45.73 5.29 5.35
N ILE A 192 45.20 5.15 4.13
CA ILE A 192 44.42 3.97 3.77
C ILE A 192 45.03 3.31 2.53
N THR A 193 45.37 2.04 2.64
CA THR A 193 45.82 1.24 1.51
C THR A 193 44.90 0.03 1.35
N LEU A 194 45.31 -0.90 0.49
CA LEU A 194 44.56 -2.14 0.31
C LEU A 194 45.24 -3.31 1.00
N TRP A 195 44.43 -4.29 1.39
CA TRP A 195 44.94 -5.57 1.88
C TRP A 195 45.66 -6.30 0.77
N ARG A 196 44.95 -6.63 -0.29
CA ARG A 196 45.44 -7.43 -1.39
C ARG A 196 45.38 -6.65 -2.68
N SER A 197 45.80 -7.30 -3.76
CA SER A 197 45.97 -6.64 -5.05
C SER A 197 44.63 -6.22 -5.63
N PRO A 198 44.56 -5.09 -6.35
CA PRO A 198 43.27 -4.66 -6.92
C PRO A 198 42.77 -5.54 -8.05
N GLU A 199 43.65 -6.31 -8.70
CA GLU A 199 43.21 -7.21 -9.76
C GLU A 199 42.40 -8.37 -9.22
N GLU A 200 42.62 -8.76 -7.97
CA GLU A 200 41.86 -9.84 -7.36
C GLU A 200 40.77 -9.34 -6.43
N VAL A 201 40.72 -8.06 -6.13
CA VAL A 201 39.52 -7.49 -5.54
C VAL A 201 38.46 -7.31 -6.61
N ARG A 202 38.90 -6.96 -7.83
CA ARG A 202 37.96 -6.68 -8.92
C ARG A 202 37.25 -7.94 -9.39
N SER A 203 37.97 -9.06 -9.45
CA SER A 203 37.43 -10.29 -10.01
C SER A 203 36.94 -11.27 -8.94
N ASP A 204 36.34 -10.79 -7.86
CA ASP A 204 36.02 -11.65 -6.73
C ASP A 204 34.50 -11.78 -6.61
N LYS A 205 33.99 -12.94 -7.02
CA LYS A 205 32.59 -13.29 -6.83
C LYS A 205 32.55 -14.67 -6.20
N SER A 206 32.70 -14.73 -4.89
CA SER A 206 32.80 -16.04 -4.26
C SER A 206 31.58 -16.34 -3.43
N ILE A 207 31.09 -15.33 -2.69
CA ILE A 207 29.96 -15.54 -1.79
C ILE A 207 28.76 -14.67 -2.13
N PHE A 208 28.70 -14.12 -3.34
CA PHE A 208 27.59 -13.27 -3.72
C PHE A 208 26.33 -14.10 -3.90
N ILE A 209 25.23 -13.63 -3.33
CA ILE A 209 23.95 -14.30 -3.42
C ILE A 209 23.31 -13.95 -4.76
N ASN A 210 23.22 -14.93 -5.64
CA ASN A 210 22.58 -14.74 -6.95
C ASN A 210 21.07 -14.88 -6.81
N GLN A 211 20.41 -15.04 -7.97
CA GLN A 211 18.95 -15.16 -8.08
C GLN A 211 18.20 -13.97 -7.50
N GLY A 212 18.81 -12.79 -7.54
CA GLY A 212 18.27 -11.67 -6.80
C GLY A 212 18.17 -10.36 -7.56
N GLU A 213 17.77 -10.44 -8.84
CA GLU A 213 17.41 -9.31 -9.72
C GLU A 213 18.64 -8.50 -10.16
N TRP A 214 19.80 -8.73 -9.57
CA TRP A 214 20.98 -7.95 -9.86
C TRP A 214 22.18 -8.88 -9.92
N GLU A 215 22.88 -8.84 -11.04
CA GLU A 215 24.14 -9.57 -11.19
C GLU A 215 25.28 -8.63 -10.80
N LEU A 216 26.21 -9.12 -9.99
CA LEU A 216 27.42 -8.37 -9.76
C LEU A 216 28.33 -8.50 -10.98
N LEU A 217 29.02 -7.42 -11.34
CA LEU A 217 29.96 -7.50 -12.45
C LEU A 217 31.40 -7.34 -11.99
N GLU A 218 31.70 -6.26 -11.26
CA GLU A 218 33.03 -6.06 -10.71
C GLU A 218 32.94 -5.06 -9.56
N VAL A 219 33.92 -5.12 -8.68
CA VAL A 219 34.08 -4.20 -7.56
C VAL A 219 35.48 -3.61 -7.70
N PHE A 220 35.59 -2.43 -8.30
CA PHE A 220 36.87 -1.90 -8.71
C PHE A 220 37.37 -0.86 -7.72
N PRO A 221 38.50 -1.06 -7.07
CA PRO A 221 39.00 -0.07 -6.11
C PRO A 221 39.85 1.00 -6.78
N GLN A 222 39.92 2.15 -6.12
CA GLN A 222 40.61 3.31 -6.66
C GLN A 222 41.03 4.21 -5.51
N PHE A 223 42.29 4.58 -5.45
CA PHE A 223 42.79 5.44 -4.39
C PHE A 223 42.84 6.89 -4.85
N LYS A 224 42.33 7.80 -4.02
CA LYS A 224 42.36 9.22 -4.30
C LYS A 224 42.68 9.96 -3.02
N GLU A 225 43.54 10.96 -3.10
CA GLU A 225 43.81 11.85 -1.98
C GLU A 225 42.97 13.12 -2.14
N PHE A 226 41.92 13.23 -1.32
CA PHE A 226 41.03 14.39 -1.37
C PHE A 226 41.66 15.50 -0.55
N SER A 227 41.91 16.63 -1.19
CA SER A 227 42.40 17.82 -0.50
C SER A 227 41.27 18.84 -0.46
N ILE A 228 40.78 19.12 0.75
CA ILE A 228 39.67 20.06 0.89
C ILE A 228 40.15 21.49 0.66
N ASP A 229 41.39 21.77 1.02
CA ASP A 229 42.09 23.02 0.74
C ASP A 229 43.58 22.73 0.85
N ILE A 230 44.39 23.79 0.99
CA ILE A 230 45.79 23.58 1.30
C ILE A 230 45.91 23.13 2.74
N SER A 231 46.89 22.25 3.00
CA SER A 231 47.34 21.77 4.32
C SER A 231 46.26 20.99 5.08
N ASN A 232 45.21 20.52 4.41
CA ASN A 232 44.25 19.57 4.98
C ASN A 232 43.84 18.65 3.85
N SER A 233 44.46 17.48 3.80
CA SER A 233 44.13 16.49 2.80
C SER A 233 43.77 15.19 3.48
N TYR A 234 42.88 14.44 2.84
CA TYR A 234 42.30 13.24 3.42
C TYR A 234 42.53 12.08 2.48
N ALA A 235 42.78 10.91 3.05
CA ALA A 235 42.97 9.70 2.26
C ALA A 235 41.62 9.05 2.03
N GLU A 236 41.32 8.70 0.78
CA GLU A 236 40.07 8.06 0.43
C GLU A 236 40.35 6.84 -0.43
N MET A 237 39.62 5.76 -0.16
CA MET A 237 39.69 4.55 -0.96
C MET A 237 38.31 4.32 -1.54
N LYS A 238 38.20 4.36 -2.86
CA LYS A 238 36.91 4.42 -3.52
C LYS A 238 36.67 3.12 -4.26
N PHE A 239 35.63 2.39 -3.86
CA PHE A 239 35.20 1.17 -4.52
C PHE A 239 34.03 1.48 -5.43
N TYR A 240 34.13 1.05 -6.68
CA TYR A 240 33.05 1.19 -7.65
C TYR A 240 32.41 -0.18 -7.83
N VAL A 241 31.22 -0.36 -7.32
CA VAL A 241 30.46 -1.57 -7.60
C VAL A 241 29.64 -1.35 -8.85
N ILE A 242 29.60 -2.37 -9.72
CA ILE A 242 28.88 -2.30 -10.97
C ILE A 242 27.93 -3.47 -11.03
N ILE A 243 26.64 -3.18 -11.08
CA ILE A 243 25.62 -4.21 -11.06
C ILE A 243 24.74 -4.08 -12.30
N ARG A 244 24.27 -5.22 -12.80
CA ARG A 244 23.41 -5.25 -13.98
C ARG A 244 22.10 -5.93 -13.63
N ARG A 245 21.00 -5.33 -14.04
CA ARG A 245 19.69 -5.89 -13.78
C ARG A 245 19.42 -7.07 -14.71
N ARG A 246 18.83 -8.13 -14.16
CA ARG A 246 18.38 -9.24 -14.98
C ARG A 246 17.04 -8.89 -15.62
N PRO A 247 16.96 -8.73 -16.93
CA PRO A 247 15.73 -8.21 -17.56
C PRO A 247 14.59 -9.21 -17.71
N LEU A 248 14.70 -10.41 -17.13
CA LEU A 248 13.70 -11.44 -17.34
C LEU A 248 12.42 -11.15 -16.57
N PHE A 249 12.47 -10.29 -15.55
CA PHE A 249 11.28 -10.03 -14.75
C PHE A 249 10.28 -9.19 -15.53
N TYR A 250 10.78 -8.20 -16.25
CA TYR A 250 9.94 -7.22 -16.93
C TYR A 250 9.73 -7.58 -18.39
N ALA A 251 9.89 -8.85 -18.74
CA ALA A 251 9.56 -9.37 -20.05
C ALA A 251 8.31 -10.24 -20.03
N VAL A 252 7.83 -10.62 -18.85
CA VAL A 252 6.55 -11.29 -18.73
C VAL A 252 5.50 -10.37 -18.14
N SER A 253 5.89 -9.27 -17.50
CA SER A 253 4.95 -8.32 -16.93
C SER A 253 4.72 -7.11 -17.82
N LEU A 254 5.52 -6.95 -18.87
CA LEU A 254 5.37 -5.84 -19.81
C LEU A 254 5.15 -6.31 -21.22
N LEU A 255 5.98 -7.24 -21.71
CA LEU A 255 5.93 -7.61 -23.11
C LEU A 255 4.75 -8.52 -23.40
N LEU A 256 4.27 -9.25 -22.40
CA LEU A 256 3.21 -10.22 -22.67
C LEU A 256 1.85 -9.57 -22.89
N PRO A 257 1.32 -8.67 -22.03
CA PRO A 257 0.02 -8.07 -22.37
C PRO A 257 0.04 -7.09 -23.53
N SER A 258 1.17 -6.42 -23.79
CA SER A 258 1.23 -5.48 -24.91
C SER A 258 1.20 -6.22 -26.24
N ILE A 259 1.96 -7.31 -26.37
CA ILE A 259 1.89 -8.13 -27.56
C ILE A 259 0.56 -8.89 -27.59
N PHE A 260 -0.02 -9.14 -26.42
CA PHE A 260 -1.27 -9.87 -26.37
C PHE A 260 -2.45 -9.05 -26.86
N LEU A 261 -2.52 -7.76 -26.53
CA LEU A 261 -3.69 -7.00 -26.94
C LEU A 261 -3.61 -6.50 -28.37
N MET A 262 -2.60 -6.90 -29.14
CA MET A 262 -2.63 -6.69 -30.58
C MET A 262 -3.42 -7.77 -31.30
N VAL A 263 -3.34 -9.02 -30.82
CA VAL A 263 -4.06 -10.09 -31.51
C VAL A 263 -5.56 -9.96 -31.29
N VAL A 264 -6.00 -9.29 -30.22
CA VAL A 264 -7.42 -9.03 -30.06
C VAL A 264 -7.90 -7.98 -31.06
N ASP A 265 -7.07 -6.97 -31.36
CA ASP A 265 -7.36 -6.06 -32.46
C ASP A 265 -7.45 -6.78 -33.80
N ILE A 266 -6.47 -7.64 -34.09
CA ILE A 266 -6.41 -8.31 -35.39
C ILE A 266 -7.61 -9.25 -35.56
N VAL A 267 -8.07 -9.85 -34.46
CA VAL A 267 -9.31 -10.61 -34.54
C VAL A 267 -10.50 -9.66 -34.69
N GLY A 268 -10.49 -8.52 -34.02
CA GLY A 268 -11.62 -7.62 -34.04
C GLY A 268 -11.82 -6.85 -35.33
N PHE A 269 -10.83 -6.86 -36.21
CA PHE A 269 -11.09 -6.32 -37.55
C PHE A 269 -11.99 -7.21 -38.39
N CYS A 270 -12.15 -8.47 -38.03
CA CYS A 270 -12.96 -9.36 -38.85
C CYS A 270 -14.45 -9.20 -38.61
N LEU A 271 -14.86 -8.39 -37.63
CA LEU A 271 -16.26 -8.03 -37.51
C LEU A 271 -16.67 -7.17 -38.69
N PRO A 272 -17.87 -7.39 -39.24
CA PRO A 272 -18.36 -6.53 -40.29
C PRO A 272 -18.75 -5.18 -39.73
N PRO A 273 -18.38 -4.09 -40.42
CA PRO A 273 -18.48 -2.76 -39.80
C PRO A 273 -19.90 -2.25 -39.64
N ASP A 274 -20.85 -2.73 -40.44
CA ASP A 274 -22.23 -2.30 -40.30
C ASP A 274 -23.01 -3.08 -39.26
N SER A 275 -22.33 -3.75 -38.32
CA SER A 275 -23.02 -4.47 -37.26
C SER A 275 -23.38 -3.55 -36.11
N GLY A 276 -22.47 -2.66 -35.73
CA GLY A 276 -22.67 -1.72 -34.64
C GLY A 276 -21.85 -2.03 -33.41
N GLU A 277 -21.50 -3.30 -33.21
CA GLU A 277 -20.71 -3.67 -32.04
C GLU A 277 -19.21 -3.65 -32.31
N ARG A 278 -18.79 -3.25 -33.50
CA ARG A 278 -17.36 -3.14 -33.76
C ARG A 278 -16.76 -1.94 -33.05
N VAL A 279 -17.50 -0.83 -33.01
CA VAL A 279 -17.04 0.35 -32.27
C VAL A 279 -17.02 0.07 -30.78
N SER A 280 -18.05 -0.63 -30.29
CA SER A 280 -18.10 -1.04 -28.90
C SER A 280 -17.03 -2.05 -28.55
N PHE A 281 -16.58 -2.84 -29.53
CA PHE A 281 -15.42 -3.71 -29.33
C PHE A 281 -14.15 -2.89 -29.16
N LYS A 282 -13.91 -1.96 -30.09
CA LYS A 282 -12.65 -1.24 -30.11
C LYS A 282 -12.49 -0.31 -28.92
N ILE A 283 -13.57 0.34 -28.49
CA ILE A 283 -13.43 1.25 -27.35
C ILE A 283 -13.28 0.46 -26.05
N THR A 284 -13.87 -0.74 -25.97
CA THR A 284 -13.68 -1.60 -24.81
C THR A 284 -12.24 -2.08 -24.72
N LEU A 285 -11.64 -2.40 -25.86
CA LEU A 285 -10.24 -2.82 -25.86
C LEU A 285 -9.30 -1.67 -25.55
N LEU A 286 -9.62 -0.46 -26.01
CA LEU A 286 -8.83 0.71 -25.65
C LEU A 286 -8.93 1.04 -24.17
N LEU A 287 -10.13 0.89 -23.58
CA LEU A 287 -10.30 0.98 -22.14
C LEU A 287 -9.45 -0.04 -21.39
N GLY A 288 -9.46 -1.29 -21.88
CA GLY A 288 -8.67 -2.34 -21.26
C GLY A 288 -7.18 -2.12 -21.32
N TYR A 289 -6.68 -1.45 -22.35
CA TYR A 289 -5.26 -1.14 -22.37
C TYR A 289 -4.93 0.13 -21.61
N SER A 290 -5.87 1.08 -21.54
CA SER A 290 -5.65 2.29 -20.77
C SER A 290 -5.62 2.02 -19.28
N VAL A 291 -6.38 1.03 -18.82
CA VAL A 291 -6.22 0.56 -17.45
C VAL A 291 -4.85 -0.08 -17.26
N PHE A 292 -4.38 -0.83 -18.26
CA PHE A 292 -3.11 -1.55 -18.17
C PHE A 292 -1.92 -0.62 -18.04
N LEU A 293 -1.89 0.47 -18.81
CA LEU A 293 -0.77 1.42 -18.74
C LEU A 293 -0.66 2.03 -17.36
N ILE A 294 -1.77 2.41 -16.76
CA ILE A 294 -1.73 3.06 -15.46
C ILE A 294 -1.39 2.05 -14.37
N ILE A 295 -1.91 0.82 -14.47
CA ILE A 295 -1.63 -0.18 -13.45
C ILE A 295 -0.22 -0.76 -13.58
N VAL A 296 0.46 -0.52 -14.70
CA VAL A 296 1.89 -0.82 -14.80
C VAL A 296 2.75 0.35 -14.31
N SER A 297 2.36 1.59 -14.64
CA SER A 297 3.21 2.76 -14.45
C SER A 297 3.50 3.09 -12.99
N ASP A 298 2.81 2.45 -12.04
CA ASP A 298 3.15 2.65 -10.64
C ASP A 298 4.34 1.79 -10.20
N THR A 299 4.45 0.56 -10.72
CA THR A 299 5.53 -0.34 -10.32
C THR A 299 6.78 -0.22 -11.18
N LEU A 300 6.83 0.77 -12.06
CA LEU A 300 8.03 1.04 -12.85
C LEU A 300 8.45 2.48 -12.63
N PRO A 301 9.59 2.73 -12.00
CA PRO A 301 9.97 4.10 -11.66
C PRO A 301 10.52 4.85 -12.86
N ALA A 302 10.64 6.17 -12.68
CA ALA A 302 11.13 7.06 -13.73
C ALA A 302 11.68 8.30 -13.05
N THR A 303 12.98 8.55 -13.18
CA THR A 303 13.63 9.56 -12.38
C THR A 303 14.66 10.34 -13.18
N ALA A 304 14.52 11.67 -13.17
CA ALA A 304 15.42 12.72 -13.65
C ALA A 304 15.56 12.77 -15.17
N ILE A 305 14.95 11.86 -15.91
CA ILE A 305 15.03 11.85 -17.35
C ILE A 305 13.66 12.11 -17.98
N GLY A 306 12.57 11.76 -17.30
CA GLY A 306 11.28 11.68 -17.92
C GLY A 306 10.89 10.24 -18.06
N THR A 307 11.07 9.67 -19.23
CA THR A 307 10.78 8.27 -19.40
C THR A 307 11.96 7.55 -20.04
N PRO A 308 12.09 6.24 -19.83
CA PRO A 308 12.98 5.43 -20.65
C PRO A 308 12.39 5.17 -22.04
N LEU A 309 13.07 4.32 -22.80
CA LEU A 309 12.61 3.97 -24.13
C LEU A 309 11.37 3.07 -24.10
N ILE A 310 11.13 2.39 -22.98
CA ILE A 310 9.93 1.57 -22.83
C ILE A 310 8.69 2.46 -22.88
N GLY A 311 8.76 3.66 -22.29
CA GLY A 311 7.69 4.61 -22.41
C GLY A 311 7.44 5.08 -23.83
N VAL A 312 8.49 5.14 -24.66
CA VAL A 312 8.30 5.50 -26.06
C VAL A 312 7.64 4.35 -26.81
N TYR A 313 8.03 3.11 -26.49
CA TYR A 313 7.43 1.96 -27.16
C TYR A 313 5.97 1.77 -26.79
N PHE A 314 5.58 2.11 -25.56
CA PHE A 314 4.17 2.11 -25.20
C PHE A 314 3.37 3.20 -25.89
N VAL A 315 3.95 4.38 -26.10
CA VAL A 315 3.27 5.43 -26.84
C VAL A 315 3.08 5.05 -28.30
N VAL A 316 4.05 4.35 -28.89
CA VAL A 316 3.85 3.83 -30.24
C VAL A 316 2.79 2.73 -30.27
N CYS A 317 2.75 1.90 -29.22
CA CYS A 317 1.72 0.87 -29.12
C CYS A 317 0.32 1.48 -28.99
N MET A 318 0.20 2.63 -28.35
CA MET A 318 -1.07 3.36 -28.31
C MET A 318 -1.38 4.11 -29.59
N ALA A 319 -0.37 4.60 -30.30
CA ALA A 319 -0.59 5.25 -31.58
C ALA A 319 -1.05 4.27 -32.65
N LEU A 320 -0.66 3.01 -32.57
CA LEU A 320 -1.25 2.00 -33.44
C LEU A 320 -2.71 1.73 -33.11
N LEU A 321 -3.06 1.65 -31.84
CA LEU A 321 -4.41 1.33 -31.43
C LEU A 321 -5.40 2.47 -31.67
N VAL A 322 -4.95 3.72 -31.60
CA VAL A 322 -5.83 4.85 -31.87
C VAL A 322 -6.17 4.92 -33.37
N ILE A 323 -5.21 4.66 -34.25
CA ILE A 323 -5.55 4.67 -35.67
C ILE A 323 -6.33 3.41 -36.03
N SER A 324 -6.14 2.32 -35.30
CA SER A 324 -7.04 1.18 -35.42
C SER A 324 -8.47 1.52 -35.05
N LEU A 325 -8.65 2.40 -34.07
CA LEU A 325 -9.99 2.85 -33.70
C LEU A 325 -10.54 3.82 -34.74
N ALA A 326 -9.73 4.76 -35.19
CA ALA A 326 -10.16 5.79 -36.13
C ALA A 326 -10.48 5.22 -37.50
N GLU A 327 -9.83 4.13 -37.90
CA GLU A 327 -10.19 3.45 -39.14
C GLU A 327 -11.59 2.86 -39.06
N THR A 328 -11.94 2.25 -37.93
CA THR A 328 -13.30 1.72 -37.77
C THR A 328 -14.32 2.85 -37.70
N ILE A 329 -13.97 3.97 -37.08
CA ILE A 329 -14.88 5.12 -37.06
C ILE A 329 -15.11 5.65 -38.47
N PHE A 330 -14.05 5.68 -39.29
CA PHE A 330 -14.19 6.13 -40.67
C PHE A 330 -15.03 5.19 -41.52
N ILE A 331 -14.87 3.88 -41.34
CA ILE A 331 -15.67 2.94 -42.14
C ILE A 331 -17.12 2.95 -41.69
N VAL A 332 -17.38 3.04 -40.38
CA VAL A 332 -18.75 3.09 -39.88
C VAL A 332 -19.44 4.39 -40.31
N ARG A 333 -18.70 5.49 -40.38
CA ARG A 333 -19.25 6.70 -40.99
C ARG A 333 -19.52 6.50 -42.47
N LEU A 334 -18.66 5.76 -43.15
CA LEU A 334 -18.80 5.58 -44.59
C LEU A 334 -19.91 4.59 -44.92
N VAL A 335 -20.25 3.69 -44.01
CA VAL A 335 -21.24 2.65 -44.26
C VAL A 335 -22.38 2.84 -43.27
N HIS A 336 -23.49 3.39 -43.74
CA HIS A 336 -24.64 3.69 -42.89
C HIS A 336 -25.80 3.95 -43.84
N LYS A 337 -26.98 4.22 -43.28
CA LYS A 337 -28.15 4.62 -44.06
C LYS A 337 -28.59 6.01 -43.58
N GLN A 338 -28.05 7.05 -44.21
CA GLN A 338 -28.23 8.40 -43.70
C GLN A 338 -28.82 9.35 -44.74
N ASP A 339 -29.84 8.87 -45.46
CA ASP A 339 -30.47 9.39 -46.68
C ASP A 339 -29.46 9.98 -47.66
N LEU A 340 -28.36 9.28 -47.83
CA LEU A 340 -27.18 9.81 -48.48
C LEU A 340 -27.31 9.70 -49.99
N GLN A 341 -26.42 10.42 -50.68
CA GLN A 341 -26.47 10.52 -52.13
C GLN A 341 -25.75 9.34 -52.76
N ARG A 342 -25.65 9.36 -54.09
CA ARG A 342 -25.03 8.28 -54.84
C ARG A 342 -23.52 8.32 -54.66
N PRO A 343 -22.83 7.19 -54.82
CA PRO A 343 -21.37 7.22 -54.80
C PRO A 343 -20.83 7.92 -56.03
N VAL A 344 -19.78 8.69 -55.82
CA VAL A 344 -19.28 9.60 -56.86
C VAL A 344 -18.59 8.77 -57.94
N PRO A 345 -18.92 8.96 -59.23
CA PRO A 345 -18.25 8.19 -60.28
C PRO A 345 -16.80 8.56 -60.49
N ASP A 346 -16.38 9.73 -59.99
CA ASP A 346 -14.96 10.03 -59.88
C ASP A 346 -14.27 9.03 -58.97
N TRP A 347 -14.95 8.63 -57.89
CA TRP A 347 -14.36 7.75 -56.90
C TRP A 347 -15.03 6.38 -56.87
N LEU A 348 -15.76 6.02 -57.93
CA LEU A 348 -16.31 4.68 -58.08
C LEU A 348 -15.40 3.83 -58.94
N ARG A 349 -14.97 4.36 -60.09
CA ARG A 349 -13.97 3.69 -60.91
C ARG A 349 -12.56 3.92 -60.41
N HIS A 350 -12.38 4.83 -59.46
CA HIS A 350 -11.14 4.97 -58.71
C HIS A 350 -10.95 3.83 -57.72
N LEU A 351 -12.01 3.10 -57.39
CA LEU A 351 -12.01 2.25 -56.22
C LEU A 351 -12.52 0.85 -56.45
N VAL A 352 -13.40 0.63 -57.42
CA VAL A 352 -13.94 -0.71 -57.65
C VAL A 352 -13.20 -1.33 -58.83
N LEU A 353 -13.02 -0.55 -59.90
CA LEU A 353 -12.25 -1.04 -61.04
C LEU A 353 -10.75 -0.99 -60.79
N ASP A 354 -10.29 -0.27 -59.78
CA ASP A 354 -8.85 -0.20 -59.54
C ASP A 354 -8.42 -1.20 -58.48
N ARG A 355 -9.06 -1.20 -57.31
CA ARG A 355 -8.61 -2.01 -56.18
C ARG A 355 -8.87 -3.50 -56.36
N ILE A 356 -9.56 -3.92 -57.43
CA ILE A 356 -9.57 -5.33 -57.80
C ILE A 356 -8.39 -5.68 -58.70
N ALA A 357 -7.50 -4.73 -58.97
CA ALA A 357 -6.30 -4.98 -59.75
C ALA A 357 -5.03 -4.45 -59.12
N TRP A 358 -5.12 -3.49 -58.18
CA TRP A 358 -3.95 -3.10 -57.41
C TRP A 358 -3.55 -4.21 -56.46
N ILE A 359 -4.45 -4.60 -55.56
CA ILE A 359 -4.13 -5.64 -54.58
C ILE A 359 -5.14 -6.78 -54.65
N LEU A 360 -6.40 -6.48 -54.35
CA LEU A 360 -7.38 -7.53 -54.15
C LEU A 360 -7.94 -8.01 -55.49
N CYS A 361 -9.03 -8.78 -55.42
CA CYS A 361 -9.75 -9.23 -56.61
C CYS A 361 -11.25 -9.12 -56.38
N LEU A 362 -12.03 -9.34 -57.43
CA LEU A 362 -13.49 -9.30 -57.32
C LEU A 362 -14.01 -10.51 -56.56
N LEU A 424 -64.14 5.16 -68.28
CA LEU A 424 -63.22 6.16 -67.74
C LEU A 424 -62.46 5.59 -66.55
N ALA A 425 -62.91 4.45 -66.05
CA ALA A 425 -62.34 3.88 -64.83
C ALA A 425 -60.98 3.23 -65.06
N VAL A 426 -60.70 2.76 -66.28
CA VAL A 426 -59.42 2.12 -66.57
C VAL A 426 -58.28 3.12 -66.44
N ARG A 427 -58.49 4.36 -66.87
CA ARG A 427 -57.53 5.42 -66.67
C ARG A 427 -57.31 5.74 -65.19
N GLY A 428 -58.39 5.67 -64.40
CA GLY A 428 -58.26 5.88 -62.97
C GLY A 428 -57.46 4.79 -62.29
N LEU A 429 -57.71 3.53 -62.66
CA LEU A 429 -56.92 2.43 -62.13
C LEU A 429 -55.46 2.48 -62.58
N LEU A 430 -55.20 2.95 -63.80
CA LEU A 430 -53.81 3.14 -64.22
C LEU A 430 -53.12 4.22 -63.37
N GLN A 431 -53.83 5.31 -63.08
CA GLN A 431 -53.25 6.34 -62.22
C GLN A 431 -53.11 5.87 -60.78
N GLU A 432 -53.92 4.91 -60.35
CA GLU A 432 -53.75 4.35 -59.01
C GLU A 432 -52.55 3.43 -58.95
N LEU A 433 -52.33 2.62 -59.98
CA LEU A 433 -51.22 1.68 -59.95
C LEU A 433 -49.87 2.35 -60.17
N SER A 434 -49.82 3.41 -60.97
CA SER A 434 -48.56 4.11 -61.20
C SER A 434 -48.01 4.75 -59.94
N SER A 435 -48.89 5.20 -59.03
CA SER A 435 -48.45 5.74 -57.75
C SER A 435 -47.85 4.67 -56.86
N ILE A 436 -48.38 3.45 -56.91
CA ILE A 436 -47.83 2.37 -56.10
C ILE A 436 -46.48 1.93 -56.65
N ARG A 437 -46.36 1.87 -57.98
CA ARG A 437 -45.06 1.61 -58.61
C ARG A 437 -44.04 2.70 -58.25
N HIS A 438 -44.48 3.96 -58.21
CA HIS A 438 -43.55 5.03 -57.84
C HIS A 438 -43.18 4.99 -56.37
N PHE A 439 -44.10 4.57 -55.50
CA PHE A 439 -43.77 4.43 -54.08
C PHE A 439 -42.85 3.27 -53.81
N LEU A 440 -42.83 2.26 -54.69
CA LEU A 440 -41.88 1.18 -54.50
C LEU A 440 -40.53 1.42 -55.15
N GLU A 441 -40.48 2.09 -56.30
CA GLU A 441 -39.20 2.25 -56.97
C GLU A 441 -38.26 3.20 -56.24
N LYS A 442 -38.78 4.14 -55.45
CA LYS A 442 -37.90 4.99 -54.68
C LYS A 442 -37.29 4.25 -53.49
N ARG A 443 -38.03 3.34 -52.87
CA ARG A 443 -37.45 2.48 -51.86
C ARG A 443 -36.39 1.55 -52.46
N ASP A 444 -36.64 1.05 -53.67
CA ASP A 444 -35.66 0.23 -54.36
C ASP A 444 -34.37 1.01 -54.68
N GLU A 445 -34.51 2.26 -55.14
CA GLU A 445 -33.36 3.09 -55.43
C GLU A 445 -32.57 3.43 -54.16
N MET A 446 -33.28 3.75 -53.08
CA MET A 446 -32.59 4.04 -51.82
C MET A 446 -31.95 2.82 -51.20
N ARG A 447 -32.38 1.61 -51.57
CA ARG A 447 -31.61 0.44 -51.15
C ARG A 447 -30.41 0.16 -52.05
N GLU A 448 -30.51 0.46 -53.35
CA GLU A 448 -29.35 0.24 -54.22
C GLU A 448 -28.22 1.22 -53.93
N VAL A 449 -28.56 2.45 -53.54
CA VAL A 449 -27.53 3.41 -53.14
C VAL A 449 -26.79 2.92 -51.90
N ALA A 450 -27.54 2.39 -50.92
CA ALA A 450 -26.92 1.84 -49.72
C ALA A 450 -26.08 0.62 -50.03
N ARG A 451 -26.49 -0.21 -50.99
CA ARG A 451 -25.65 -1.33 -51.39
C ARG A 451 -24.37 -0.90 -52.07
N ASP A 452 -24.39 0.18 -52.84
CA ASP A 452 -23.15 0.65 -53.45
C ASP A 452 -22.19 1.21 -52.41
N TRP A 453 -22.71 1.95 -51.43
CA TRP A 453 -21.81 2.41 -50.36
C TRP A 453 -21.30 1.26 -49.50
N LEU A 454 -22.14 0.24 -49.29
CA LEU A 454 -21.66 -0.96 -48.58
C LEU A 454 -20.61 -1.70 -49.38
N ARG A 455 -20.68 -1.64 -50.71
CA ARG A 455 -19.65 -2.26 -51.53
C ARG A 455 -18.34 -1.49 -51.46
N VAL A 456 -18.40 -0.16 -51.37
CA VAL A 456 -17.17 0.63 -51.23
C VAL A 456 -16.52 0.38 -49.87
N GLY A 457 -17.35 0.28 -48.82
CA GLY A 457 -16.85 0.13 -47.46
C GLY A 457 -16.09 -1.15 -47.21
N TYR A 458 -16.49 -2.26 -47.84
CA TYR A 458 -15.79 -3.51 -47.62
C TYR A 458 -14.44 -3.57 -48.32
N VAL A 459 -14.32 -2.96 -49.49
CA VAL A 459 -13.03 -2.86 -50.16
C VAL A 459 -12.08 -1.99 -49.34
N LEU A 460 -12.57 -0.88 -48.79
CA LEU A 460 -11.72 -0.07 -47.93
C LEU A 460 -11.35 -0.78 -46.64
N ASP A 461 -12.27 -1.57 -46.08
CA ASP A 461 -11.97 -2.29 -44.86
C ASP A 461 -10.99 -3.43 -45.10
N ARG A 462 -10.93 -3.96 -46.32
CA ARG A 462 -9.86 -4.91 -46.62
C ARG A 462 -8.52 -4.25 -46.82
N LEU A 463 -8.48 -3.14 -47.57
CA LEU A 463 -7.22 -2.46 -47.83
C LEU A 463 -6.57 -1.90 -46.57
N LEU A 464 -7.36 -1.27 -45.71
CA LEU A 464 -6.81 -0.72 -44.47
C LEU A 464 -6.40 -1.81 -43.50
N PHE A 465 -7.07 -2.96 -43.54
CA PHE A 465 -6.64 -4.10 -42.73
C PHE A 465 -5.30 -4.65 -43.20
N ARG A 466 -5.07 -4.70 -44.51
CA ARG A 466 -3.75 -5.12 -45.01
C ARG A 466 -2.66 -4.13 -44.60
N ILE A 467 -2.94 -2.83 -44.72
CA ILE A 467 -1.96 -1.81 -44.33
C ILE A 467 -1.65 -1.87 -42.83
N TYR A 468 -2.68 -2.05 -42.01
CA TYR A 468 -2.47 -2.16 -40.57
C TYR A 468 -1.70 -3.41 -40.20
N LEU A 469 -1.99 -4.53 -40.88
CA LEU A 469 -1.29 -5.78 -40.57
C LEU A 469 0.18 -5.70 -40.95
N LEU A 470 0.49 -5.11 -42.10
CA LEU A 470 1.89 -4.91 -42.47
C LEU A 470 2.60 -3.90 -41.58
N ALA A 471 1.91 -2.88 -41.08
CA ALA A 471 2.52 -1.95 -40.14
C ALA A 471 2.84 -2.60 -38.79
N VAL A 472 1.93 -3.44 -38.28
CA VAL A 472 2.20 -4.15 -37.03
C VAL A 472 3.33 -5.14 -37.21
N LEU A 473 3.39 -5.81 -38.37
CA LEU A 473 4.47 -6.76 -38.62
C LEU A 473 5.82 -6.06 -38.75
N ALA A 474 5.87 -4.90 -39.43
CA ALA A 474 7.09 -4.14 -39.55
C ALA A 474 7.54 -3.51 -38.23
N TYR A 475 6.60 -3.22 -37.33
CA TYR A 475 6.99 -2.80 -35.99
C TYR A 475 7.53 -3.94 -35.15
N SER A 476 6.91 -5.12 -35.25
CA SER A 476 7.36 -6.27 -34.48
C SER A 476 8.74 -6.75 -34.88
N ILE A 477 9.04 -6.74 -36.19
CA ILE A 477 10.39 -7.19 -36.58
C ILE A 477 11.45 -6.17 -36.21
N THR A 478 11.11 -4.88 -36.17
CA THR A 478 12.04 -3.86 -35.66
C THR A 478 12.32 -4.07 -34.17
N LEU A 479 11.28 -4.41 -33.40
CA LEU A 479 11.46 -4.69 -31.99
C LEU A 479 12.33 -5.93 -31.76
N VAL A 480 12.13 -6.98 -32.57
CA VAL A 480 12.93 -8.20 -32.44
C VAL A 480 14.38 -7.94 -32.84
N THR A 481 14.62 -7.20 -33.93
CA THR A 481 16.00 -6.94 -34.33
C THR A 481 16.68 -5.90 -33.46
N LEU A 482 15.95 -5.15 -32.64
CA LEU A 482 16.61 -4.37 -31.59
C LEU A 482 16.90 -5.19 -30.34
N TRP A 483 16.07 -6.19 -30.04
CA TRP A 483 16.39 -7.07 -28.91
C TRP A 483 17.58 -7.98 -29.22
N SER A 484 17.71 -8.44 -30.46
CA SER A 484 18.75 -9.42 -30.79
C SER A 484 20.14 -8.80 -30.84
N ILE A 485 20.25 -7.48 -31.01
CA ILE A 485 21.54 -6.83 -30.91
C ILE A 485 22.05 -6.87 -29.47
N TRP A 486 21.14 -6.66 -28.51
CA TRP A 486 21.50 -6.78 -27.10
C TRP A 486 21.82 -8.23 -26.74
N HIS A 487 20.99 -9.18 -27.19
CA HIS A 487 21.11 -10.56 -26.73
C HIS A 487 22.36 -11.26 -27.25
N TYR A 488 22.84 -10.88 -28.42
CA TYR A 488 24.03 -11.51 -28.99
C TYR A 488 25.28 -10.94 -28.34
N SER A 489 26.07 -11.83 -27.72
CA SER A 489 27.27 -11.51 -26.95
C SER A 489 27.02 -10.47 -25.86
N THR B 34 37.84 -18.85 59.25
CA THR B 34 36.81 -18.34 58.35
C THR B 34 35.49 -18.12 59.08
N THR B 35 34.48 -17.67 58.35
CA THR B 35 33.17 -17.42 58.92
C THR B 35 32.11 -17.69 57.87
N GLN B 36 30.90 -17.21 58.13
CA GLN B 36 29.77 -17.39 57.21
C GLN B 36 29.00 -16.08 57.05
N PRO B 37 29.38 -15.22 56.12
CA PRO B 37 28.47 -14.15 55.73
C PRO B 37 27.24 -14.70 55.03
N ALA B 38 27.45 -15.38 53.92
CA ALA B 38 26.47 -16.07 53.10
C ALA B 38 27.26 -16.91 52.11
N LEU B 39 26.60 -17.39 51.06
CA LEU B 39 27.32 -17.99 49.95
C LEU B 39 27.32 -17.08 48.72
N LEU B 40 27.47 -15.78 48.97
CA LEU B 40 27.99 -14.85 47.98
C LEU B 40 29.50 -14.76 48.06
N ARG B 41 30.10 -15.36 49.08
CA ARG B 41 31.55 -15.41 49.17
C ARG B 41 32.17 -16.35 48.15
N LEU B 42 31.38 -17.27 47.59
CA LEU B 42 31.86 -18.02 46.44
C LEU B 42 32.01 -17.10 45.24
N SER B 43 30.99 -16.30 44.94
CA SER B 43 31.07 -15.34 43.85
C SER B 43 32.11 -14.27 44.09
N ASP B 44 32.38 -13.95 45.35
CA ASP B 44 33.53 -13.10 45.68
C ASP B 44 34.83 -13.83 45.41
N HIS B 45 34.85 -15.15 45.60
CA HIS B 45 36.09 -15.92 45.42
C HIS B 45 36.49 -16.03 43.96
N LEU B 46 35.55 -16.31 43.06
CA LEU B 46 35.94 -16.66 41.70
C LEU B 46 35.64 -15.58 40.68
N LEU B 47 35.25 -14.38 41.11
CA LEU B 47 35.16 -13.22 40.22
C LEU B 47 35.97 -12.04 40.75
N ALA B 48 36.87 -12.26 41.70
CA ALA B 48 37.67 -11.16 42.23
C ALA B 48 38.74 -10.74 41.23
N ASN B 49 39.64 -11.66 40.89
CA ASN B 49 40.72 -11.39 39.95
C ASN B 49 40.47 -12.04 38.59
N TYR B 50 39.24 -12.04 38.13
CA TYR B 50 38.90 -12.67 36.86
C TYR B 50 38.93 -11.66 35.74
N LYS B 51 39.54 -12.04 34.62
CA LYS B 51 39.68 -11.18 33.46
C LYS B 51 38.79 -11.72 32.35
N LYS B 52 37.75 -10.97 32.01
CA LYS B 52 36.79 -11.40 31.00
C LYS B 52 37.25 -11.18 29.59
N GLY B 53 38.48 -10.74 29.37
CA GLY B 53 38.97 -10.54 28.04
C GLY B 53 39.72 -11.72 27.48
N VAL B 54 40.28 -12.55 28.36
CA VAL B 54 41.13 -13.64 27.89
C VAL B 54 40.29 -14.84 27.53
N ARG B 55 40.77 -15.61 26.56
CA ARG B 55 40.09 -16.86 26.27
C ARG B 55 40.47 -17.84 27.37
N PRO B 56 39.51 -18.34 28.09
CA PRO B 56 39.80 -18.93 29.40
C PRO B 56 40.28 -20.35 29.37
N VAL B 57 41.56 -20.55 29.09
CA VAL B 57 42.20 -21.86 29.15
C VAL B 57 43.52 -21.74 29.90
N ARG B 58 43.94 -22.85 30.51
CA ARG B 58 45.25 -22.88 31.14
C ARG B 58 46.36 -22.98 30.11
N ASP B 59 46.29 -24.00 29.26
CA ASP B 59 47.22 -24.17 28.15
C ASP B 59 46.60 -23.53 26.92
N TRP B 60 47.31 -22.59 26.30
CA TRP B 60 46.75 -21.84 25.19
C TRP B 60 46.64 -22.67 23.91
N ARG B 61 47.20 -23.88 23.89
CA ARG B 61 47.13 -24.72 22.71
C ARG B 61 45.83 -25.51 22.63
N LYS B 62 45.04 -25.51 23.69
CA LYS B 62 43.83 -26.31 23.75
C LYS B 62 42.64 -25.45 23.34
N PRO B 63 41.83 -25.88 22.36
CA PRO B 63 40.72 -25.04 21.92
C PRO B 63 39.54 -25.12 22.86
N THR B 64 38.76 -24.03 22.89
CA THR B 64 37.52 -23.98 23.64
C THR B 64 36.41 -24.56 22.78
N THR B 65 35.80 -25.64 23.24
CA THR B 65 34.79 -26.35 22.46
C THR B 65 33.41 -25.97 22.96
N VAL B 66 32.68 -25.20 22.17
CA VAL B 66 31.30 -24.88 22.53
C VAL B 66 30.40 -25.94 21.92
N SER B 67 29.26 -26.17 22.56
CA SER B 67 28.34 -27.22 22.13
C SER B 67 26.96 -26.63 22.01
N ILE B 68 26.44 -26.51 20.79
CA ILE B 68 25.23 -25.76 20.53
C ILE B 68 24.14 -26.70 20.02
N ASP B 69 22.89 -26.30 20.24
CA ASP B 69 21.78 -26.80 19.42
C ASP B 69 20.66 -25.77 19.40
N VAL B 70 19.65 -26.05 18.58
CA VAL B 70 18.63 -25.08 18.16
C VAL B 70 17.31 -25.80 18.03
N ILE B 71 16.25 -25.22 18.59
CA ILE B 71 14.89 -25.64 18.31
C ILE B 71 14.17 -24.48 17.65
N MET B 72 13.42 -24.79 16.60
CA MET B 72 12.75 -23.77 15.80
C MET B 72 11.41 -23.42 16.39
N TYR B 73 11.13 -22.12 16.51
CA TYR B 73 9.89 -21.68 17.13
C TYR B 73 8.88 -21.14 16.14
N ALA B 74 9.26 -20.22 15.25
CA ALA B 74 8.30 -19.65 14.33
C ALA B 74 8.99 -19.22 13.05
N ILE B 75 8.24 -19.25 11.95
CA ILE B 75 8.69 -18.71 10.67
C ILE B 75 7.96 -17.39 10.51
N LEU B 76 8.67 -16.28 10.71
CA LEU B 76 7.98 -15.01 10.79
C LEU B 76 7.66 -14.43 9.43
N ASN B 77 8.56 -14.57 8.46
CA ASN B 77 8.35 -13.96 7.16
C ASN B 77 9.22 -14.67 6.14
N VAL B 78 8.75 -14.72 4.89
CA VAL B 78 9.52 -15.21 3.76
C VAL B 78 9.33 -14.19 2.64
N ASP B 79 10.37 -13.42 2.33
CA ASP B 79 10.33 -12.48 1.22
C ASP B 79 10.94 -13.15 -0.01
N GLU B 80 10.09 -13.60 -0.92
CA GLU B 80 10.59 -14.24 -2.12
C GLU B 80 11.22 -13.24 -3.08
N LYS B 81 10.84 -11.97 -2.99
CA LYS B 81 11.43 -10.95 -3.83
C LYS B 81 12.84 -10.59 -3.36
N ASN B 82 13.00 -10.34 -2.07
CA ASN B 82 14.27 -9.93 -1.51
C ASN B 82 15.18 -11.09 -1.14
N GLN B 83 14.69 -12.33 -1.27
CA GLN B 83 15.41 -13.56 -0.93
C GLN B 83 15.84 -13.57 0.54
N VAL B 84 14.94 -13.15 1.43
CA VAL B 84 15.26 -12.95 2.84
C VAL B 84 14.27 -13.75 3.69
N LEU B 85 14.81 -14.61 4.56
CA LEU B 85 14.04 -15.40 5.50
C LEU B 85 14.10 -14.75 6.88
N THR B 86 13.01 -14.85 7.64
CA THR B 86 12.94 -14.31 8.99
C THR B 86 12.32 -15.35 9.90
N THR B 87 13.11 -15.90 10.81
CA THR B 87 12.63 -16.90 11.75
C THR B 87 12.87 -16.43 13.17
N TYR B 88 12.51 -17.28 14.13
CA TYR B 88 12.72 -17.04 15.53
C TYR B 88 13.05 -18.37 16.17
N ILE B 89 14.22 -18.49 16.78
CA ILE B 89 14.62 -19.77 17.33
C ILE B 89 14.86 -19.63 18.83
N TRP B 90 14.99 -20.78 19.49
CA TRP B 90 15.53 -20.85 20.83
C TRP B 90 16.89 -21.50 20.75
N TYR B 91 17.85 -20.94 21.47
CA TYR B 91 19.25 -21.28 21.29
C TYR B 91 19.89 -21.53 22.64
N ARG B 92 20.80 -22.50 22.70
CA ARG B 92 21.54 -22.77 23.92
C ARG B 92 22.91 -23.32 23.58
N GLN B 93 23.84 -23.16 24.51
CA GLN B 93 25.23 -23.51 24.28
C GLN B 93 25.92 -23.69 25.62
N TYR B 94 26.94 -24.56 25.65
CA TYR B 94 27.79 -24.59 26.83
C TYR B 94 29.24 -24.75 26.41
N TRP B 95 30.13 -24.36 27.31
CA TRP B 95 31.55 -24.48 27.10
C TRP B 95 32.20 -24.65 28.47
N THR B 96 33.50 -24.86 28.47
CA THR B 96 34.23 -25.18 29.69
C THR B 96 35.34 -24.17 29.89
N ASP B 97 35.47 -23.64 31.10
CA ASP B 97 36.60 -22.78 31.40
C ASP B 97 37.22 -23.12 32.74
N GLU B 98 38.55 -23.15 32.77
CA GLU B 98 39.28 -23.56 33.95
C GLU B 98 39.41 -22.47 34.98
N PHE B 99 38.83 -21.30 34.75
CA PHE B 99 38.92 -20.20 35.70
C PHE B 99 37.68 -20.08 36.57
N LEU B 100 36.63 -20.85 36.26
CA LEU B 100 35.37 -20.81 36.99
C LEU B 100 35.13 -22.12 37.72
N GLN B 101 36.17 -22.67 38.34
CA GLN B 101 36.10 -23.96 38.99
C GLN B 101 36.25 -23.80 40.49
N TRP B 102 35.54 -24.65 41.24
CA TRP B 102 35.64 -24.63 42.70
C TRP B 102 35.35 -26.02 43.21
N THR B 103 35.85 -26.31 44.40
CA THR B 103 35.38 -27.58 44.97
C THR B 103 34.00 -27.38 45.55
N PRO B 104 33.07 -28.31 45.32
CA PRO B 104 31.71 -28.13 45.86
C PRO B 104 31.66 -28.21 47.38
N GLU B 105 32.61 -28.87 48.03
CA GLU B 105 32.71 -28.77 49.47
C GLU B 105 33.26 -27.39 49.85
N ASP B 106 33.31 -27.12 51.16
CA ASP B 106 33.72 -25.87 51.82
C ASP B 106 33.10 -24.60 51.23
N PHE B 107 31.93 -24.74 50.62
CA PHE B 107 31.06 -23.65 50.22
C PHE B 107 29.62 -24.02 50.49
N ASP B 108 29.40 -24.88 51.50
CA ASP B 108 28.10 -25.42 51.88
C ASP B 108 27.43 -26.13 50.70
N ASN B 109 28.21 -26.95 50.00
CA ASN B 109 27.74 -27.95 49.03
C ASN B 109 27.05 -27.33 47.82
N VAL B 110 27.37 -26.11 47.46
CA VAL B 110 26.77 -25.51 46.27
C VAL B 110 27.50 -26.03 45.04
N THR B 111 26.72 -26.45 44.05
CA THR B 111 27.27 -27.02 42.84
C THR B 111 27.01 -26.20 41.58
N LYS B 112 26.05 -25.30 41.60
CA LYS B 112 25.89 -24.38 40.49
C LYS B 112 25.31 -23.07 41.01
N LEU B 113 25.53 -22.01 40.25
CA LEU B 113 25.03 -20.69 40.64
C LEU B 113 24.87 -19.84 39.40
N SER B 114 24.17 -18.74 39.55
CA SER B 114 23.96 -17.79 38.48
C SER B 114 25.02 -16.70 38.54
N ILE B 115 25.63 -16.42 37.40
CA ILE B 115 26.61 -15.36 37.26
C ILE B 115 26.11 -14.46 36.14
N PRO B 116 26.22 -13.13 36.26
CA PRO B 116 25.81 -12.26 35.16
C PRO B 116 26.65 -12.48 33.91
N THR B 117 26.03 -12.25 32.76
CA THR B 117 26.65 -12.59 31.48
C THR B 117 27.80 -11.64 31.16
N ASP B 118 27.70 -10.40 31.63
CA ASP B 118 28.67 -9.39 31.24
C ASP B 118 29.93 -9.43 32.08
N SER B 119 30.10 -10.49 32.88
CA SER B 119 31.26 -10.62 33.72
C SER B 119 32.11 -11.83 33.42
N ILE B 120 31.77 -12.61 32.39
CA ILE B 120 32.56 -13.77 31.99
C ILE B 120 32.83 -13.69 30.50
N TRP B 121 33.73 -14.55 30.05
CA TRP B 121 34.05 -14.66 28.63
C TRP B 121 32.92 -15.36 27.91
N VAL B 122 32.47 -14.78 26.80
CA VAL B 122 31.39 -15.35 25.99
C VAL B 122 31.89 -15.44 24.55
N PRO B 123 31.78 -16.59 23.89
CA PRO B 123 32.25 -16.70 22.52
C PRO B 123 31.36 -15.96 21.53
N ASP B 124 31.94 -15.56 20.42
CA ASP B 124 31.23 -14.82 19.38
C ASP B 124 30.73 -15.77 18.31
N ILE B 125 29.58 -16.40 18.55
CA ILE B 125 29.00 -17.35 17.61
C ILE B 125 27.96 -16.59 16.82
N LEU B 126 28.20 -16.41 15.54
CA LEU B 126 27.31 -15.68 14.66
C LEU B 126 26.87 -16.57 13.50
N ILE B 127 26.11 -15.98 12.60
CA ILE B 127 25.58 -16.67 11.43
C ILE B 127 26.16 -16.02 10.19
N ASN B 128 26.59 -16.82 9.23
CA ASN B 128 27.11 -16.26 7.99
C ASN B 128 26.03 -15.59 7.15
N GLU B 129 24.80 -16.07 7.23
CA GLU B 129 23.76 -15.62 6.33
C GLU B 129 23.02 -14.38 6.80
N PHE B 130 23.54 -13.69 7.82
CA PHE B 130 22.91 -12.46 8.29
C PHE B 130 22.87 -11.39 7.22
N VAL B 131 21.74 -10.67 7.18
CA VAL B 131 21.65 -9.43 6.39
C VAL B 131 21.18 -8.26 7.23
N ASP B 132 20.84 -8.46 8.48
CA ASP B 132 20.25 -7.44 9.34
C ASP B 132 20.35 -7.96 10.77
N VAL B 133 19.90 -7.16 11.73
CA VAL B 133 19.90 -7.55 13.14
C VAL B 133 18.46 -7.60 13.63
N GLY B 134 18.02 -8.79 14.01
CA GLY B 134 16.70 -8.93 14.60
C GLY B 134 16.74 -8.58 16.07
N LYS B 135 15.62 -8.07 16.57
CA LYS B 135 15.52 -7.69 17.97
C LYS B 135 15.14 -8.91 18.80
N SER B 136 15.93 -9.18 19.83
CA SER B 136 15.71 -10.33 20.68
C SER B 136 16.04 -9.94 22.11
N PRO B 137 15.35 -10.51 23.09
CA PRO B 137 15.60 -10.13 24.48
C PRO B 137 16.94 -10.67 24.95
N ASN B 138 17.65 -9.84 25.71
CA ASN B 138 18.89 -10.33 26.31
C ASN B 138 18.59 -11.11 27.58
N ILE B 139 19.42 -12.11 27.83
CA ILE B 139 19.30 -12.93 29.03
C ILE B 139 20.50 -12.59 29.93
N PRO B 140 20.29 -11.96 31.07
CA PRO B 140 21.41 -11.42 31.84
C PRO B 140 22.12 -12.43 32.74
N TYR B 141 21.75 -13.71 32.74
CA TYR B 141 22.38 -14.64 33.66
C TYR B 141 22.77 -15.90 32.92
N VAL B 142 23.80 -16.59 33.42
CA VAL B 142 24.20 -17.90 32.96
C VAL B 142 24.40 -18.80 34.17
N TYR B 143 24.28 -20.11 33.94
CA TYR B 143 24.66 -21.11 34.93
C TYR B 143 26.13 -21.44 34.81
N VAL B 144 26.74 -21.79 35.94
CA VAL B 144 28.12 -22.25 35.99
C VAL B 144 28.17 -23.43 36.95
N HIS B 145 28.55 -24.60 36.45
CA HIS B 145 28.72 -25.74 37.34
C HIS B 145 30.10 -25.72 37.97
N HIS B 146 30.34 -26.67 38.86
CA HIS B 146 31.56 -26.63 39.65
C HIS B 146 32.75 -27.23 38.94
N ARG B 147 32.57 -27.71 37.71
CA ARG B 147 33.68 -28.12 36.88
C ARG B 147 34.07 -27.06 35.88
N GLY B 148 33.31 -25.97 35.80
CA GLY B 148 33.52 -24.96 34.78
C GLY B 148 32.58 -25.04 33.61
N GLU B 149 31.64 -25.98 33.62
CA GLU B 149 30.66 -26.07 32.54
C GLU B 149 29.68 -24.93 32.70
N VAL B 150 29.83 -23.90 31.88
CA VAL B 150 28.96 -22.73 31.91
C VAL B 150 27.96 -22.81 30.77
N GLN B 151 26.66 -22.76 31.11
CA GLN B 151 25.57 -22.95 30.17
C GLN B 151 24.89 -21.61 29.89
N ASN B 152 24.59 -21.35 28.62
CA ASN B 152 23.96 -20.10 28.22
C ASN B 152 22.68 -20.43 27.46
N TYR B 153 21.58 -19.81 27.86
CA TYR B 153 20.27 -19.97 27.23
C TYR B 153 19.83 -18.62 26.72
N LYS B 154 19.50 -18.52 25.44
CA LYS B 154 18.99 -17.26 24.93
C LYS B 154 18.08 -17.47 23.72
N PRO B 155 17.02 -16.69 23.60
CA PRO B 155 16.24 -16.68 22.36
C PRO B 155 16.78 -15.62 21.42
N LEU B 156 16.70 -15.92 20.13
CA LEU B 156 17.25 -14.95 19.18
C LEU B 156 16.50 -14.97 17.86
N GLN B 157 15.97 -13.80 17.49
CA GLN B 157 15.37 -13.57 16.19
C GLN B 157 16.48 -13.37 15.18
N LEU B 158 16.40 -14.06 14.05
CA LEU B 158 17.44 -13.96 13.05
C LEU B 158 16.82 -13.72 11.68
N VAL B 159 17.44 -12.81 10.93
CA VAL B 159 17.00 -12.42 9.60
C VAL B 159 18.11 -12.81 8.63
N THR B 160 17.89 -13.88 7.89
CA THR B 160 18.91 -14.42 7.03
C THR B 160 18.48 -14.36 5.58
N ALA B 161 19.41 -14.70 4.70
CA ALA B 161 19.21 -14.67 3.26
C ALA B 161 19.37 -16.06 2.70
N CYS B 162 18.46 -16.46 1.82
CA CYS B 162 18.54 -17.76 1.19
C CYS B 162 18.04 -17.69 -0.23
N SER B 163 18.36 -18.72 -0.99
CA SER B 163 17.89 -18.87 -2.36
C SER B 163 16.53 -19.57 -2.34
N LEU B 164 15.54 -18.93 -2.93
CA LEU B 164 14.17 -19.43 -2.91
C LEU B 164 13.72 -19.73 -4.34
N ASP B 165 13.28 -20.96 -4.59
CA ASP B 165 12.83 -21.39 -5.90
C ASP B 165 11.32 -21.31 -6.00
N ILE B 166 10.84 -20.59 -7.01
CA ILE B 166 9.41 -20.38 -7.16
C ILE B 166 9.06 -21.06 -8.49
N TYR B 167 9.67 -22.21 -8.74
CA TYR B 167 9.33 -22.95 -9.95
C TYR B 167 7.91 -23.49 -9.89
N ASN B 168 7.40 -23.77 -8.70
CA ASN B 168 6.03 -24.20 -8.52
C ASN B 168 5.46 -23.54 -7.26
N PHE B 169 4.69 -22.46 -7.46
CA PHE B 169 4.46 -21.50 -6.38
C PHE B 169 3.69 -22.04 -5.19
N PRO B 170 2.49 -22.65 -5.32
CA PRO B 170 1.82 -23.10 -4.08
C PRO B 170 2.32 -24.44 -3.57
N PHE B 171 3.03 -25.22 -4.36
CA PHE B 171 3.52 -26.53 -3.92
C PHE B 171 5.04 -26.48 -3.96
N ASP B 172 5.68 -26.01 -2.88
CA ASP B 172 7.12 -25.87 -2.91
C ASP B 172 7.71 -26.09 -1.53
N VAL B 173 8.82 -26.81 -1.48
CA VAL B 173 9.64 -26.88 -0.29
C VAL B 173 10.80 -25.93 -0.46
N GLN B 174 11.30 -25.41 0.65
CA GLN B 174 12.39 -24.44 0.64
C GLN B 174 13.48 -24.96 1.56
N ASN B 175 14.72 -24.88 1.10
CA ASN B 175 15.86 -25.46 1.79
C ASN B 175 16.79 -24.31 2.18
N CYS B 176 16.69 -23.86 3.42
CA CYS B 176 17.42 -22.71 3.90
C CYS B 176 18.50 -23.14 4.88
N SER B 177 19.62 -22.43 4.86
CA SER B 177 20.78 -22.77 5.66
C SER B 177 21.00 -21.75 6.77
N LEU B 178 21.46 -22.23 7.92
CA LEU B 178 21.89 -21.39 9.03
C LEU B 178 23.26 -21.89 9.44
N THR B 179 24.31 -21.14 9.15
CA THR B 179 25.67 -21.59 9.42
C THR B 179 26.21 -20.88 10.65
N PHE B 180 26.26 -21.58 11.77
CA PHE B 180 26.84 -21.05 12.98
C PHE B 180 28.36 -21.15 12.92
N THR B 181 29.02 -20.04 13.17
CA THR B 181 30.47 -20.01 13.13
C THR B 181 30.97 -18.91 14.03
N SER B 182 32.21 -19.06 14.48
CA SER B 182 32.89 -17.99 15.18
C SER B 182 33.39 -17.02 14.13
N TRP B 183 33.16 -15.73 14.36
CA TRP B 183 33.47 -14.78 13.31
C TRP B 183 34.96 -14.48 13.23
N LEU B 184 35.70 -14.67 14.32
CA LEU B 184 37.11 -14.35 14.36
C LEU B 184 37.99 -15.56 14.59
N HIS B 185 37.70 -16.35 15.62
CA HIS B 185 38.61 -17.38 16.07
C HIS B 185 38.65 -18.56 15.11
N THR B 186 39.83 -19.18 15.00
CA THR B 186 40.04 -20.31 14.12
C THR B 186 39.82 -21.61 14.88
N ILE B 187 39.98 -22.75 14.19
CA ILE B 187 39.55 -24.01 14.76
C ILE B 187 40.54 -24.54 15.80
N GLN B 188 41.73 -23.98 15.89
CA GLN B 188 42.58 -24.27 17.03
C GLN B 188 42.35 -23.28 18.16
N ASP B 189 41.32 -22.45 18.04
CA ASP B 189 41.02 -21.43 19.03
C ASP B 189 39.61 -21.59 19.58
N ILE B 190 38.61 -21.76 18.72
CA ILE B 190 37.24 -22.09 19.10
C ILE B 190 36.73 -23.17 18.16
N ASN B 191 36.19 -24.24 18.73
CA ASN B 191 35.66 -25.38 18.01
C ASN B 191 34.18 -25.53 18.35
N ILE B 192 33.39 -26.04 17.41
CA ILE B 192 31.94 -26.11 17.58
C ILE B 192 31.46 -27.55 17.40
N THR B 193 30.78 -28.08 18.41
CA THR B 193 30.14 -29.38 18.32
C THR B 193 28.64 -29.22 18.60
N LEU B 194 27.96 -30.35 18.75
CA LEU B 194 26.55 -30.34 19.11
C LEU B 194 26.33 -30.69 20.57
N TRP B 195 25.23 -30.16 21.12
CA TRP B 195 24.77 -30.55 22.44
C TRP B 195 24.35 -32.01 22.45
N ARG B 196 23.34 -32.34 21.65
CA ARG B 196 22.73 -33.65 21.62
C ARG B 196 22.88 -34.25 20.22
N SER B 197 22.33 -35.44 20.06
CA SER B 197 22.52 -36.23 18.85
C SER B 197 21.82 -35.59 17.67
N PRO B 198 22.37 -35.69 16.45
CA PRO B 198 21.72 -35.07 15.28
C PRO B 198 20.43 -35.76 14.87
N GLU B 199 20.22 -37.02 15.26
CA GLU B 199 18.98 -37.70 14.93
C GLU B 199 17.79 -37.13 15.70
N GLU B 200 18.03 -36.56 16.88
CA GLU B 200 16.96 -35.96 17.64
C GLU B 200 16.93 -34.44 17.54
N VAL B 201 17.93 -33.83 16.92
CA VAL B 201 17.77 -32.44 16.49
C VAL B 201 16.92 -32.40 15.23
N ARG B 202 17.06 -33.40 14.37
CA ARG B 202 16.36 -33.41 13.09
C ARG B 202 14.86 -33.63 13.27
N SER B 203 14.48 -34.47 14.21
CA SER B 203 13.08 -34.85 14.38
C SER B 203 12.40 -34.10 15.51
N ASP B 204 12.70 -32.83 15.72
CA ASP B 204 12.22 -32.10 16.88
C ASP B 204 11.23 -31.04 16.45
N LYS B 205 9.95 -31.30 16.68
CA LYS B 205 8.89 -30.33 16.48
C LYS B 205 8.05 -30.29 17.74
N SER B 206 8.49 -29.52 18.73
CA SER B 206 7.82 -29.56 20.01
C SER B 206 7.09 -28.25 20.27
N ILE B 207 7.74 -27.13 19.95
CA ILE B 207 7.17 -25.83 20.23
C ILE B 207 6.95 -24.99 18.98
N PHE B 208 6.95 -25.60 17.80
CA PHE B 208 6.76 -24.83 16.58
C PHE B 208 5.31 -24.36 16.47
N ILE B 209 5.16 -23.08 16.13
CA ILE B 209 3.85 -22.47 15.97
C ILE B 209 3.30 -22.84 14.60
N ASN B 210 2.26 -23.66 14.57
CA ASN B 210 1.61 -24.05 13.33
C ASN B 210 0.62 -22.98 12.90
N GLN B 211 -0.27 -23.35 11.96
CA GLN B 211 -1.30 -22.48 11.38
C GLN B 211 -0.70 -21.22 10.73
N GLY B 212 0.52 -21.31 10.21
CA GLY B 212 1.22 -20.11 9.79
C GLY B 212 1.86 -20.18 8.43
N GLU B 213 1.18 -20.78 7.45
CA GLU B 213 1.51 -20.80 6.02
C GLU B 213 2.71 -21.69 5.70
N TRP B 214 3.45 -22.14 6.71
CA TRP B 214 4.65 -22.91 6.49
C TRP B 214 4.71 -24.04 7.50
N GLU B 215 4.83 -25.26 7.01
CA GLU B 215 5.03 -26.43 7.87
C GLU B 215 6.53 -26.65 7.99
N LEU B 216 7.00 -26.88 9.21
CA LEU B 216 8.37 -27.33 9.38
C LEU B 216 8.46 -28.80 9.01
N LEU B 217 9.55 -29.20 8.37
CA LEU B 217 9.75 -30.61 8.03
C LEU B 217 10.89 -31.22 8.81
N GLU B 218 12.08 -30.62 8.76
CA GLU B 218 13.22 -31.08 9.53
C GLU B 218 14.24 -29.96 9.64
N VAL B 219 15.07 -30.06 10.68
CA VAL B 219 16.18 -29.14 10.91
C VAL B 219 17.42 -30.01 11.01
N PHE B 220 18.16 -30.13 9.92
CA PHE B 220 19.22 -31.12 9.82
C PHE B 220 20.57 -30.48 10.04
N PRO B 221 21.33 -30.88 11.06
CA PRO B 221 22.64 -30.27 11.29
C PRO B 221 23.74 -30.97 10.50
N GLN B 222 24.82 -30.24 10.26
CA GLN B 222 25.93 -30.73 9.45
C GLN B 222 27.19 -29.97 9.82
N PHE B 223 28.25 -30.68 10.14
CA PHE B 223 29.51 -30.05 10.52
C PHE B 223 30.45 -29.96 9.33
N LYS B 224 31.04 -28.79 9.11
CA LYS B 224 32.02 -28.58 8.05
C LYS B 224 33.13 -27.71 8.58
N GLU B 225 34.37 -28.05 8.24
CA GLU B 225 35.52 -27.21 8.55
C GLU B 225 35.87 -26.37 7.34
N PHE B 226 35.55 -25.09 7.39
CA PHE B 226 35.82 -24.18 6.29
C PHE B 226 37.26 -23.71 6.40
N SER B 227 38.05 -23.98 5.36
CA SER B 227 39.42 -23.50 5.28
C SER B 227 39.48 -22.41 4.23
N ILE B 228 39.75 -21.18 4.67
CA ILE B 228 39.78 -20.06 3.74
C ILE B 228 41.04 -20.10 2.89
N ASP B 229 42.13 -20.63 3.45
CA ASP B 229 43.38 -20.91 2.76
C ASP B 229 44.12 -21.94 3.60
N ILE B 230 45.42 -22.08 3.36
CA ILE B 230 46.24 -22.88 4.26
C ILE B 230 46.42 -22.13 5.56
N SER B 231 46.47 -22.88 6.68
CA SER B 231 46.80 -22.44 8.03
C SER B 231 45.80 -21.43 8.61
N ASN B 232 44.61 -21.30 8.03
CA ASN B 232 43.51 -20.55 8.63
C ASN B 232 42.23 -21.30 8.28
N SER B 233 41.76 -22.11 9.22
CA SER B 233 40.53 -22.85 9.03
C SER B 233 39.57 -22.54 10.15
N TYR B 234 38.29 -22.58 9.84
CA TYR B 234 37.24 -22.16 10.74
C TYR B 234 36.25 -23.28 10.92
N ALA B 235 35.73 -23.42 12.13
CA ALA B 235 34.73 -24.43 12.43
C ALA B 235 33.35 -23.86 12.13
N GLU B 236 32.54 -24.61 11.40
CA GLU B 236 31.19 -24.19 11.05
C GLU B 236 30.22 -25.32 11.36
N MET B 237 29.08 -24.96 11.91
CA MET B 237 28.00 -25.91 12.16
C MET B 237 26.80 -25.42 11.35
N LYS B 238 26.35 -26.23 10.40
CA LYS B 238 25.40 -25.78 9.41
C LYS B 238 24.08 -26.50 9.62
N PHE B 239 23.04 -25.74 9.92
CA PHE B 239 21.68 -26.25 10.08
C PHE B 239 20.91 -25.98 8.80
N TYR B 240 20.28 -27.02 8.26
CA TYR B 240 19.42 -26.90 7.10
C TYR B 240 17.97 -27.00 7.57
N VAL B 241 17.26 -25.89 7.56
CA VAL B 241 15.83 -25.93 7.82
C VAL B 241 15.09 -26.15 6.51
N ILE B 242 14.07 -27.00 6.55
CA ILE B 242 13.30 -27.34 5.36
C ILE B 242 11.84 -27.08 5.69
N ILE B 243 11.23 -26.15 4.96
CA ILE B 243 9.86 -25.75 5.21
C ILE B 243 9.04 -25.96 3.94
N ARG B 244 7.78 -26.30 4.12
CA ARG B 244 6.86 -26.53 3.01
C ARG B 244 5.66 -25.61 3.15
N ARG B 245 5.29 -24.95 2.06
CA ARG B 245 4.15 -24.06 2.06
C ARG B 245 2.85 -24.85 2.06
N ARG B 246 1.89 -24.39 2.85
CA ARG B 246 0.56 -24.97 2.81
C ARG B 246 -0.21 -24.39 1.63
N PRO B 247 -0.56 -25.17 0.62
CA PRO B 247 -1.12 -24.61 -0.61
C PRO B 247 -2.60 -24.23 -0.54
N LEU B 248 -3.21 -24.27 0.63
CA LEU B 248 -4.64 -24.04 0.73
C LEU B 248 -5.00 -22.57 0.56
N PHE B 249 -4.03 -21.67 0.74
CA PHE B 249 -4.33 -20.24 0.64
C PHE B 249 -4.59 -19.83 -0.80
N TYR B 250 -3.77 -20.35 -1.72
CA TYR B 250 -3.79 -19.96 -3.11
C TYR B 250 -4.63 -20.90 -3.96
N ALA B 251 -5.55 -21.62 -3.32
CA ALA B 251 -6.54 -22.43 -4.02
C ALA B 251 -7.94 -21.84 -3.97
N VAL B 252 -8.15 -20.84 -3.13
CA VAL B 252 -9.39 -20.08 -3.13
C VAL B 252 -9.20 -18.69 -3.72
N SER B 253 -7.97 -18.20 -3.82
CA SER B 253 -7.68 -16.90 -4.40
C SER B 253 -7.22 -16.99 -5.85
N LEU B 254 -6.92 -18.18 -6.33
CA LEU B 254 -6.50 -18.38 -7.72
C LEU B 254 -7.40 -19.34 -8.47
N LEU B 255 -7.71 -20.49 -7.89
CA LEU B 255 -8.44 -21.51 -8.63
C LEU B 255 -9.91 -21.18 -8.72
N LEU B 256 -10.44 -20.38 -7.78
CA LEU B 256 -11.88 -20.14 -7.78
C LEU B 256 -12.32 -19.18 -8.88
N PRO B 257 -11.72 -17.97 -9.07
CA PRO B 257 -12.20 -17.14 -10.19
C PRO B 257 -11.83 -17.64 -11.57
N SER B 258 -10.73 -18.38 -11.71
CA SER B 258 -10.36 -18.90 -13.02
C SER B 258 -11.31 -20.00 -13.49
N ILE B 259 -11.66 -20.91 -12.59
CA ILE B 259 -12.68 -21.91 -12.90
C ILE B 259 -14.05 -21.26 -12.98
N PHE B 260 -14.23 -20.15 -12.27
CA PHE B 260 -15.53 -19.49 -12.27
C PHE B 260 -15.80 -18.77 -13.59
N LEU B 261 -14.82 -18.13 -14.19
CA LEU B 261 -15.11 -17.38 -15.41
C LEU B 261 -15.14 -18.25 -16.66
N MET B 262 -15.04 -19.57 -16.52
CA MET B 262 -15.34 -20.46 -17.63
C MET B 262 -16.83 -20.73 -17.75
N VAL B 263 -17.55 -20.84 -16.63
CA VAL B 263 -18.97 -21.12 -16.72
C VAL B 263 -19.74 -19.92 -17.25
N VAL B 264 -19.20 -18.71 -17.11
CA VAL B 264 -19.84 -17.55 -17.72
C VAL B 264 -19.68 -17.58 -19.24
N ASP B 265 -18.54 -18.06 -19.75
CA ASP B 265 -18.38 -18.32 -21.18
C ASP B 265 -19.36 -19.37 -21.67
N ILE B 266 -19.47 -20.49 -20.95
CA ILE B 266 -20.31 -21.60 -21.37
C ILE B 266 -21.78 -21.19 -21.38
N VAL B 267 -22.18 -20.32 -20.44
CA VAL B 267 -23.51 -19.75 -20.52
C VAL B 267 -23.62 -18.77 -21.68
N GLY B 268 -22.56 -17.99 -21.93
CA GLY B 268 -22.63 -16.96 -22.95
C GLY B 268 -22.59 -17.46 -24.38
N PHE B 269 -22.25 -18.73 -24.59
CA PHE B 269 -22.42 -19.30 -25.92
C PHE B 269 -23.88 -19.50 -26.30
N CYS B 270 -24.80 -19.54 -25.33
CA CYS B 270 -26.19 -19.80 -25.65
C CYS B 270 -26.91 -18.58 -26.18
N LEU B 271 -26.28 -17.41 -26.19
CA LEU B 271 -26.84 -16.27 -26.89
C LEU B 271 -26.84 -16.53 -28.39
N PRO B 272 -27.90 -16.15 -29.09
CA PRO B 272 -27.91 -16.27 -30.53
C PRO B 272 -26.99 -15.23 -31.15
N PRO B 273 -26.19 -15.62 -32.14
CA PRO B 273 -25.10 -14.74 -32.60
C PRO B 273 -25.56 -13.52 -33.37
N ASP B 274 -26.74 -13.55 -33.98
CA ASP B 274 -27.23 -12.40 -34.71
C ASP B 274 -27.97 -11.40 -33.83
N SER B 275 -27.75 -11.42 -32.52
CA SER B 275 -28.38 -10.45 -31.62
C SER B 275 -27.58 -9.17 -31.56
N GLY B 276 -26.25 -9.27 -31.49
CA GLY B 276 -25.37 -8.13 -31.43
C GLY B 276 -24.71 -7.94 -30.07
N GLU B 277 -25.35 -8.41 -29.01
CA GLU B 277 -24.78 -8.28 -27.68
C GLU B 277 -23.92 -9.47 -27.27
N ARG B 278 -23.73 -10.44 -28.16
CA ARG B 278 -22.85 -11.56 -27.84
C ARG B 278 -21.38 -11.12 -27.86
N VAL B 279 -21.02 -10.27 -28.82
CA VAL B 279 -19.66 -9.74 -28.88
C VAL B 279 -19.41 -8.82 -27.69
N SER B 280 -20.40 -8.00 -27.33
CA SER B 280 -20.30 -7.16 -26.16
C SER B 280 -20.27 -7.95 -24.88
N PHE B 281 -20.86 -9.14 -24.86
CA PHE B 281 -20.72 -10.05 -23.73
C PHE B 281 -19.28 -10.55 -23.62
N LYS B 282 -18.75 -11.08 -24.73
CA LYS B 282 -17.44 -11.73 -24.69
C LYS B 282 -16.31 -10.75 -24.40
N ILE B 283 -16.38 -9.54 -24.94
CA ILE B 283 -15.30 -8.61 -24.68
C ILE B 283 -15.37 -8.06 -23.26
N THR B 284 -16.58 -7.97 -22.70
CA THR B 284 -16.72 -7.57 -21.30
C THR B 284 -16.15 -8.63 -20.37
N LEU B 285 -16.37 -9.90 -20.70
CA LEU B 285 -15.82 -10.97 -19.88
C LEU B 285 -14.29 -11.06 -20.01
N LEU B 286 -13.76 -10.79 -21.20
CA LEU B 286 -12.31 -10.74 -21.37
C LEU B 286 -11.69 -9.57 -20.62
N LEU B 287 -12.36 -8.42 -20.60
CA LEU B 287 -11.95 -7.30 -19.76
C LEU B 287 -11.95 -7.69 -18.29
N GLY B 288 -13.00 -8.37 -17.84
CA GLY B 288 -13.09 -8.80 -16.46
C GLY B 288 -12.03 -9.79 -16.03
N TYR B 289 -11.55 -10.62 -16.96
CA TYR B 289 -10.45 -11.51 -16.59
C TYR B 289 -9.09 -10.83 -16.75
N SER B 290 -8.97 -9.87 -17.66
CA SER B 290 -7.71 -9.15 -17.81
C SER B 290 -7.45 -8.25 -16.62
N VAL B 291 -8.50 -7.72 -16.00
CA VAL B 291 -8.31 -7.04 -14.71
C VAL B 291 -7.86 -8.03 -13.64
N PHE B 292 -8.43 -9.24 -13.66
CA PHE B 292 -8.14 -10.25 -12.65
C PHE B 292 -6.69 -10.71 -12.67
N LEU B 293 -6.12 -10.93 -13.86
CA LEU B 293 -4.72 -11.35 -13.95
C LEU B 293 -3.77 -10.32 -13.36
N ILE B 294 -4.00 -9.04 -13.64
CA ILE B 294 -3.12 -8.01 -13.14
C ILE B 294 -3.31 -7.81 -11.65
N ILE B 295 -4.56 -7.89 -11.16
CA ILE B 295 -4.79 -7.69 -9.73
C ILE B 295 -4.37 -8.90 -8.90
N VAL B 296 -4.12 -10.04 -9.53
CA VAL B 296 -3.49 -11.16 -8.84
C VAL B 296 -1.97 -11.07 -8.90
N SER B 297 -1.41 -10.68 -10.06
CA SER B 297 0.03 -10.77 -10.31
C SER B 297 0.89 -9.88 -9.42
N ASP B 298 0.29 -8.96 -8.65
CA ASP B 298 1.07 -8.21 -7.70
C ASP B 298 1.32 -8.97 -6.40
N THR B 299 0.33 -9.74 -5.93
CA THR B 299 0.46 -10.47 -4.67
C THR B 299 1.07 -11.87 -4.84
N LEU B 300 1.55 -12.21 -6.03
CA LEU B 300 2.24 -13.47 -6.25
C LEU B 300 3.62 -13.19 -6.83
N PRO B 301 4.70 -13.46 -6.11
CA PRO B 301 6.03 -13.08 -6.58
C PRO B 301 6.55 -14.04 -7.64
N ALA B 302 7.63 -13.61 -8.29
CA ALA B 302 8.26 -14.37 -9.35
C ALA B 302 9.70 -13.92 -9.46
N THR B 303 10.64 -14.82 -9.18
CA THR B 303 12.02 -14.41 -9.01
C THR B 303 12.98 -15.43 -9.62
N ALA B 304 13.86 -14.94 -10.50
CA ALA B 304 15.04 -15.56 -11.12
C ALA B 304 14.70 -16.66 -12.13
N ILE B 305 13.43 -17.02 -12.29
CA ILE B 305 13.04 -18.04 -13.24
C ILE B 305 12.18 -17.45 -14.37
N GLY B 306 11.48 -16.36 -14.12
CA GLY B 306 10.43 -15.93 -15.01
C GLY B 306 9.09 -16.18 -14.35
N THR B 307 8.44 -17.27 -14.72
CA THR B 307 7.20 -17.59 -14.08
C THR B 307 7.21 -19.04 -13.59
N PRO B 308 6.41 -19.37 -12.58
CA PRO B 308 6.12 -20.78 -12.28
C PRO B 308 5.15 -21.39 -13.29
N LEU B 309 4.72 -22.61 -13.00
CA LEU B 309 3.78 -23.30 -13.87
C LEU B 309 2.37 -22.71 -13.78
N ILE B 310 2.07 -21.98 -12.70
CA ILE B 310 0.79 -21.31 -12.57
C ILE B 310 0.63 -20.24 -13.64
N GLY B 311 1.72 -19.54 -13.96
CA GLY B 311 1.71 -18.61 -15.07
C GLY B 311 1.47 -19.26 -16.41
N VAL B 312 1.91 -20.51 -16.59
CA VAL B 312 1.62 -21.21 -17.83
C VAL B 312 0.16 -21.62 -17.89
N TYR B 313 -0.40 -22.03 -16.75
CA TYR B 313 -1.80 -22.42 -16.71
C TYR B 313 -2.74 -21.23 -16.93
N PHE B 314 -2.35 -20.04 -16.46
CA PHE B 314 -3.13 -18.84 -16.78
C PHE B 314 -3.03 -18.44 -18.25
N VAL B 315 -1.88 -18.63 -18.89
CA VAL B 315 -1.77 -18.33 -20.32
C VAL B 315 -2.61 -19.31 -21.14
N VAL B 316 -2.70 -20.57 -20.71
CA VAL B 316 -3.61 -21.50 -21.38
C VAL B 316 -5.07 -21.12 -21.13
N CYS B 317 -5.38 -20.65 -19.93
CA CYS B 317 -6.73 -20.17 -19.63
C CYS B 317 -7.12 -18.96 -20.48
N MET B 318 -6.15 -18.11 -20.81
CA MET B 318 -6.40 -17.01 -21.74
C MET B 318 -6.44 -17.43 -23.20
N ALA B 319 -5.69 -18.46 -23.57
CA ALA B 319 -5.73 -18.97 -24.93
C ALA B 319 -7.04 -19.67 -25.23
N LEU B 320 -7.70 -20.25 -24.23
CA LEU B 320 -9.06 -20.73 -24.43
C LEU B 320 -10.07 -19.61 -24.61
N LEU B 321 -9.94 -18.54 -23.85
CA LEU B 321 -10.89 -17.43 -23.91
C LEU B 321 -10.75 -16.60 -25.17
N VAL B 322 -9.53 -16.48 -25.72
CA VAL B 322 -9.36 -15.73 -26.97
C VAL B 322 -9.97 -16.48 -28.14
N ILE B 323 -9.82 -17.82 -28.19
CA ILE B 323 -10.47 -18.53 -29.29
C ILE B 323 -11.96 -18.63 -29.07
N SER B 324 -12.42 -18.57 -27.82
CA SER B 324 -13.84 -18.40 -27.55
C SER B 324 -14.36 -17.06 -28.08
N LEU B 325 -13.53 -16.02 -28.04
CA LEU B 325 -13.93 -14.74 -28.60
C LEU B 325 -13.89 -14.78 -30.13
N ALA B 326 -12.83 -15.35 -30.70
CA ALA B 326 -12.65 -15.38 -32.13
C ALA B 326 -13.67 -16.25 -32.84
N GLU B 327 -14.19 -17.28 -32.16
CA GLU B 327 -15.28 -18.07 -32.72
C GLU B 327 -16.55 -17.24 -32.86
N THR B 328 -16.86 -16.43 -31.85
CA THR B 328 -18.02 -15.56 -31.96
C THR B 328 -17.83 -14.49 -33.02
N ILE B 329 -16.61 -13.97 -33.16
CA ILE B 329 -16.33 -13.00 -34.22
C ILE B 329 -16.53 -13.65 -35.59
N PHE B 330 -16.09 -14.90 -35.75
CA PHE B 330 -16.27 -15.60 -37.01
C PHE B 330 -17.73 -15.88 -37.33
N ILE B 331 -18.53 -16.26 -36.33
CA ILE B 331 -19.94 -16.53 -36.61
C ILE B 331 -20.71 -15.23 -36.88
N VAL B 332 -20.39 -14.16 -36.16
CA VAL B 332 -21.05 -12.87 -36.41
C VAL B 332 -20.68 -12.32 -37.77
N ARG B 333 -19.43 -12.54 -38.21
CA ARG B 333 -19.08 -12.22 -39.59
C ARG B 333 -19.84 -13.09 -40.57
N LEU B 334 -20.06 -14.35 -40.23
CA LEU B 334 -20.71 -15.28 -41.14
C LEU B 334 -22.22 -15.04 -41.20
N VAL B 335 -22.80 -14.46 -40.16
CA VAL B 335 -24.25 -14.26 -40.06
C VAL B 335 -24.51 -12.76 -39.97
N HIS B 336 -24.95 -12.16 -41.06
CA HIS B 336 -25.18 -10.72 -41.14
C HIS B 336 -25.99 -10.49 -42.41
N LYS B 337 -26.36 -9.24 -42.66
CA LYS B 337 -27.03 -8.86 -43.90
C LYS B 337 -26.15 -7.82 -44.61
N GLN B 338 -25.25 -8.31 -45.48
CA GLN B 338 -24.23 -7.44 -46.04
C GLN B 338 -24.22 -7.47 -47.57
N ASP B 339 -25.43 -7.40 -48.16
CA ASP B 339 -25.80 -7.63 -49.56
C ASP B 339 -25.05 -8.80 -50.19
N LEU B 340 -24.93 -9.88 -49.41
CA LEU B 340 -24.01 -10.95 -49.72
C LEU B 340 -24.62 -11.92 -50.73
N GLN B 341 -23.78 -12.76 -51.30
CA GLN B 341 -24.16 -13.68 -52.35
C GLN B 341 -24.77 -14.94 -51.75
N ARG B 342 -25.09 -15.89 -52.62
CA ARG B 342 -25.73 -17.13 -52.21
C ARG B 342 -24.71 -18.03 -51.51
N PRO B 343 -25.15 -18.94 -50.64
CA PRO B 343 -24.22 -19.91 -50.06
C PRO B 343 -23.75 -20.89 -51.12
N VAL B 344 -22.48 -21.24 -51.05
CA VAL B 344 -21.84 -22.01 -52.11
C VAL B 344 -22.33 -23.45 -52.06
N PRO B 345 -22.79 -24.03 -53.17
CA PRO B 345 -23.26 -25.42 -53.13
C PRO B 345 -22.15 -26.43 -52.93
N ASP B 346 -20.90 -26.04 -53.16
CA ASP B 346 -19.76 -26.83 -52.70
C ASP B 346 -19.79 -26.99 -51.19
N TRP B 347 -20.17 -25.93 -50.49
CA TRP B 347 -20.14 -25.91 -49.04
C TRP B 347 -21.53 -25.85 -48.43
N LEU B 348 -22.57 -26.17 -49.21
CA LEU B 348 -23.94 -26.29 -48.70
C LEU B 348 -24.24 -27.75 -48.39
N ARG B 349 -23.94 -28.65 -49.32
CA ARG B 349 -24.06 -30.08 -49.07
C ARG B 349 -22.87 -30.63 -48.31
N HIS B 350 -21.81 -29.84 -48.15
CA HIS B 350 -20.72 -30.14 -47.25
C HIS B 350 -21.12 -29.95 -45.79
N LEU B 351 -22.21 -29.23 -45.54
CA LEU B 351 -22.47 -28.68 -44.22
C LEU B 351 -23.87 -28.92 -43.71
N VAL B 352 -24.87 -29.04 -44.58
CA VAL B 352 -26.24 -29.22 -44.12
C VAL B 352 -26.59 -30.69 -44.24
N LEU B 353 -26.23 -31.31 -45.36
CA LEU B 353 -26.46 -32.74 -45.52
C LEU B 353 -25.43 -33.58 -44.79
N ASP B 354 -24.31 -32.99 -44.37
CA ASP B 354 -23.30 -33.78 -43.68
C ASP B 354 -23.43 -33.66 -42.16
N ARG B 355 -23.47 -32.44 -41.64
CA ARG B 355 -23.44 -32.22 -40.20
C ARG B 355 -24.74 -32.61 -39.49
N ILE B 356 -25.78 -32.99 -40.23
CA ILE B 356 -26.93 -33.65 -39.60
C ILE B 356 -26.73 -35.15 -39.53
N ALA B 357 -25.57 -35.66 -39.94
CA ALA B 357 -25.25 -37.08 -39.83
C ALA B 357 -23.88 -37.35 -39.24
N TRP B 358 -22.97 -36.38 -39.24
CA TRP B 358 -21.72 -36.53 -38.50
C TRP B 358 -21.98 -36.49 -37.01
N ILE B 359 -22.55 -35.40 -36.51
CA ILE B 359 -22.80 -35.27 -35.08
C ILE B 359 -24.28 -34.97 -34.83
N LEU B 360 -24.75 -33.82 -35.30
CA LEU B 360 -26.06 -33.34 -34.89
C LEU B 360 -27.16 -33.99 -35.73
N CYS B 361 -28.37 -33.44 -35.63
CA CYS B 361 -29.49 -33.88 -36.44
C CYS B 361 -30.28 -32.69 -36.96
N LEU B 362 -31.25 -32.92 -37.84
CA LEU B 362 -32.08 -31.85 -38.37
C LEU B 362 -33.05 -31.34 -37.31
N LEU B 424 -56.27 -0.58 -74.86
CA LEU B 424 -54.81 -0.55 -74.75
C LEU B 424 -54.39 -0.43 -73.30
N ALA B 425 -55.34 -0.12 -72.43
CA ALA B 425 -55.03 0.14 -71.03
C ALA B 425 -54.74 -1.13 -70.24
N VAL B 426 -55.26 -2.28 -70.66
CA VAL B 426 -55.03 -3.53 -69.94
C VAL B 426 -53.56 -3.93 -70.02
N ARG B 427 -52.92 -3.69 -71.17
CA ARG B 427 -51.50 -3.90 -71.32
C ARG B 427 -50.69 -2.96 -70.42
N GLY B 428 -51.15 -1.72 -70.28
CA GLY B 428 -50.49 -0.78 -69.39
C GLY B 428 -50.59 -1.19 -67.93
N LEU B 429 -51.77 -1.64 -67.51
CA LEU B 429 -51.91 -2.15 -66.15
C LEU B 429 -51.11 -3.43 -65.91
N LEU B 430 -50.97 -4.29 -66.92
CA LEU B 430 -50.10 -5.44 -66.76
C LEU B 430 -48.64 -5.03 -66.58
N GLN B 431 -48.20 -4.02 -67.35
CA GLN B 431 -46.83 -3.53 -67.19
C GLN B 431 -46.65 -2.80 -65.87
N GLU B 432 -47.72 -2.25 -65.30
CA GLU B 432 -47.60 -1.63 -63.98
C GLU B 432 -47.51 -2.67 -62.89
N LEU B 433 -48.27 -3.75 -63.00
CA LEU B 433 -48.27 -4.77 -61.95
C LEU B 433 -47.01 -5.64 -61.98
N SER B 434 -46.45 -5.89 -63.16
CA SER B 434 -45.23 -6.69 -63.26
C SER B 434 -44.06 -6.03 -62.58
N SER B 435 -44.00 -4.69 -62.59
CA SER B 435 -42.94 -3.97 -61.89
C SER B 435 -43.07 -4.09 -60.38
N ILE B 436 -44.31 -4.13 -59.87
CA ILE B 436 -44.50 -4.27 -58.42
C ILE B 436 -44.15 -5.69 -58.00
N ARG B 437 -44.51 -6.69 -58.81
CA ARG B 437 -44.09 -8.06 -58.56
C ARG B 437 -42.57 -8.19 -58.59
N HIS B 438 -41.91 -7.50 -59.51
CA HIS B 438 -40.46 -7.56 -59.57
C HIS B 438 -39.80 -6.83 -58.40
N PHE B 439 -40.41 -5.75 -57.92
CA PHE B 439 -39.88 -5.06 -56.75
C PHE B 439 -40.07 -5.84 -55.47
N LEU B 440 -41.05 -6.75 -55.43
CA LEU B 440 -41.19 -7.59 -54.24
C LEU B 440 -40.38 -8.87 -54.30
N GLU B 441 -40.21 -9.48 -55.47
CA GLU B 441 -39.51 -10.76 -55.52
C GLU B 441 -38.02 -10.62 -55.25
N LYS B 442 -37.43 -9.45 -55.51
CA LYS B 442 -36.02 -9.28 -55.17
C LYS B 442 -35.81 -9.12 -53.67
N ARG B 443 -36.75 -8.46 -52.96
CA ARG B 443 -36.70 -8.43 -51.51
C ARG B 443 -36.91 -9.82 -50.93
N ASP B 444 -37.79 -10.62 -51.54
CA ASP B 444 -37.99 -12.00 -51.10
C ASP B 444 -36.73 -12.84 -51.28
N GLU B 445 -36.06 -12.69 -52.42
CA GLU B 445 -34.83 -13.42 -52.68
C GLU B 445 -33.70 -13.00 -51.73
N MET B 446 -33.57 -11.70 -51.48
CA MET B 446 -32.57 -11.23 -50.54
C MET B 446 -32.86 -11.62 -49.11
N ARG B 447 -34.11 -11.94 -48.77
CA ARG B 447 -34.36 -12.52 -47.46
C ARG B 447 -34.09 -14.02 -47.41
N GLU B 448 -34.33 -14.74 -48.52
CA GLU B 448 -34.04 -16.18 -48.50
C GLU B 448 -32.55 -16.46 -48.47
N VAL B 449 -31.74 -15.60 -49.11
CA VAL B 449 -30.29 -15.74 -49.03
C VAL B 449 -29.80 -15.56 -47.59
N ALA B 450 -30.35 -14.55 -46.89
CA ALA B 450 -30.00 -14.33 -45.50
C ALA B 450 -30.46 -15.47 -44.61
N ARG B 451 -31.62 -16.07 -44.91
CA ARG B 451 -32.04 -17.25 -44.15
C ARG B 451 -31.13 -18.44 -44.37
N ASP B 452 -30.59 -18.64 -45.58
CA ASP B 452 -29.67 -19.75 -45.78
C ASP B 452 -28.35 -19.53 -45.05
N TRP B 453 -27.85 -18.29 -45.05
CA TRP B 453 -26.63 -18.04 -44.26
C TRP B 453 -26.89 -18.15 -42.76
N LEU B 454 -28.08 -17.75 -42.30
CA LEU B 454 -28.43 -17.94 -40.91
C LEU B 454 -28.57 -19.42 -40.57
N ARG B 455 -28.98 -20.25 -41.53
CA ARG B 455 -29.03 -21.69 -41.29
C ARG B 455 -27.64 -22.31 -41.20
N VAL B 456 -26.68 -21.81 -41.99
CA VAL B 456 -25.31 -22.30 -41.90
C VAL B 456 -24.68 -21.90 -40.57
N GLY B 457 -24.93 -20.67 -40.13
CA GLY B 457 -24.33 -20.15 -38.92
C GLY B 457 -24.71 -20.87 -37.65
N TYR B 458 -25.95 -21.34 -37.53
CA TYR B 458 -26.36 -22.05 -36.33
C TYR B 458 -25.77 -23.45 -36.23
N VAL B 459 -25.62 -24.13 -37.36
CA VAL B 459 -24.95 -25.43 -37.36
C VAL B 459 -23.49 -25.28 -36.97
N LEU B 460 -22.83 -24.24 -37.49
CA LEU B 460 -21.44 -23.99 -37.07
C LEU B 460 -21.34 -23.59 -35.61
N ASP B 461 -22.31 -22.82 -35.11
CA ASP B 461 -22.27 -22.41 -33.71
C ASP B 461 -22.57 -23.58 -32.79
N ARG B 462 -23.28 -24.60 -33.25
CA ARG B 462 -23.41 -25.80 -32.43
C ARG B 462 -22.15 -26.66 -32.45
N LEU B 463 -21.55 -26.87 -33.63
CA LEU B 463 -20.36 -27.70 -33.74
C LEU B 463 -19.17 -27.11 -32.97
N LEU B 464 -18.94 -25.81 -33.09
CA LEU B 464 -17.83 -25.19 -32.39
C LEU B 464 -18.07 -25.14 -30.89
N PHE B 465 -19.33 -25.05 -30.46
CA PHE B 465 -19.63 -25.14 -29.04
C PHE B 465 -19.35 -26.52 -28.48
N ARG B 466 -19.65 -27.58 -29.25
CA ARG B 466 -19.28 -28.92 -28.80
C ARG B 466 -17.78 -29.11 -28.71
N ILE B 467 -17.03 -28.61 -29.71
CA ILE B 467 -15.57 -28.71 -29.69
C ILE B 467 -14.97 -27.93 -28.51
N TYR B 468 -15.48 -26.73 -28.26
CA TYR B 468 -15.01 -25.93 -27.13
C TYR B 468 -15.33 -26.58 -25.79
N LEU B 469 -16.51 -27.18 -25.67
CA LEU B 469 -16.89 -27.81 -24.41
C LEU B 469 -16.04 -29.04 -24.14
N LEU B 470 -15.77 -29.85 -25.16
CA LEU B 470 -14.88 -30.98 -24.97
C LEU B 470 -13.43 -30.57 -24.72
N ALA B 471 -12.96 -29.46 -25.30
CA ALA B 471 -11.63 -28.97 -25.00
C ALA B 471 -11.49 -28.47 -23.56
N VAL B 472 -12.51 -27.76 -23.05
CA VAL B 472 -12.47 -27.31 -21.66
C VAL B 472 -12.55 -28.50 -20.71
N LEU B 473 -13.35 -29.51 -21.05
CA LEU B 473 -13.44 -30.70 -20.20
C LEU B 473 -12.13 -31.49 -20.19
N ALA B 474 -11.49 -31.64 -21.35
CA ALA B 474 -10.21 -32.33 -21.42
C ALA B 474 -9.08 -31.56 -20.74
N TYR B 475 -9.17 -30.23 -20.68
CA TYR B 475 -8.21 -29.46 -19.89
C TYR B 475 -8.45 -29.60 -18.39
N SER B 476 -9.72 -29.60 -17.98
CA SER B 476 -10.04 -29.72 -16.56
C SER B 476 -9.66 -31.08 -15.99
N ILE B 477 -9.86 -32.16 -16.75
CA ILE B 477 -9.47 -33.46 -16.22
C ILE B 477 -7.97 -33.64 -16.17
N THR B 478 -7.23 -32.99 -17.07
CA THR B 478 -5.76 -32.98 -17.00
C THR B 478 -5.29 -32.23 -15.76
N LEU B 479 -5.94 -31.11 -15.45
CA LEU B 479 -5.61 -30.37 -14.23
C LEU B 479 -5.90 -31.16 -12.96
N VAL B 480 -7.03 -31.88 -12.94
CA VAL B 480 -7.38 -32.71 -11.78
C VAL B 480 -6.41 -33.88 -11.63
N THR B 481 -6.06 -34.55 -12.73
CA THR B 481 -5.14 -35.68 -12.61
C THR B 481 -3.70 -35.26 -12.41
N LEU B 482 -3.36 -33.99 -12.61
CA LEU B 482 -2.08 -33.50 -12.12
C LEU B 482 -2.10 -33.09 -10.66
N TRP B 483 -3.24 -32.63 -10.16
CA TRP B 483 -3.35 -32.35 -8.73
C TRP B 483 -3.36 -33.63 -7.89
N SER B 484 -4.00 -34.68 -8.39
CA SER B 484 -4.16 -35.90 -7.60
C SER B 484 -2.87 -36.69 -7.46
N ILE B 485 -1.90 -36.49 -8.35
CA ILE B 485 -0.59 -37.11 -8.18
C ILE B 485 0.13 -36.49 -6.99
N TRP B 486 0.01 -35.18 -6.83
CA TRP B 486 0.57 -34.52 -5.64
C TRP B 486 -0.18 -34.92 -4.38
N HIS B 487 -1.51 -34.93 -4.43
CA HIS B 487 -2.30 -35.11 -3.21
C HIS B 487 -2.17 -36.52 -2.63
N TYR B 488 -1.96 -37.52 -3.46
CA TYR B 488 -1.86 -38.90 -2.98
C TYR B 488 -0.48 -39.14 -2.40
N SER B 489 -0.44 -39.51 -1.12
CA SER B 489 0.77 -39.72 -0.30
C SER B 489 1.70 -38.51 -0.32
N THR C 34 27.87 8.33 66.62
CA THR C 34 27.33 8.59 65.29
C THR C 34 26.88 10.04 65.13
N THR C 35 26.35 10.36 63.96
CA THR C 35 25.90 11.71 63.66
C THR C 35 24.72 11.63 62.71
N GLN C 36 24.39 12.77 62.09
CA GLN C 36 23.28 12.86 61.15
C GLN C 36 23.70 13.68 59.91
N PRO C 37 24.28 13.04 58.91
CA PRO C 37 24.38 13.72 57.62
C PRO C 37 23.00 13.92 56.99
N ALA C 38 22.30 12.81 56.76
CA ALA C 38 20.94 12.72 56.25
C ALA C 38 20.53 11.26 56.41
N LEU C 39 19.46 10.86 55.75
CA LEU C 39 19.13 9.44 55.64
C LEU C 39 19.42 8.90 54.25
N LEU C 40 20.53 9.35 53.67
CA LEU C 40 21.22 8.62 52.64
C LEU C 40 22.25 7.67 53.23
N ARG C 41 22.51 7.77 54.52
CA ARG C 41 23.40 6.84 55.18
C ARG C 41 22.79 5.45 55.33
N LEU C 42 21.46 5.33 55.22
CA LEU C 42 20.87 4.00 55.09
C LEU C 42 21.27 3.37 53.77
N SER C 43 21.12 4.11 52.67
CA SER C 43 21.53 3.60 51.37
C SER C 43 23.04 3.39 51.27
N ASP C 44 23.81 4.15 52.03
CA ASP C 44 25.23 3.85 52.18
C ASP C 44 25.44 2.56 52.96
N HIS C 45 24.56 2.28 53.92
CA HIS C 45 24.71 1.09 54.76
C HIS C 45 24.43 -0.20 54.02
N LEU C 46 23.39 -0.24 53.20
CA LEU C 46 22.96 -1.53 52.67
C LEU C 46 23.25 -1.69 51.17
N LEU C 47 24.00 -0.77 50.56
CA LEU C 47 24.52 -0.97 49.22
C LEU C 47 26.03 -0.81 49.15
N ALA C 48 26.72 -0.84 50.28
CA ALA C 48 28.17 -0.69 50.27
C ALA C 48 28.84 -1.96 49.76
N ASN C 49 28.64 -3.07 50.46
CA ASN C 49 29.21 -4.35 50.09
C ASN C 49 28.18 -5.30 49.48
N TYR C 50 27.27 -4.78 48.68
CA TYR C 50 26.22 -5.58 48.08
C TYR C 50 26.63 -6.07 46.70
N LYS C 51 26.40 -7.34 46.43
CA LYS C 51 26.76 -7.96 45.16
C LYS C 51 25.48 -8.26 44.40
N LYS C 52 25.28 -7.57 43.29
CA LYS C 52 24.06 -7.71 42.50
C LYS C 52 24.07 -8.93 41.59
N GLY C 53 25.09 -9.77 41.66
CA GLY C 53 25.14 -10.93 40.82
C GLY C 53 24.59 -12.17 41.49
N VAL C 54 24.59 -12.21 42.81
CA VAL C 54 24.21 -13.42 43.51
C VAL C 54 22.69 -13.46 43.69
N ARG C 55 22.15 -14.67 43.69
CA ARG C 55 20.74 -14.78 44.01
C ARG C 55 20.60 -14.59 45.52
N PRO C 56 19.85 -13.61 45.94
CA PRO C 56 20.02 -13.10 47.29
C PRO C 56 19.27 -13.88 48.35
N VAL C 57 19.84 -14.98 48.80
CA VAL C 57 19.31 -15.76 49.91
C VAL C 57 20.45 -16.12 50.85
N ARG C 58 20.09 -16.34 52.13
CA ARG C 58 21.07 -16.80 53.09
C ARG C 58 21.37 -18.27 52.89
N ASP C 59 20.35 -19.10 52.92
CA ASP C 59 20.46 -20.52 52.65
C ASP C 59 20.17 -20.74 51.18
N TRP C 60 21.10 -21.37 50.46
CA TRP C 60 20.95 -21.51 49.02
C TRP C 60 19.90 -22.53 48.62
N ARG C 61 19.37 -23.30 49.58
CA ARG C 61 18.36 -24.30 49.29
C ARG C 61 16.96 -23.71 49.22
N LYS C 62 16.79 -22.46 49.62
CA LYS C 62 15.47 -21.84 49.68
C LYS C 62 15.22 -21.06 48.40
N PRO C 63 14.12 -21.29 47.69
CA PRO C 63 13.91 -20.60 46.42
C PRO C 63 13.39 -19.18 46.64
N THR C 64 13.71 -18.32 45.67
CA THR C 64 13.20 -16.95 45.66
C THR C 64 11.83 -16.95 45.00
N THR C 65 10.81 -16.56 45.74
CA THR C 65 9.43 -16.62 45.26
C THR C 65 9.00 -15.23 44.82
N VAL C 66 8.86 -15.04 43.51
CA VAL C 66 8.34 -13.77 43.01
C VAL C 66 6.82 -13.89 42.91
N SER C 67 6.15 -12.76 43.02
CA SER C 67 4.70 -12.75 43.03
C SER C 67 4.22 -11.71 42.03
N ILE C 68 3.61 -12.15 40.94
CA ILE C 68 3.32 -11.29 39.81
C ILE C 68 1.82 -11.17 39.62
N ASP C 69 1.39 -10.05 39.03
CA ASP C 69 0.10 -10.01 38.34
C ASP C 69 0.14 -8.95 37.25
N VAL C 70 -0.94 -8.90 36.47
CA VAL C 70 -1.00 -8.21 35.18
C VAL C 70 -2.39 -7.62 35.02
N ILE C 71 -2.45 -6.35 34.62
CA ILE C 71 -3.69 -5.75 34.15
C ILE C 71 -3.50 -5.35 32.70
N MET C 72 -4.50 -5.65 31.88
CA MET C 72 -4.42 -5.44 30.44
C MET C 72 -4.83 -4.02 30.09
N TYR C 73 -4.03 -3.37 29.26
CA TYR C 73 -4.29 -1.97 28.91
C TYR C 73 -4.84 -1.79 27.51
N ALA C 74 -4.21 -2.38 26.49
CA ALA C 74 -4.68 -2.18 25.12
C ALA C 74 -4.32 -3.37 24.26
N ILE C 75 -5.14 -3.62 23.25
CA ILE C 75 -4.86 -4.62 22.23
C ILE C 75 -4.41 -3.83 21.00
N LEU C 76 -3.10 -3.85 20.74
CA LEU C 76 -2.58 -2.95 19.73
C LEU C 76 -2.79 -3.47 18.32
N ASN C 77 -2.60 -4.78 18.10
CA ASN C 77 -2.69 -5.32 16.76
C ASN C 77 -2.98 -6.82 16.86
N VAL C 78 -3.68 -7.35 15.86
CA VAL C 78 -3.90 -8.78 15.71
C VAL C 78 -3.62 -9.10 14.24
N ASP C 79 -2.51 -9.77 13.96
CA ASP C 79 -2.19 -10.22 12.61
C ASP C 79 -2.66 -11.65 12.45
N GLU C 80 -3.80 -11.83 11.78
CA GLU C 80 -4.31 -13.18 11.55
C GLU C 80 -3.49 -13.95 10.53
N LYS C 81 -2.78 -13.24 9.66
CA LYS C 81 -1.93 -13.91 8.69
C LYS C 81 -0.65 -14.43 9.34
N ASN C 82 0.02 -13.59 10.12
CA ASN C 82 1.28 -13.95 10.74
C ASN C 82 1.12 -14.67 12.07
N GLN C 83 -0.12 -14.78 12.57
CA GLN C 83 -0.45 -15.41 13.85
C GLN C 83 0.24 -14.72 15.01
N VAL C 84 0.26 -13.39 15.00
CA VAL C 84 1.03 -12.59 15.95
C VAL C 84 0.09 -11.60 16.63
N LEU C 85 0.07 -11.64 17.96
CA LEU C 85 -0.70 -10.72 18.79
C LEU C 85 0.23 -9.65 19.34
N THR C 86 -0.29 -8.43 19.48
CA THR C 86 0.46 -7.31 20.03
C THR C 86 -0.39 -6.58 21.05
N THR C 87 -0.02 -6.67 22.32
CA THR C 87 -0.77 -6.01 23.38
C THR C 87 0.15 -5.07 24.14
N TYR C 88 -0.40 -4.45 25.17
CA TYR C 88 0.34 -3.57 26.05
C TYR C 88 -0.24 -3.75 27.44
N ILE C 89 0.59 -4.17 28.40
CA ILE C 89 0.09 -4.46 29.73
C ILE C 89 0.78 -3.57 30.74
N TRP C 90 0.24 -3.56 31.95
CA TRP C 90 0.92 -3.04 33.12
C TRP C 90 1.29 -4.22 34.01
N TYR C 91 2.51 -4.21 34.53
CA TYR C 91 3.08 -5.38 35.17
C TYR C 91 3.70 -4.97 36.49
N ARG C 92 3.59 -5.85 37.49
CA ARG C 92 4.22 -5.60 38.77
C ARG C 92 4.57 -6.92 39.43
N GLN C 93 5.55 -6.87 40.33
CA GLN C 93 6.09 -8.08 40.94
C GLN C 93 6.79 -7.70 42.23
N TYR C 94 6.81 -8.62 43.19
CA TYR C 94 7.67 -8.41 44.34
C TYR C 94 8.32 -9.73 44.73
N TRP C 95 9.44 -9.60 45.45
CA TRP C 95 10.17 -10.74 45.95
C TRP C 95 10.87 -10.31 47.23
N THR C 96 11.52 -11.25 47.89
CA THR C 96 12.11 -11.01 49.20
C THR C 96 13.59 -11.33 49.14
N ASP C 97 14.43 -10.45 49.67
CA ASP C 97 15.84 -10.75 49.79
C ASP C 97 16.39 -10.37 51.15
N GLU C 98 17.21 -11.25 51.70
CA GLU C 98 17.71 -11.07 53.05
C GLU C 98 18.90 -10.14 53.12
N PHE C 99 19.31 -9.55 52.01
CA PHE C 99 20.44 -8.65 51.99
C PHE C 99 20.02 -7.19 52.01
N LEU C 100 18.74 -6.91 51.87
CA LEU C 100 18.19 -5.56 51.84
C LEU C 100 17.32 -5.30 53.06
N GLN C 101 17.75 -5.76 54.22
CA GLN C 101 16.97 -5.65 55.45
C GLN C 101 17.63 -4.68 56.42
N TRP C 102 16.81 -3.96 57.17
CA TRP C 102 17.32 -3.05 58.18
C TRP C 102 16.28 -2.93 59.28
N THR C 103 16.75 -2.55 60.46
CA THR C 103 15.72 -2.24 61.45
C THR C 103 15.17 -0.84 61.17
N PRO C 104 13.86 -0.65 61.23
CA PRO C 104 13.30 0.68 60.95
C PRO C 104 13.68 1.72 62.00
N GLU C 105 13.99 1.31 63.23
CA GLU C 105 14.56 2.25 64.17
C GLU C 105 16.01 2.54 63.79
N ASP C 106 16.64 3.46 64.53
CA ASP C 106 17.99 4.02 64.36
C ASP C 106 18.35 4.42 62.92
N PHE C 107 17.33 4.76 62.13
CA PHE C 107 17.46 5.41 60.84
C PHE C 107 16.37 6.46 60.68
N ASP C 108 15.92 7.01 61.81
CA ASP C 108 14.84 7.99 61.89
C ASP C 108 13.55 7.44 61.26
N ASN C 109 13.23 6.19 61.61
CA ASN C 109 11.92 5.56 61.40
C ASN C 109 11.58 5.39 59.93
N VAL C 110 12.55 5.30 59.04
CA VAL C 110 12.25 5.09 57.64
C VAL C 110 11.95 3.61 57.41
N THR C 111 10.86 3.34 56.70
CA THR C 111 10.43 1.98 56.46
C THR C 111 10.49 1.56 55.00
N LYS C 112 10.53 2.49 54.06
CA LYS C 112 10.77 2.13 52.68
C LYS C 112 11.52 3.27 51.99
N LEU C 113 12.18 2.93 50.89
CA LEU C 113 12.94 3.91 50.15
C LEU C 113 13.08 3.44 48.71
N SER C 114 13.50 4.36 47.85
CA SER C 114 13.72 4.06 46.45
C SER C 114 15.19 3.71 46.24
N ILE C 115 15.43 2.62 45.53
CA ILE C 115 16.76 2.18 45.17
C ILE C 115 16.76 2.03 43.65
N PRO C 116 17.81 2.43 42.95
CA PRO C 116 17.86 2.23 41.50
C PRO C 116 17.85 0.76 41.13
N THR C 117 17.27 0.47 39.96
CA THR C 117 17.03 -0.90 39.56
C THR C 117 18.33 -1.61 39.20
N ASP C 118 19.31 -0.86 38.71
CA ASP C 118 20.53 -1.46 38.20
C ASP C 118 21.53 -1.76 39.29
N SER C 119 21.12 -1.67 40.54
CA SER C 119 22.01 -1.92 41.66
C SER C 119 21.57 -3.07 42.54
N ILE C 120 20.48 -3.76 42.21
CA ILE C 120 20.02 -4.91 42.97
C ILE C 120 19.79 -6.08 42.02
N TRP C 121 19.58 -7.25 42.62
CA TRP C 121 19.28 -8.45 41.85
C TRP C 121 17.85 -8.38 41.35
N VAL C 122 17.65 -8.65 40.06
CA VAL C 122 16.33 -8.64 39.45
C VAL C 122 16.14 -9.96 38.73
N PRO C 123 15.04 -10.68 38.96
CA PRO C 123 14.85 -11.97 38.28
C PRO C 123 14.53 -11.79 36.80
N ASP C 124 14.85 -12.83 36.03
CA ASP C 124 14.61 -12.82 34.59
C ASP C 124 13.29 -13.48 34.26
N ILE C 125 12.20 -12.73 34.37
CA ILE C 125 10.87 -13.25 34.09
C ILE C 125 10.52 -12.85 32.66
N LEU C 126 10.42 -13.83 31.79
CA LEU C 126 10.13 -13.61 30.38
C LEU C 126 8.86 -14.35 29.99
N ILE C 127 8.53 -14.27 28.71
CA ILE C 127 7.35 -14.90 28.13
C ILE C 127 7.82 -15.94 27.13
N ASN C 128 7.21 -17.12 27.15
CA ASN C 128 7.57 -18.13 26.17
C ASN C 128 7.13 -17.77 24.77
N GLU C 129 6.04 -17.02 24.62
CA GLU C 129 5.45 -16.80 23.33
C GLU C 129 6.03 -15.61 22.58
N PHE C 130 7.15 -15.06 23.04
CA PHE C 130 7.80 -13.95 22.35
C PHE C 130 8.22 -14.32 20.93
N VAL C 131 8.02 -13.38 20.01
CA VAL C 131 8.61 -13.47 18.68
C VAL C 131 9.42 -12.24 18.33
N ASP C 132 9.44 -11.22 19.16
CA ASP C 132 10.07 -9.94 18.88
C ASP C 132 10.19 -9.20 20.21
N VAL C 133 10.78 -8.01 20.18
CA VAL C 133 10.93 -7.17 21.36
C VAL C 133 10.14 -5.89 21.16
N GLY C 134 9.13 -5.68 21.98
CA GLY C 134 8.37 -4.45 21.96
C GLY C 134 9.11 -3.37 22.74
N LYS C 135 8.92 -2.13 22.31
CA LYS C 135 9.56 -1.01 22.98
C LYS C 135 8.69 -0.56 24.15
N SER C 136 9.30 -0.49 25.33
CA SER C 136 8.59 -0.11 26.54
C SER C 136 9.52 0.75 27.38
N PRO C 137 8.97 1.71 28.13
CA PRO C 137 9.81 2.58 28.94
C PRO C 137 10.40 1.84 30.12
N ASN C 138 11.67 2.10 30.40
CA ASN C 138 12.27 1.54 31.59
C ASN C 138 11.90 2.35 32.81
N ILE C 139 11.78 1.66 33.94
CA ILE C 139 11.48 2.30 35.22
C ILE C 139 12.72 2.20 36.08
N PRO C 140 13.41 3.31 36.37
CA PRO C 140 14.73 3.23 37.00
C PRO C 140 14.71 3.05 38.51
N TYR C 141 13.56 2.92 39.17
CA TYR C 141 13.55 2.83 40.62
C TYR C 141 12.65 1.68 41.06
N VAL C 142 12.96 1.12 42.22
CA VAL C 142 12.12 0.15 42.90
C VAL C 142 11.96 0.55 44.35
N TYR C 143 10.87 0.09 44.97
CA TYR C 143 10.68 0.20 46.41
C TYR C 143 11.33 -0.97 47.12
N VAL C 144 11.79 -0.73 48.33
CA VAL C 144 12.33 -1.77 49.20
C VAL C 144 11.81 -1.51 50.60
N HIS C 145 11.04 -2.45 51.14
CA HIS C 145 10.60 -2.31 52.52
C HIS C 145 11.66 -2.82 53.49
N HIS C 146 11.40 -2.67 54.77
CA HIS C 146 12.42 -2.94 55.76
C HIS C 146 12.51 -4.41 56.12
N ARG C 147 11.68 -5.25 55.53
CA ARG C 147 11.83 -6.69 55.65
C ARG C 147 12.53 -7.31 54.47
N GLY C 148 12.82 -6.52 53.44
CA GLY C 148 13.37 -7.05 52.21
C GLY C 148 12.37 -7.22 51.10
N GLU C 149 11.11 -6.87 51.32
CA GLU C 149 10.11 -6.95 50.26
C GLU C 149 10.37 -5.84 49.26
N VAL C 150 10.97 -6.19 48.13
CA VAL C 150 11.28 -5.23 47.08
C VAL C 150 10.24 -5.34 45.96
N GLN C 151 9.58 -4.23 45.65
CA GLN C 151 8.49 -4.18 44.69
C GLN C 151 8.94 -3.50 43.41
N ASN C 152 8.56 -4.07 42.28
CA ASN C 152 8.94 -3.54 40.97
C ASN C 152 7.69 -3.28 40.16
N TYR C 153 7.56 -2.08 39.61
CA TYR C 153 6.45 -1.68 38.77
C TYR C 153 7.00 -1.31 37.40
N LYS C 154 6.46 -1.92 36.34
CA LYS C 154 6.91 -1.54 35.02
C LYS C 154 5.84 -1.81 33.97
N PRO C 155 5.69 -0.94 32.98
CA PRO C 155 4.84 -1.24 31.83
C PRO C 155 5.65 -1.92 30.76
N LEU C 156 5.01 -2.83 30.03
CA LEU C 156 5.76 -3.54 29.02
C LEU C 156 4.89 -3.92 27.84
N GLN C 157 5.28 -3.47 26.66
CA GLN C 157 4.68 -3.88 25.39
C GLN C 157 5.22 -5.25 25.02
N LEU C 158 4.33 -6.16 24.66
CA LEU C 158 4.74 -7.50 24.33
C LEU C 158 4.12 -7.94 23.00
N VAL C 159 4.93 -8.58 22.18
CA VAL C 159 4.54 -9.07 20.87
C VAL C 159 4.65 -10.58 20.89
N THR C 160 3.52 -11.26 20.99
CA THR C 160 3.51 -12.69 21.13
C THR C 160 2.84 -13.35 19.94
N ALA C 161 2.92 -14.68 19.93
CA ALA C 161 2.37 -15.50 18.87
C ALA C 161 1.30 -16.41 19.42
N CYS C 162 0.18 -16.50 18.72
CA CYS C 162 -0.90 -17.37 19.14
C CYS C 162 -1.60 -17.98 17.92
N SER C 163 -2.37 -19.01 18.18
CA SER C 163 -3.19 -19.66 17.17
C SER C 163 -4.52 -18.93 17.08
N LEU C 164 -4.87 -18.46 15.89
CA LEU C 164 -6.08 -17.68 15.67
C LEU C 164 -6.99 -18.43 14.73
N ASP C 165 -8.23 -18.67 15.15
CA ASP C 165 -9.22 -19.38 14.35
C ASP C 165 -10.13 -18.40 13.63
N ILE C 166 -10.22 -18.53 12.32
CA ILE C 166 -11.00 -17.61 11.51
C ILE C 166 -12.11 -18.46 10.91
N TYR C 167 -12.63 -19.40 11.69
CA TYR C 167 -13.75 -20.21 11.21
C TYR C 167 -15.01 -19.37 11.02
N ASN C 168 -15.16 -18.30 11.79
CA ASN C 168 -16.28 -17.38 11.64
C ASN C 168 -15.77 -15.96 11.85
N PHE C 169 -15.53 -15.24 10.75
CA PHE C 169 -14.65 -14.08 10.78
C PHE C 169 -15.17 -12.91 11.62
N PRO C 170 -16.38 -12.37 11.44
CA PRO C 170 -16.76 -11.23 12.29
C PRO C 170 -17.25 -11.62 13.67
N PHE C 171 -17.63 -12.87 13.91
CA PHE C 171 -18.13 -13.29 15.21
C PHE C 171 -17.15 -14.34 15.74
N ASP C 172 -16.10 -13.90 16.43
CA ASP C 172 -15.11 -14.85 16.90
C ASP C 172 -14.48 -14.38 18.20
N VAL C 173 -14.29 -15.31 19.12
CA VAL C 173 -13.48 -15.09 20.30
C VAL C 173 -12.12 -15.70 20.04
N GLN C 174 -11.10 -15.13 20.67
CA GLN C 174 -9.72 -15.59 20.49
C GLN C 174 -9.15 -15.87 21.86
N ASN C 175 -8.45 -16.99 21.98
CA ASN C 175 -7.95 -17.47 23.27
C ASN C 175 -6.42 -17.49 23.18
N CYS C 176 -5.79 -16.45 23.70
CA CYS C 176 -4.35 -16.27 23.60
C CYS C 176 -3.70 -16.47 24.96
N SER C 177 -2.49 -17.03 24.94
CA SER C 177 -1.77 -17.38 26.16
C SER C 177 -0.57 -16.48 26.36
N LEU C 178 -0.27 -16.16 27.62
CA LEU C 178 0.93 -15.45 28.01
C LEU C 178 1.54 -16.26 29.14
N THR C 179 2.66 -16.93 28.89
CA THR C 179 3.25 -17.81 29.88
C THR C 179 4.47 -17.12 30.48
N PHE C 180 4.34 -16.62 31.70
CA PHE C 180 5.45 -16.03 32.42
C PHE C 180 6.30 -17.11 33.04
N THR C 181 7.59 -17.07 32.77
CA THR C 181 8.50 -18.08 33.31
C THR C 181 9.89 -17.47 33.43
N SER C 182 10.67 -18.06 34.31
CA SER C 182 12.08 -17.72 34.38
C SER C 182 12.79 -18.47 33.27
N TRP C 183 13.64 -17.77 32.53
CA TRP C 183 14.20 -18.41 31.35
C TRP C 183 15.32 -19.38 31.70
N LEU C 184 15.97 -19.19 32.85
CA LEU C 184 17.09 -20.02 33.23
C LEU C 184 16.83 -20.83 34.49
N HIS C 185 16.40 -20.19 35.56
CA HIS C 185 16.35 -20.81 36.88
C HIS C 185 15.24 -21.83 36.98
N THR C 186 15.50 -22.89 37.74
CA THR C 186 14.54 -23.96 37.93
C THR C 186 13.69 -23.68 39.17
N ILE C 187 12.77 -24.60 39.48
CA ILE C 187 11.75 -24.31 40.49
C ILE C 187 12.30 -24.44 41.90
N GLN C 188 13.48 -25.02 42.09
CA GLN C 188 14.15 -24.90 43.37
C GLN C 188 15.05 -23.69 43.43
N ASP C 189 14.98 -22.83 42.42
CA ASP C 189 15.83 -21.65 42.34
C ASP C 189 15.01 -20.37 42.26
N ILE C 190 14.00 -20.34 41.39
CA ILE C 190 13.02 -19.25 41.31
C ILE C 190 11.64 -19.85 41.14
N ASN C 191 10.70 -19.44 41.98
CA ASN C 191 9.33 -19.91 41.99
C ASN C 191 8.40 -18.73 41.73
N ILE C 192 7.26 -18.98 41.10
CA ILE C 192 6.36 -17.90 40.69
C ILE C 192 4.97 -18.13 41.27
N THR C 193 4.46 -17.15 42.01
CA THR C 193 3.09 -17.17 42.51
C THR C 193 2.37 -15.92 42.02
N LEU C 194 1.17 -15.70 42.55
CA LEU C 194 0.41 -14.50 42.23
C LEU C 194 0.47 -13.47 43.33
N TRP C 195 0.33 -12.20 42.95
CA TRP C 195 0.16 -11.12 43.90
C TRP C 195 -1.15 -11.27 44.65
N ARG C 196 -2.25 -11.22 43.92
CA ARG C 196 -3.60 -11.23 44.47
C ARG C 196 -4.36 -12.45 43.96
N SER C 197 -5.62 -12.55 44.38
CA SER C 197 -6.43 -13.72 44.13
C SER C 197 -6.76 -13.86 42.65
N PRO C 198 -6.84 -15.07 42.11
CA PRO C 198 -7.18 -15.23 40.69
C PRO C 198 -8.59 -14.84 40.33
N GLU C 199 -9.51 -14.82 41.28
CA GLU C 199 -10.88 -14.41 40.99
C GLU C 199 -10.97 -12.92 40.69
N GLU C 200 -10.06 -12.12 41.22
CA GLU C 200 -10.05 -10.69 40.94
C GLU C 200 -9.01 -10.28 39.91
N VAL C 201 -8.13 -11.20 39.51
CA VAL C 201 -7.35 -10.97 38.30
C VAL C 201 -8.23 -11.22 37.08
N ARG C 202 -9.14 -12.20 37.18
CA ARG C 202 -9.96 -12.59 36.05
C ARG C 202 -10.99 -11.53 35.71
N SER C 203 -11.57 -10.89 36.72
CA SER C 203 -12.65 -9.94 36.53
C SER C 203 -12.19 -8.49 36.55
N ASP C 204 -11.03 -8.18 36.01
CA ASP C 204 -10.45 -6.85 36.16
C ASP C 204 -10.43 -6.15 34.81
N LYS C 205 -11.35 -5.21 34.62
CA LYS C 205 -11.37 -4.34 33.46
C LYS C 205 -11.46 -2.91 33.96
N SER C 206 -10.34 -2.32 34.32
CA SER C 206 -10.40 -1.00 34.95
C SER C 206 -9.83 0.06 34.02
N ILE C 207 -8.72 -0.26 33.35
CA ILE C 207 -8.05 0.71 32.50
C ILE C 207 -7.95 0.27 31.06
N PHE C 208 -8.76 -0.71 30.64
CA PHE C 208 -8.70 -1.17 29.27
C PHE C 208 -9.27 -0.14 28.32
N ILE C 209 -8.56 0.13 27.24
CA ILE C 209 -8.97 1.10 26.23
C ILE C 209 -10.01 0.42 25.32
N ASN C 210 -11.25 0.86 25.41
CA ASN C 210 -12.31 0.34 24.55
C ASN C 210 -12.29 1.06 23.20
N GLN C 211 -13.38 0.91 22.44
CA GLN C 211 -13.57 1.47 21.10
C GLN C 211 -12.50 1.02 20.12
N GLY C 212 -11.96 -0.18 20.31
CA GLY C 212 -10.79 -0.58 19.56
C GLY C 212 -10.83 -1.95 18.93
N GLU C 213 -12.00 -2.33 18.38
CA GLU C 213 -12.24 -3.52 17.56
C GLU C 213 -12.22 -4.82 18.36
N TRP C 214 -11.79 -4.77 19.62
CA TRP C 214 -11.66 -5.96 20.43
C TRP C 214 -12.14 -5.66 21.84
N GLU C 215 -13.10 -6.44 22.32
CA GLU C 215 -13.55 -6.35 23.70
C GLU C 215 -12.75 -7.34 24.51
N LEU C 216 -12.26 -6.92 25.67
CA LEU C 216 -11.66 -7.86 26.60
C LEU C 216 -12.79 -8.61 27.30
N LEU C 217 -12.59 -9.90 27.55
CA LEU C 217 -13.59 -10.68 28.27
C LEU C 217 -13.08 -11.12 29.65
N GLU C 218 -11.92 -11.78 29.70
CA GLU C 218 -11.31 -12.16 30.96
C GLU C 218 -9.84 -12.44 30.73
N VAL C 219 -9.08 -12.34 31.82
CA VAL C 219 -7.65 -12.64 31.84
C VAL C 219 -7.48 -13.69 32.94
N PHE C 220 -7.43 -14.95 32.57
CA PHE C 220 -7.52 -16.04 33.55
C PHE C 220 -6.15 -16.61 33.83
N PRO C 221 -5.65 -16.55 35.06
CA PRO C 221 -4.33 -17.10 35.36
C PRO C 221 -4.40 -18.58 35.70
N GLN C 222 -3.26 -19.26 35.51
CA GLN C 222 -3.17 -20.70 35.71
C GLN C 222 -1.73 -21.06 35.99
N PHE C 223 -1.49 -21.79 37.07
CA PHE C 223 -0.13 -22.20 37.42
C PHE C 223 0.15 -23.61 36.93
N LYS C 224 1.30 -23.79 36.29
CA LYS C 224 1.74 -25.10 35.83
C LYS C 224 3.23 -25.24 36.09
N GLU C 225 3.65 -26.41 36.55
CA GLU C 225 5.06 -26.73 36.70
C GLU C 225 5.51 -27.53 35.49
N PHE C 226 6.26 -26.89 34.60
CA PHE C 226 6.76 -27.54 33.40
C PHE C 226 8.02 -28.30 33.75
N SER C 227 8.01 -29.61 33.53
CA SER C 227 9.17 -30.45 33.72
C SER C 227 9.69 -30.87 32.35
N ILE C 228 10.87 -30.38 31.98
CA ILE C 228 11.42 -30.69 30.67
C ILE C 228 11.91 -32.14 30.63
N ASP C 229 12.39 -32.65 31.77
CA ASP C 229 12.75 -34.04 31.96
C ASP C 229 12.73 -34.28 33.47
N ILE C 230 13.36 -35.36 33.92
CA ILE C 230 13.55 -35.56 35.34
C ILE C 230 14.61 -34.58 35.83
N SER C 231 14.44 -34.09 37.06
CA SER C 231 15.37 -33.26 37.83
C SER C 231 15.65 -31.90 37.20
N ASN C 232 14.82 -31.45 36.26
CA ASN C 232 14.87 -30.08 35.75
C ASN C 232 13.42 -29.68 35.48
N SER C 233 12.84 -28.97 36.43
CA SER C 233 11.47 -28.49 36.28
C SER C 233 11.44 -26.98 36.47
N TYR C 234 10.52 -26.34 35.77
CA TYR C 234 10.44 -24.90 35.69
C TYR C 234 9.06 -24.45 36.14
N ALA C 235 9.01 -23.32 36.83
CA ALA C 235 7.74 -22.75 37.27
C ALA C 235 7.21 -21.85 36.18
N GLU C 236 5.95 -22.02 35.82
CA GLU C 236 5.30 -21.21 34.79
C GLU C 236 3.98 -20.69 35.32
N MET C 237 3.69 -19.43 35.02
CA MET C 237 2.41 -18.83 35.35
C MET C 237 1.77 -18.41 34.03
N LYS C 238 0.63 -18.99 33.71
CA LYS C 238 0.06 -18.89 32.39
C LYS C 238 -1.22 -18.06 32.45
N PHE C 239 -1.23 -16.92 31.78
CA PHE C 239 -2.40 -16.07 31.66
C PHE C 239 -3.08 -16.32 30.32
N TYR C 240 -4.38 -16.57 30.36
CA TYR C 240 -5.18 -16.73 29.16
C TYR C 240 -6.00 -15.47 28.96
N VAL C 241 -5.65 -14.65 27.98
CA VAL C 241 -6.48 -13.52 27.62
C VAL C 241 -7.50 -13.98 26.59
N ILE C 242 -8.73 -13.53 26.73
CA ILE C 242 -9.82 -13.90 25.85
C ILE C 242 -10.45 -12.62 25.32
N ILE C 243 -10.37 -12.42 24.02
CA ILE C 243 -10.86 -11.20 23.39
C ILE C 243 -11.90 -11.56 22.34
N ARG C 244 -12.88 -10.69 22.17
CA ARG C 244 -13.95 -10.89 21.21
C ARG C 244 -13.99 -9.71 20.25
N ARG C 245 -14.08 -10.00 18.96
CA ARG C 245 -14.14 -8.95 17.95
C ARG C 245 -15.52 -8.32 17.93
N ARG C 246 -15.55 -7.00 17.81
CA ARG C 246 -16.81 -6.29 17.61
C ARG C 246 -17.22 -6.39 16.14
N PRO C 247 -18.31 -7.08 15.82
CA PRO C 247 -18.64 -7.35 14.41
C PRO C 247 -19.25 -6.20 13.64
N LEU C 248 -19.31 -5.00 14.21
CA LEU C 248 -20.00 -3.90 13.57
C LEU C 248 -19.22 -3.34 12.39
N PHE C 249 -17.90 -3.59 12.34
CA PHE C 249 -17.09 -3.02 11.26
C PHE C 249 -17.39 -3.71 9.94
N TYR C 250 -17.54 -5.03 9.97
CA TYR C 250 -17.68 -5.84 8.78
C TYR C 250 -19.14 -6.12 8.45
N ALA C 251 -20.05 -5.30 8.96
CA ALA C 251 -21.47 -5.34 8.61
C ALA C 251 -21.88 -4.18 7.73
N VAL C 252 -21.04 -3.16 7.58
CA VAL C 252 -21.26 -2.10 6.61
C VAL C 252 -20.32 -2.22 5.42
N SER C 253 -19.23 -2.97 5.55
CA SER C 253 -18.29 -3.15 4.46
C SER C 253 -18.51 -4.47 3.71
N LEU C 254 -19.32 -5.36 4.25
CA LEU C 254 -19.62 -6.63 3.61
C LEU C 254 -21.10 -6.81 3.33
N LEU C 255 -21.95 -6.56 4.32
CA LEU C 255 -23.36 -6.88 4.17
C LEU C 255 -24.08 -5.84 3.32
N LEU C 256 -23.55 -4.62 3.25
CA LEU C 256 -24.27 -3.57 2.53
C LEU C 256 -24.18 -3.72 1.01
N PRO C 257 -23.00 -3.89 0.37
CA PRO C 257 -23.02 -4.07 -1.08
C PRO C 257 -23.57 -5.40 -1.56
N SER C 258 -23.47 -6.47 -0.77
CA SER C 258 -24.00 -7.76 -1.18
C SER C 258 -25.53 -7.76 -1.18
N ILE C 259 -26.15 -7.18 -0.14
CA ILE C 259 -27.59 -7.01 -0.13
C ILE C 259 -27.99 -5.94 -1.14
N PHE C 260 -27.10 -5.01 -1.42
CA PHE C 260 -27.41 -3.94 -2.35
C PHE C 260 -27.47 -4.41 -3.80
N LEU C 261 -26.57 -5.29 -4.21
CA LEU C 261 -26.59 -5.69 -5.61
C LEU C 261 -27.62 -6.77 -5.92
N MET C 262 -28.46 -7.15 -4.97
CA MET C 262 -29.62 -7.96 -5.28
C MET C 262 -30.79 -7.12 -5.79
N VAL C 263 -30.96 -5.91 -5.25
CA VAL C 263 -32.09 -5.09 -5.69
C VAL C 263 -31.85 -4.57 -7.10
N VAL C 264 -30.59 -4.48 -7.55
CA VAL C 264 -30.35 -4.10 -8.94
C VAL C 264 -30.73 -5.24 -9.88
N ASP C 265 -30.52 -6.49 -9.47
CA ASP C 265 -31.04 -7.65 -10.21
C ASP C 265 -32.56 -7.63 -10.28
N ILE C 266 -33.21 -7.40 -9.13
CA ILE C 266 -34.68 -7.46 -9.07
C ILE C 266 -35.29 -6.34 -9.90
N VAL C 267 -34.63 -5.19 -9.98
CA VAL C 267 -35.07 -4.17 -10.90
C VAL C 267 -34.78 -4.58 -12.35
N GLY C 268 -33.64 -5.22 -12.59
CA GLY C 268 -33.24 -5.57 -13.94
C GLY C 268 -34.01 -6.70 -14.57
N PHE C 269 -34.77 -7.46 -13.79
CA PHE C 269 -35.70 -8.41 -14.40
C PHE C 269 -36.87 -7.73 -15.10
N CYS C 270 -37.16 -6.48 -14.79
CA CYS C 270 -38.32 -5.83 -15.40
C CYS C 270 -38.05 -5.32 -16.80
N LEU C 271 -36.81 -5.41 -17.28
CA LEU C 271 -36.55 -5.16 -18.68
C LEU C 271 -37.19 -6.24 -19.54
N PRO C 272 -37.79 -5.88 -20.67
CA PRO C 272 -38.32 -6.89 -21.57
C PRO C 272 -37.19 -7.61 -22.27
N PRO C 273 -37.27 -8.94 -22.37
CA PRO C 273 -36.10 -9.72 -22.81
C PRO C 273 -35.73 -9.56 -24.26
N ASP C 274 -36.67 -9.18 -25.12
CA ASP C 274 -36.37 -9.00 -26.54
C ASP C 274 -35.84 -7.60 -26.85
N SER C 275 -35.32 -6.87 -25.86
CA SER C 275 -34.74 -5.56 -26.11
C SER C 275 -33.29 -5.67 -26.55
N GLY C 276 -32.53 -6.56 -25.92
CA GLY C 276 -31.13 -6.77 -26.24
C GLY C 276 -30.18 -6.24 -25.18
N GLU C 277 -30.60 -5.23 -24.43
CA GLU C 277 -29.74 -4.68 -23.38
C GLU C 277 -29.95 -5.35 -22.03
N ARG C 278 -30.79 -6.37 -21.94
CA ARG C 278 -30.95 -7.09 -20.69
C ARG C 278 -29.74 -7.95 -20.40
N VAL C 279 -29.19 -8.59 -21.43
CA VAL C 279 -27.97 -9.38 -21.26
C VAL C 279 -26.79 -8.48 -20.94
N SER C 280 -26.71 -7.32 -21.59
CA SER C 280 -25.68 -6.35 -21.29
C SER C 280 -25.85 -5.74 -19.91
N PHE C 281 -27.07 -5.69 -19.39
CA PHE C 281 -27.30 -5.31 -18.00
C PHE C 281 -26.74 -6.34 -17.05
N LYS C 282 -27.11 -7.61 -17.26
CA LYS C 282 -26.76 -8.66 -16.31
C LYS C 282 -25.27 -8.94 -16.28
N ILE C 283 -24.59 -8.89 -17.43
CA ILE C 283 -23.16 -9.17 -17.40
C ILE C 283 -22.39 -7.99 -16.82
N THR C 284 -22.91 -6.77 -16.97
CA THR C 284 -22.29 -5.62 -16.34
C THR C 284 -22.42 -5.70 -14.83
N LEU C 285 -23.57 -6.16 -14.34
CA LEU C 285 -23.75 -6.29 -12.90
C LEU C 285 -22.91 -7.44 -12.33
N LEU C 286 -22.74 -8.53 -13.10
CA LEU C 286 -21.86 -9.60 -12.67
C LEU C 286 -20.39 -9.17 -12.64
N LEU C 287 -19.97 -8.35 -13.61
CA LEU C 287 -18.66 -7.72 -13.58
C LEU C 287 -18.48 -6.85 -12.34
N GLY C 288 -19.50 -6.04 -12.03
CA GLY C 288 -19.45 -5.18 -10.87
C GLY C 288 -19.38 -5.91 -9.55
N TYR C 289 -19.95 -7.11 -9.46
CA TYR C 289 -19.80 -7.87 -8.23
C TYR C 289 -18.52 -8.69 -8.21
N SER C 290 -18.02 -9.10 -9.38
CA SER C 290 -16.77 -9.83 -9.44
C SER C 290 -15.58 -8.95 -9.08
N VAL C 291 -15.67 -7.65 -9.41
CA VAL C 291 -14.68 -6.70 -8.90
C VAL C 291 -14.79 -6.59 -7.38
N PHE C 292 -16.02 -6.59 -6.86
CA PHE C 292 -16.27 -6.41 -5.44
C PHE C 292 -15.69 -7.53 -4.59
N LEU C 293 -15.86 -8.79 -5.03
CA LEU C 293 -15.32 -9.92 -4.28
C LEU C 293 -13.81 -9.85 -4.14
N ILE C 294 -13.12 -9.50 -5.22
CA ILE C 294 -11.67 -9.45 -5.18
C ILE C 294 -11.19 -8.25 -4.37
N ILE C 295 -11.89 -7.11 -4.48
CA ILE C 295 -11.45 -5.93 -3.74
C ILE C 295 -11.81 -6.01 -2.26
N VAL C 296 -12.67 -6.96 -1.87
CA VAL C 296 -12.88 -7.27 -0.47
C VAL C 296 -11.88 -8.30 0.04
N SER C 297 -11.60 -9.33 -0.76
CA SER C 297 -10.86 -10.50 -0.31
C SER C 297 -9.41 -10.22 0.08
N ASP C 298 -8.89 -9.02 -0.21
CA ASP C 298 -7.55 -8.67 0.28
C ASP C 298 -7.57 -8.19 1.72
N THR C 299 -8.60 -7.46 2.14
CA THR C 299 -8.66 -6.91 3.49
C THR C 299 -9.34 -7.85 4.48
N LEU C 300 -9.64 -9.08 4.08
CA LEU C 300 -10.19 -10.07 5.00
C LEU C 300 -9.30 -11.30 4.97
N PRO C 301 -8.61 -11.64 6.06
CA PRO C 301 -7.66 -12.74 6.03
C PRO C 301 -8.35 -14.09 6.12
N ALA C 302 -7.56 -15.13 5.83
CA ALA C 302 -8.05 -16.51 5.84
C ALA C 302 -6.85 -17.41 6.06
N THR C 303 -6.84 -18.13 7.17
CA THR C 303 -5.63 -18.84 7.59
C THR C 303 -5.95 -20.19 8.18
N ALA C 304 -5.31 -21.23 7.63
CA ALA C 304 -5.22 -22.63 8.06
C ALA C 304 -6.52 -23.41 7.93
N ILE C 305 -7.62 -22.77 7.54
CA ILE C 305 -8.89 -23.45 7.39
C ILE C 305 -9.34 -23.46 5.92
N GLY C 306 -8.92 -22.48 5.14
CA GLY C 306 -9.53 -22.24 3.84
C GLY C 306 -10.34 -20.98 3.93
N THR C 307 -11.65 -21.11 4.09
CA THR C 307 -12.46 -19.93 4.23
C THR C 307 -13.36 -20.04 5.47
N PRO C 308 -13.78 -18.93 6.03
CA PRO C 308 -14.88 -18.95 7.00
C PRO C 308 -16.23 -19.16 6.31
N LEU C 309 -17.29 -19.03 7.11
CA LEU C 309 -18.64 -19.19 6.57
C LEU C 309 -19.06 -18.00 5.72
N ILE C 310 -18.40 -16.85 5.88
CA ILE C 310 -18.68 -15.69 5.04
C ILE C 310 -18.32 -15.99 3.58
N GLY C 311 -17.24 -16.74 3.37
CA GLY C 311 -16.90 -17.20 2.04
C GLY C 311 -17.92 -18.14 1.44
N VAL C 312 -18.61 -18.92 2.26
CA VAL C 312 -19.67 -19.78 1.76
C VAL C 312 -20.89 -18.94 1.39
N TYR C 313 -21.20 -17.92 2.19
CA TYR C 313 -22.34 -17.07 1.91
C TYR C 313 -22.12 -16.23 0.65
N PHE C 314 -20.89 -15.82 0.37
CA PHE C 314 -20.60 -15.16 -0.89
C PHE C 314 -20.70 -16.08 -2.09
N VAL C 315 -20.31 -17.35 -1.96
CA VAL C 315 -20.46 -18.30 -3.05
C VAL C 315 -21.94 -18.57 -3.33
N VAL C 316 -22.77 -18.61 -2.29
CA VAL C 316 -24.21 -18.73 -2.53
C VAL C 316 -24.77 -17.46 -3.17
N CYS C 317 -24.25 -16.29 -2.78
CA CYS C 317 -24.66 -15.03 -3.41
C CYS C 317 -24.29 -14.99 -4.89
N MET C 318 -23.17 -15.60 -5.27
CA MET C 318 -22.81 -15.73 -6.68
C MET C 318 -23.59 -16.81 -7.41
N ALA C 319 -23.96 -17.88 -6.72
CA ALA C 319 -24.78 -18.91 -7.34
C ALA C 319 -26.19 -18.44 -7.63
N LEU C 320 -26.72 -17.50 -6.85
CA LEU C 320 -27.97 -16.86 -7.22
C LEU C 320 -27.84 -15.97 -8.44
N LEU C 321 -26.76 -15.20 -8.54
CA LEU C 321 -26.57 -14.28 -9.64
C LEU C 321 -26.26 -14.97 -10.97
N VAL C 322 -25.59 -16.13 -10.93
CA VAL C 322 -25.31 -16.86 -12.16
C VAL C 322 -26.59 -17.47 -12.73
N ILE C 323 -27.47 -18.00 -11.88
CA ILE C 323 -28.71 -18.53 -12.43
C ILE C 323 -29.66 -17.39 -12.82
N SER C 324 -29.52 -16.22 -12.18
CA SER C 324 -30.20 -15.03 -12.68
C SER C 324 -29.72 -14.63 -14.07
N LEU C 325 -28.44 -14.85 -14.36
CA LEU C 325 -27.93 -14.58 -15.69
C LEU C 325 -28.39 -15.64 -16.69
N ALA C 326 -28.33 -16.91 -16.29
CA ALA C 326 -28.67 -18.02 -17.17
C ALA C 326 -30.14 -18.05 -17.51
N GLU C 327 -31.00 -17.57 -16.61
CA GLU C 327 -32.42 -17.44 -16.93
C GLU C 327 -32.65 -16.43 -18.04
N THR C 328 -31.95 -15.29 -18.00
CA THR C 328 -32.09 -14.31 -19.07
C THR C 328 -31.51 -14.84 -20.38
N ILE C 329 -30.42 -15.60 -20.30
CA ILE C 329 -29.87 -16.21 -21.52
C ILE C 329 -30.87 -17.20 -22.12
N PHE C 330 -31.55 -17.96 -21.27
CA PHE C 330 -32.55 -18.92 -21.76
C PHE C 330 -33.76 -18.22 -22.37
N ILE C 331 -34.23 -17.13 -21.79
CA ILE C 331 -35.38 -16.44 -22.35
C ILE C 331 -35.01 -15.72 -23.65
N VAL C 332 -33.81 -15.12 -23.71
CA VAL C 332 -33.37 -14.45 -24.93
C VAL C 332 -33.15 -15.46 -26.06
N ARG C 333 -32.67 -16.67 -25.73
CA ARG C 333 -32.64 -17.73 -26.72
C ARG C 333 -34.04 -18.14 -27.13
N LEU C 334 -34.98 -18.15 -26.21
CA LEU C 334 -36.33 -18.59 -26.51
C LEU C 334 -37.12 -17.54 -27.28
N VAL C 335 -36.75 -16.27 -27.18
CA VAL C 335 -37.47 -15.17 -27.80
C VAL C 335 -36.53 -14.48 -28.78
N HIS C 336 -36.70 -14.75 -30.06
CA HIS C 336 -35.82 -14.21 -31.10
C HIS C 336 -36.55 -14.45 -32.42
N LYS C 337 -35.94 -13.98 -33.51
CA LYS C 337 -36.46 -14.26 -34.87
C LYS C 337 -35.39 -15.02 -35.64
N GLN C 338 -35.43 -16.34 -35.57
CA GLN C 338 -34.34 -17.16 -36.08
C GLN C 338 -34.82 -18.20 -37.09
N ASP C 339 -35.69 -17.77 -38.01
CA ASP C 339 -36.52 -18.52 -38.96
C ASP C 339 -37.09 -19.81 -38.36
N LEU C 340 -37.55 -19.69 -37.13
CA LEU C 340 -37.86 -20.84 -36.30
C LEU C 340 -39.24 -21.40 -36.61
N GLN C 341 -39.49 -22.61 -36.13
CA GLN C 341 -40.71 -23.32 -36.44
C GLN C 341 -41.82 -22.90 -35.48
N ARG C 342 -42.97 -23.55 -35.60
CA ARG C 342 -44.13 -23.22 -34.80
C ARG C 342 -43.94 -23.71 -33.37
N PRO C 343 -44.61 -23.09 -32.39
CA PRO C 343 -44.55 -23.62 -31.03
C PRO C 343 -45.30 -24.94 -30.94
N VAL C 344 -44.73 -25.86 -30.17
CA VAL C 344 -45.21 -27.24 -30.16
C VAL C 344 -46.54 -27.30 -29.42
N PRO C 345 -47.58 -27.92 -29.99
CA PRO C 345 -48.87 -28.00 -29.28
C PRO C 345 -48.85 -28.92 -28.08
N ASP C 346 -47.85 -29.79 -27.98
CA ASP C 346 -47.58 -30.49 -26.73
C ASP C 346 -47.25 -29.50 -25.63
N TRP C 347 -46.51 -28.45 -25.96
CA TRP C 347 -46.04 -27.49 -24.98
C TRP C 347 -46.68 -26.12 -25.17
N LEU C 348 -47.79 -26.05 -25.89
CA LEU C 348 -48.58 -24.83 -26.01
C LEU C 348 -49.73 -24.83 -25.01
N ARG C 349 -50.47 -25.93 -24.96
CA ARG C 349 -51.50 -26.11 -23.95
C ARG C 349 -50.93 -26.57 -22.62
N HIS C 350 -49.64 -26.95 -22.60
CA HIS C 350 -48.92 -27.16 -21.36
C HIS C 350 -48.58 -25.86 -20.67
N LEU C 351 -48.67 -24.74 -21.37
CA LEU C 351 -48.03 -23.52 -20.92
C LEU C 351 -48.92 -22.29 -20.99
N VAL C 352 -49.89 -22.23 -21.90
CA VAL C 352 -50.73 -21.05 -22.01
C VAL C 352 -52.05 -21.33 -21.30
N LEU C 353 -52.62 -22.52 -21.54
CA LEU C 353 -53.84 -22.90 -20.86
C LEU C 353 -53.59 -23.36 -19.42
N ASP C 354 -52.34 -23.66 -19.07
CA ASP C 354 -52.07 -24.12 -17.71
C ASP C 354 -51.61 -22.98 -16.81
N ARG C 355 -50.59 -22.23 -17.25
CA ARG C 355 -49.98 -21.21 -16.38
C ARG C 355 -50.85 -19.98 -16.18
N ILE C 356 -52.00 -19.88 -16.85
CA ILE C 356 -53.00 -18.88 -16.47
C ILE C 356 -53.95 -19.42 -15.41
N ALA C 357 -53.72 -20.63 -14.91
CA ALA C 357 -54.50 -21.20 -13.83
C ALA C 357 -53.67 -21.81 -12.72
N TRP C 358 -52.39 -22.13 -12.96
CA TRP C 358 -51.50 -22.52 -11.88
C TRP C 358 -51.19 -21.33 -10.99
N ILE C 359 -50.60 -20.28 -11.57
CA ILE C 359 -50.23 -19.10 -10.79
C ILE C 359 -50.86 -17.85 -11.39
N LEU C 360 -50.48 -17.50 -12.61
CA LEU C 360 -50.82 -16.20 -13.16
C LEU C 360 -52.22 -16.22 -13.74
N CYS C 361 -52.54 -15.17 -14.49
CA CYS C 361 -53.81 -15.09 -15.21
C CYS C 361 -53.59 -14.55 -16.61
N LEU C 362 -54.64 -14.56 -17.44
CA LEU C 362 -54.54 -14.02 -18.80
C LEU C 362 -54.44 -12.50 -18.79
N LEU C 424 -58.04 -12.84 -72.47
CA LEU C 424 -57.07 -13.75 -71.84
C LEU C 424 -56.28 -13.03 -70.77
N ALA C 425 -56.39 -11.70 -70.75
CA ALA C 425 -55.58 -10.90 -69.84
C ALA C 425 -56.08 -10.93 -68.40
N VAL C 426 -57.37 -11.21 -68.18
CA VAL C 426 -57.90 -11.27 -66.82
C VAL C 426 -57.30 -12.43 -66.05
N ARG C 427 -57.08 -13.56 -66.73
CA ARG C 427 -56.39 -14.69 -66.12
C ARG C 427 -54.95 -14.35 -65.79
N GLY C 428 -54.29 -13.56 -66.66
CA GLY C 428 -52.93 -13.13 -66.38
C GLY C 428 -52.85 -12.21 -65.18
N LEU C 429 -53.77 -11.26 -65.06
CA LEU C 429 -53.82 -10.40 -63.89
C LEU C 429 -54.17 -11.17 -62.62
N LEU C 430 -55.01 -12.19 -62.70
CA LEU C 430 -55.26 -13.03 -61.54
C LEU C 430 -54.00 -13.77 -61.11
N GLN C 431 -53.23 -14.28 -62.07
CA GLN C 431 -51.98 -14.95 -61.72
C GLN C 431 -50.93 -13.96 -61.21
N GLU C 432 -51.03 -12.70 -61.60
CA GLU C 432 -50.11 -11.70 -61.06
C GLU C 432 -50.48 -11.34 -59.62
N LEU C 433 -51.77 -11.21 -59.33
CA LEU C 433 -52.18 -10.83 -57.98
C LEU C 433 -52.03 -11.95 -56.97
N SER C 434 -52.23 -13.21 -57.39
CA SER C 434 -52.08 -14.33 -56.48
C SER C 434 -50.65 -14.46 -55.96
N SER C 435 -49.66 -14.12 -56.79
CA SER C 435 -48.28 -14.14 -56.34
C SER C 435 -47.99 -13.08 -55.30
N ILE C 436 -48.62 -11.90 -55.41
CA ILE C 436 -48.41 -10.85 -54.43
C ILE C 436 -49.09 -11.22 -53.11
N ARG C 437 -50.28 -11.82 -53.19
CA ARG C 437 -50.93 -12.35 -51.99
C ARG C 437 -50.09 -13.44 -51.33
N HIS C 438 -49.46 -14.30 -52.12
CA HIS C 438 -48.62 -15.34 -51.55
C HIS C 438 -47.33 -14.77 -50.96
N PHE C 439 -46.78 -13.71 -51.56
CA PHE C 439 -45.59 -13.09 -50.98
C PHE C 439 -45.90 -12.32 -49.71
N LEU C 440 -47.15 -11.90 -49.50
CA LEU C 440 -47.49 -11.26 -48.24
C LEU C 440 -47.92 -12.23 -47.15
N GLU C 441 -48.61 -13.33 -47.50
CA GLU C 441 -49.11 -14.21 -46.46
C GLU C 441 -48.00 -15.00 -45.77
N LYS C 442 -46.87 -15.23 -46.44
CA LYS C 442 -45.77 -15.88 -45.76
C LYS C 442 -45.06 -14.97 -44.77
N ARG C 443 -44.96 -13.68 -45.07
CA ARG C 443 -44.48 -12.72 -44.09
C ARG C 443 -45.43 -12.61 -42.91
N ASP C 444 -46.74 -12.65 -43.17
CA ASP C 444 -47.73 -12.64 -42.10
C ASP C 444 -47.61 -13.87 -41.20
N GLU C 445 -47.42 -15.04 -41.80
CA GLU C 445 -47.26 -16.27 -41.03
C GLU C 445 -45.97 -16.26 -40.20
N MET C 446 -44.88 -15.79 -40.80
CA MET C 446 -43.62 -15.70 -40.06
C MET C 446 -43.66 -14.65 -38.96
N ARG C 447 -44.57 -13.67 -39.03
CA ARG C 447 -44.74 -12.79 -37.88
C ARG C 447 -45.64 -13.40 -36.81
N GLU C 448 -46.65 -14.19 -37.19
CA GLU C 448 -47.50 -14.81 -36.18
C GLU C 448 -46.77 -15.88 -35.39
N VAL C 449 -45.84 -16.60 -36.04
CA VAL C 449 -45.01 -17.57 -35.32
C VAL C 449 -44.14 -16.87 -34.28
N ALA C 450 -43.54 -15.74 -34.65
CA ALA C 450 -42.75 -14.96 -33.71
C ALA C 450 -43.58 -14.40 -32.58
N ARG C 451 -44.82 -14.01 -32.86
CA ARG C 451 -45.71 -13.56 -31.78
C ARG C 451 -46.07 -14.68 -30.83
N ASP C 452 -46.25 -15.91 -31.32
CA ASP C 452 -46.54 -17.01 -30.39
C ASP C 452 -45.34 -17.34 -29.51
N TRP C 453 -44.12 -17.31 -30.07
CA TRP C 453 -42.95 -17.53 -29.22
C TRP C 453 -42.74 -16.37 -28.24
N LEU C 454 -43.06 -15.15 -28.66
CA LEU C 454 -42.99 -14.03 -27.73
C LEU C 454 -44.05 -14.15 -26.63
N ARG C 455 -45.18 -14.77 -26.93
CA ARG C 455 -46.18 -15.00 -25.89
C ARG C 455 -45.73 -16.06 -24.90
N VAL C 456 -45.03 -17.10 -25.36
CA VAL C 456 -44.50 -18.11 -24.46
C VAL C 456 -43.42 -17.52 -23.55
N GLY C 457 -42.55 -16.68 -24.12
CA GLY C 457 -41.43 -16.12 -23.40
C GLY C 457 -41.80 -15.22 -22.24
N TYR C 458 -42.88 -14.46 -22.36
CA TYR C 458 -43.28 -13.58 -21.27
C TYR C 458 -43.89 -14.32 -20.10
N VAL C 459 -44.64 -15.39 -20.37
CA VAL C 459 -45.16 -16.24 -19.30
C VAL C 459 -44.02 -16.92 -18.56
N LEU C 460 -43.01 -17.40 -19.29
CA LEU C 460 -41.85 -17.99 -18.61
C LEU C 460 -41.05 -16.94 -17.83
N ASP C 461 -40.95 -15.72 -18.37
CA ASP C 461 -40.22 -14.68 -17.66
C ASP C 461 -40.97 -14.21 -16.42
N ARG C 462 -42.28 -14.35 -16.38
CA ARG C 462 -42.98 -14.07 -15.14
C ARG C 462 -42.82 -15.19 -14.12
N LEU C 463 -42.95 -16.45 -14.55
CA LEU C 463 -42.84 -17.58 -13.63
C LEU C 463 -41.46 -17.68 -13.00
N LEU C 464 -40.40 -17.55 -13.81
CA LEU C 464 -39.05 -17.62 -13.28
C LEU C 464 -38.71 -16.44 -12.40
N PHE C 465 -39.31 -15.27 -12.66
CA PHE C 465 -39.13 -14.13 -11.77
C PHE C 465 -39.78 -14.37 -10.41
N ARG C 466 -40.95 -15.00 -10.39
CA ARG C 466 -41.57 -15.36 -9.10
C ARG C 466 -40.73 -16.37 -8.33
N ILE C 467 -40.20 -17.38 -9.02
CA ILE C 467 -39.37 -18.40 -8.37
C ILE C 467 -38.09 -17.78 -7.83
N TYR C 468 -37.46 -16.90 -8.61
CA TYR C 468 -36.23 -16.23 -8.15
C TYR C 468 -36.50 -15.30 -6.97
N LEU C 469 -37.63 -14.60 -6.99
CA LEU C 469 -37.94 -13.68 -5.90
C LEU C 469 -38.22 -14.44 -4.60
N LEU C 470 -38.96 -15.56 -4.68
CA LEU C 470 -39.16 -16.38 -3.49
C LEU C 470 -37.88 -17.06 -3.01
N ALA C 471 -36.97 -17.43 -3.91
CA ALA C 471 -35.68 -17.98 -3.48
C ALA C 471 -34.81 -16.95 -2.78
N VAL C 472 -34.77 -15.71 -3.28
CA VAL C 472 -34.01 -14.67 -2.60
C VAL C 472 -34.62 -14.32 -1.24
N LEU C 473 -35.95 -14.32 -1.17
CA LEU C 473 -36.62 -14.04 0.11
C LEU C 473 -36.37 -15.16 1.13
N ALA C 474 -36.43 -16.43 0.70
CA ALA C 474 -36.14 -17.54 1.58
C ALA C 474 -34.67 -17.61 2.01
N TYR C 475 -33.76 -17.12 1.18
CA TYR C 475 -32.37 -17.00 1.62
C TYR C 475 -32.16 -15.87 2.62
N SER C 476 -32.84 -14.74 2.40
CA SER C 476 -32.69 -13.60 3.31
C SER C 476 -33.26 -13.89 4.69
N ILE C 477 -34.40 -14.58 4.77
CA ILE C 477 -34.94 -14.88 6.10
C ILE C 477 -34.10 -15.92 6.82
N THR C 478 -33.46 -16.84 6.11
CA THR C 478 -32.52 -17.77 6.73
C THR C 478 -31.31 -17.03 7.28
N LEU C 479 -30.80 -16.03 6.54
CA LEU C 479 -29.69 -15.23 7.03
C LEU C 479 -30.07 -14.42 8.27
N VAL C 480 -31.28 -13.86 8.29
CA VAL C 480 -31.75 -13.09 9.45
C VAL C 480 -31.94 -13.98 10.66
N THR C 481 -32.55 -15.16 10.48
CA THR C 481 -32.76 -16.05 11.62
C THR C 481 -31.48 -16.75 12.07
N LEU C 482 -30.41 -16.74 11.27
CA LEU C 482 -29.12 -17.13 11.80
C LEU C 482 -28.40 -16.01 12.52
N TRP C 483 -28.62 -14.75 12.12
CA TRP C 483 -28.06 -13.65 12.87
C TRP C 483 -28.74 -13.45 14.23
N SER C 484 -30.05 -13.68 14.30
CA SER C 484 -30.78 -13.40 15.53
C SER C 484 -30.51 -14.42 16.63
N ILE C 485 -30.04 -15.61 16.28
CA ILE C 485 -29.61 -16.57 17.30
C ILE C 485 -28.36 -16.06 18.01
N TRP C 486 -27.43 -15.48 17.25
CA TRP C 486 -26.25 -14.87 17.85
C TRP C 486 -26.61 -13.63 18.66
N HIS C 487 -27.47 -12.77 18.12
CA HIS C 487 -27.73 -11.47 18.73
C HIS C 487 -28.48 -11.57 20.05
N TYR C 488 -29.34 -12.58 20.20
CA TYR C 488 -30.12 -12.74 21.42
C TYR C 488 -29.27 -13.36 22.51
N SER C 489 -29.12 -12.63 23.62
CA SER C 489 -28.27 -12.97 24.77
C SER C 489 -26.82 -13.24 24.37
N THR D 34 43.18 28.76 51.00
CA THR D 34 42.64 28.31 49.72
C THR D 34 43.33 28.99 48.55
N THR D 35 42.89 28.66 47.35
CA THR D 35 43.48 29.21 46.14
C THR D 35 42.39 29.34 45.08
N GLN D 36 42.82 29.52 43.83
CA GLN D 36 41.90 29.66 42.70
C GLN D 36 42.39 28.84 41.51
N PRO D 37 42.02 27.57 41.43
CA PRO D 37 42.19 26.87 40.16
C PRO D 37 41.27 27.44 39.09
N ALA D 38 39.96 27.40 39.35
CA ALA D 38 38.89 27.93 38.53
C ALA D 38 37.63 27.85 39.39
N LEU D 39 36.46 27.99 38.77
CA LEU D 39 35.22 27.68 39.45
C LEU D 39 34.61 26.38 38.94
N LEU D 40 35.47 25.40 38.69
CA LEU D 40 35.08 24.00 38.69
C LEU D 40 35.23 23.39 40.07
N ARG D 41 35.85 24.12 41.01
CA ARG D 41 35.94 23.66 42.38
C ARG D 41 34.61 23.71 43.10
N LEU D 42 33.64 24.48 42.60
CA LEU D 42 32.28 24.36 43.10
C LEU D 42 31.70 23.01 42.75
N SER D 43 31.81 22.62 41.47
CA SER D 43 31.33 21.31 41.05
C SER D 43 32.11 20.17 41.68
N ASP D 44 33.37 20.40 42.03
CA ASP D 44 34.10 19.45 42.85
C ASP D 44 33.54 19.41 44.27
N HIS D 45 33.05 20.55 44.77
CA HIS D 45 32.56 20.62 46.14
C HIS D 45 31.24 19.88 46.32
N LEU D 46 30.30 20.02 45.39
CA LEU D 46 28.96 19.54 45.66
C LEU D 46 28.58 18.31 44.84
N LEU D 47 29.54 17.69 44.14
CA LEU D 47 29.34 16.37 43.53
C LEU D 47 30.40 15.37 43.96
N ALA D 48 31.15 15.65 45.02
CA ALA D 48 32.17 14.73 45.48
C ALA D 48 31.54 13.52 46.16
N ASN D 49 30.83 13.75 47.25
CA ASN D 49 30.17 12.70 48.00
C ASN D 49 28.66 12.68 47.78
N TYR D 50 28.22 12.93 46.56
CA TYR D 50 26.80 12.98 46.26
C TYR D 50 26.32 11.62 45.76
N LYS D 51 25.18 11.18 46.27
CA LYS D 51 24.59 9.90 45.92
C LYS D 51 23.34 10.15 45.09
N LYS D 52 23.38 9.77 43.83
CA LYS D 52 22.27 10.02 42.92
C LYS D 52 21.15 9.00 43.04
N GLY D 53 21.22 8.10 44.00
CA GLY D 53 20.16 7.12 44.17
C GLY D 53 19.13 7.53 45.18
N VAL D 54 19.49 8.39 46.12
CA VAL D 54 18.59 8.72 47.20
C VAL D 54 17.64 9.84 46.77
N ARG D 55 16.44 9.82 47.31
CA ARG D 55 15.55 10.95 47.07
C ARG D 55 16.04 12.10 47.93
N PRO D 56 16.39 13.19 47.32
CA PRO D 56 17.26 14.16 48.01
C PRO D 56 16.53 15.11 48.93
N VAL D 57 16.24 14.65 50.15
CA VAL D 57 15.66 15.50 51.19
C VAL D 57 16.40 15.26 52.48
N ARG D 58 16.40 16.27 53.36
CA ARG D 58 16.97 16.10 54.68
C ARG D 58 16.05 15.28 55.58
N ASP D 59 14.81 15.72 55.71
CA ASP D 59 13.80 14.99 56.45
C ASP D 59 13.02 14.14 55.46
N TRP D 60 12.96 12.84 55.71
CA TRP D 60 12.35 11.93 54.76
C TRP D 60 10.82 12.03 54.73
N ARG D 61 10.22 12.77 55.65
CA ARG D 61 8.79 12.94 55.68
C ARG D 61 8.29 14.01 54.74
N LYS D 62 9.19 14.81 54.17
CA LYS D 62 8.81 15.93 53.33
C LYS D 62 8.84 15.50 51.87
N PRO D 63 7.76 15.69 51.11
CA PRO D 63 7.75 15.23 49.73
C PRO D 63 8.51 16.17 48.80
N THR D 64 9.03 15.60 47.73
CA THR D 64 9.68 16.38 46.67
C THR D 64 8.62 16.87 45.70
N THR D 65 8.47 18.18 45.59
CA THR D 65 7.41 18.76 44.77
C THR D 65 7.99 19.20 43.44
N VAL D 66 7.67 18.49 42.36
CA VAL D 66 8.09 18.92 41.04
C VAL D 66 7.02 19.83 40.47
N SER D 67 7.43 20.75 39.60
CA SER D 67 6.50 21.72 39.03
C SER D 67 6.66 21.71 37.53
N ILE D 68 5.64 21.24 36.82
CA ILE D 68 5.74 20.97 35.40
C ILE D 68 4.81 21.89 34.62
N ASP D 69 5.16 22.15 33.37
CA ASP D 69 4.17 22.58 32.37
C ASP D 69 4.64 22.17 30.99
N VAL D 70 3.75 22.39 30.01
CA VAL D 70 3.83 21.80 28.67
C VAL D 70 3.33 22.82 27.66
N ILE D 71 4.08 23.01 26.58
CA ILE D 71 3.57 23.73 25.42
C ILE D 71 3.56 22.76 24.24
N MET D 72 2.48 22.79 23.49
CA MET D 72 2.26 21.85 22.40
C MET D 72 2.92 22.36 21.13
N TYR D 73 3.64 21.48 20.45
CA TYR D 73 4.37 21.87 19.24
C TYR D 73 3.74 21.37 17.96
N ALA D 74 3.43 20.08 17.86
CA ALA D 74 2.87 19.55 16.63
C ALA D 74 2.00 18.33 16.91
N ILE D 75 1.01 18.14 16.06
CA ILE D 75 0.17 16.95 16.08
C ILE D 75 0.66 16.08 14.93
N LEU D 76 1.41 15.02 15.24
CA LEU D 76 2.09 14.29 14.19
C LEU D 76 1.17 13.32 13.47
N ASN D 77 0.29 12.63 14.19
CA ASN D 77 -0.55 11.62 13.58
C ASN D 77 -1.76 11.39 14.46
N VAL D 78 -2.88 11.02 13.84
CA VAL D 78 -4.09 10.60 14.54
C VAL D 78 -4.57 9.34 13.83
N ASP D 79 -4.42 8.19 14.48
CA ASP D 79 -4.93 6.92 13.95
C ASP D 79 -6.30 6.66 14.54
N GLU D 80 -7.35 6.92 13.76
CA GLU D 80 -8.70 6.68 14.25
C GLU D 80 -9.02 5.20 14.33
N LYS D 81 -8.32 4.37 13.57
CA LYS D 81 -8.54 2.93 13.64
C LYS D 81 -7.91 2.33 14.89
N ASN D 82 -6.66 2.69 15.17
CA ASN D 82 -5.93 2.13 16.29
C ASN D 82 -6.16 2.89 17.58
N GLN D 83 -6.88 4.02 17.53
CA GLN D 83 -7.18 4.89 18.68
C GLN D 83 -5.90 5.42 19.32
N VAL D 84 -4.94 5.82 18.48
CA VAL D 84 -3.60 6.21 18.94
C VAL D 84 -3.28 7.62 18.44
N LEU D 85 -2.95 8.50 19.37
CA LEU D 85 -2.53 9.86 19.08
C LEU D 85 -1.02 9.96 19.14
N THR D 86 -0.44 10.80 18.28
CA THR D 86 1.00 11.03 18.25
C THR D 86 1.27 12.52 18.18
N THR D 87 1.81 13.10 19.24
CA THR D 87 2.11 14.52 19.29
C THR D 87 3.59 14.70 19.58
N TYR D 88 3.99 15.97 19.69
CA TYR D 88 5.35 16.35 20.03
C TYR D 88 5.25 17.60 20.88
N ILE D 89 5.76 17.54 22.11
CA ILE D 89 5.62 18.67 23.02
C ILE D 89 6.99 19.16 23.43
N TRP D 90 7.01 20.34 24.04
CA TRP D 90 8.16 20.82 24.78
C TRP D 90 7.80 20.80 26.26
N TYR D 91 8.73 20.32 27.07
CA TYR D 91 8.45 19.98 28.46
C TYR D 91 9.52 20.58 29.35
N ARG D 92 9.11 21.03 30.54
CA ARG D 92 10.07 21.54 31.50
C ARG D 92 9.53 21.31 32.91
N GLN D 93 10.46 21.28 33.87
CA GLN D 93 10.12 20.92 35.24
C GLN D 93 11.21 21.43 36.16
N TYR D 94 10.84 21.75 37.40
CA TYR D 94 11.88 22.01 38.39
C TYR D 94 11.47 21.40 39.72
N TRP D 95 12.48 21.17 40.55
CA TRP D 95 12.28 20.65 41.89
C TRP D 95 13.40 21.17 42.76
N THR D 96 13.34 20.85 44.05
CA THR D 96 14.26 21.42 45.02
C THR D 96 14.96 20.27 45.73
N ASP D 97 16.28 20.36 45.88
CA ASP D 97 16.99 19.39 46.69
C ASP D 97 18.02 20.04 47.59
N GLU D 98 18.06 19.58 48.83
CA GLU D 98 18.91 20.20 49.84
C GLU D 98 20.35 19.75 49.76
N PHE D 99 20.71 18.92 48.78
CA PHE D 99 22.08 18.45 48.64
C PHE D 99 22.85 19.23 47.60
N LEU D 100 22.19 20.09 46.83
CA LEU D 100 22.80 20.88 45.77
C LEU D 100 22.79 22.36 46.12
N GLN D 101 23.07 22.69 47.37
CA GLN D 101 23.00 24.06 47.84
C GLN D 101 24.40 24.58 48.17
N TRP D 102 24.61 25.87 47.92
CA TRP D 102 25.88 26.50 48.24
C TRP D 102 25.63 27.96 48.53
N THR D 103 26.54 28.56 49.29
CA THR D 103 26.40 30.01 49.38
C THR D 103 26.96 30.64 48.12
N PRO D 104 26.27 31.63 47.53
CA PRO D 104 26.80 32.25 46.32
C PRO D 104 28.07 33.04 46.53
N GLU D 105 28.35 33.51 47.75
CA GLU D 105 29.66 34.06 48.04
C GLU D 105 30.67 32.94 48.15
N ASP D 106 31.95 33.31 48.32
CA ASP D 106 33.16 32.47 48.37
C ASP D 106 33.25 31.40 47.27
N PHE D 107 32.61 31.67 46.13
CA PHE D 107 32.79 30.94 44.89
C PHE D 107 32.79 31.90 43.73
N ASP D 108 33.24 33.14 43.98
CA ASP D 108 33.26 34.24 43.02
C ASP D 108 31.88 34.51 42.44
N ASN D 109 30.88 34.55 43.33
CA ASN D 109 29.54 35.07 43.07
C ASN D 109 28.76 34.28 42.05
N VAL D 110 29.06 33.00 41.87
CA VAL D 110 28.31 32.20 40.91
C VAL D 110 27.00 31.77 41.56
N THR D 111 25.91 31.93 40.82
CA THR D 111 24.58 31.62 41.34
C THR D 111 23.89 30.47 40.62
N LYS D 112 24.32 30.12 39.41
CA LYS D 112 23.81 28.92 38.78
C LYS D 112 24.89 28.34 37.88
N LEU D 113 24.76 27.05 37.59
CA LEU D 113 25.72 26.36 36.75
C LEU D 113 25.06 25.17 36.11
N SER D 114 25.73 24.61 35.11
CA SER D 114 25.26 23.43 34.42
C SER D 114 25.87 22.20 35.04
N ILE D 115 25.03 21.21 35.32
CA ILE D 115 25.47 19.93 35.85
C ILE D 115 24.93 18.86 34.90
N PRO D 116 25.69 17.82 34.57
CA PRO D 116 25.14 16.76 33.71
C PRO D 116 23.97 16.04 34.37
N THR D 117 23.06 15.55 33.52
CA THR D 117 21.81 15.00 34.01
C THR D 117 22.02 13.66 34.69
N ASP D 118 23.04 12.92 34.26
CA ASP D 118 23.23 11.56 34.75
C ASP D 118 23.98 11.52 36.07
N SER D 119 24.15 12.67 36.72
CA SER D 119 24.87 12.73 37.98
C SER D 119 24.02 13.23 39.13
N ILE D 120 22.73 13.51 38.91
CA ILE D 120 21.84 13.96 39.96
C ILE D 120 20.59 13.10 39.95
N TRP D 121 19.79 13.24 41.01
CA TRP D 121 18.52 12.55 41.11
C TRP D 121 17.51 13.20 40.18
N VAL D 122 16.82 12.39 39.38
CA VAL D 122 15.81 12.87 38.45
C VAL D 122 14.52 12.09 38.71
N PRO D 123 13.39 12.74 38.89
CA PRO D 123 12.14 12.00 39.15
C PRO D 123 11.64 11.29 37.90
N ASP D 124 10.87 10.22 38.13
CA ASP D 124 10.32 9.42 37.05
C ASP D 124 8.89 9.88 36.73
N ILE D 125 8.77 10.92 35.93
CA ILE D 125 7.47 11.46 35.56
C ILE D 125 7.12 10.88 34.20
N LEU D 126 6.10 10.04 34.17
CA LEU D 126 5.66 9.37 32.95
C LEU D 126 4.21 9.72 32.66
N ILE D 127 3.69 9.11 31.60
CA ILE D 127 2.33 9.32 31.14
C ILE D 127 1.59 8.00 31.27
N ASN D 128 0.36 8.04 31.79
CA ASN D 128 -0.42 6.81 31.88
C ASN D 128 -0.85 6.30 30.52
N GLU D 129 -1.05 7.17 29.54
CA GLU D 129 -1.65 6.78 28.28
C GLU D 129 -0.64 6.28 27.26
N PHE D 130 0.59 6.01 27.66
CA PHE D 130 1.60 5.48 26.74
C PHE D 130 1.19 4.14 26.16
N VAL D 131 1.47 3.97 24.88
CA VAL D 131 1.40 2.65 24.24
C VAL D 131 2.68 2.28 23.53
N ASP D 132 3.68 3.15 23.50
CA ASP D 132 4.91 2.95 22.74
C ASP D 132 5.89 4.00 23.24
N VAL D 133 7.11 3.97 22.71
CA VAL D 133 8.14 4.93 23.07
C VAL D 133 8.50 5.74 21.84
N GLY D 134 8.24 7.05 21.89
CA GLY D 134 8.64 7.94 20.82
C GLY D 134 10.11 8.32 20.97
N LYS D 135 10.75 8.57 19.83
CA LYS D 135 12.15 8.95 19.84
C LYS D 135 12.26 10.46 20.04
N SER D 136 13.04 10.86 21.03
CA SER D 136 13.21 12.26 21.36
C SER D 136 14.66 12.49 21.75
N PRO D 137 15.21 13.67 21.46
CA PRO D 137 16.61 13.92 21.81
C PRO D 137 16.80 14.06 23.30
N ASN D 138 17.89 13.49 23.81
CA ASN D 138 18.20 13.69 25.21
C ASN D 138 18.90 15.03 25.41
N ILE D 139 18.66 15.62 26.56
CA ILE D 139 19.30 16.88 26.92
C ILE D 139 20.27 16.59 28.07
N PRO D 140 21.58 16.69 27.83
CA PRO D 140 22.55 16.20 28.82
C PRO D 140 22.85 17.15 29.96
N TYR D 141 22.21 18.31 30.05
CA TYR D 141 22.57 19.26 31.10
C TYR D 141 21.31 19.78 31.77
N VAL D 142 21.44 20.18 33.04
CA VAL D 142 20.40 20.87 33.79
C VAL D 142 21.01 22.07 34.47
N TYR D 143 20.17 23.05 34.77
CA TYR D 143 20.54 24.17 35.61
C TYR D 143 20.33 23.83 37.08
N VAL D 144 21.15 24.41 37.94
CA VAL D 144 21.00 24.29 39.39
C VAL D 144 21.26 25.66 39.99
N HIS D 145 20.26 26.23 40.65
CA HIS D 145 20.48 27.48 41.35
C HIS D 145 21.07 27.24 42.73
N HIS D 146 21.39 28.34 43.41
CA HIS D 146 22.13 28.20 44.66
C HIS D 146 21.25 27.92 45.85
N ARG D 147 19.95 27.80 45.64
CA ARG D 147 19.05 27.32 46.67
C ARG D 147 18.71 25.85 46.51
N GLY D 148 19.16 25.22 45.43
CA GLY D 148 18.78 23.87 45.12
C GLY D 148 17.69 23.74 44.08
N GLU D 149 17.21 24.85 43.53
CA GLU D 149 16.20 24.79 42.48
C GLU D 149 16.87 24.31 41.21
N VAL D 150 16.67 23.04 40.87
CA VAL D 150 17.24 22.45 39.66
C VAL D 150 16.18 22.37 38.58
N GLN D 151 16.47 22.97 37.42
CA GLN D 151 15.52 23.08 36.32
C GLN D 151 15.92 22.15 35.19
N ASN D 152 14.94 21.46 34.61
CA ASN D 152 15.19 20.50 33.54
C ASN D 152 14.33 20.88 32.34
N TYR D 153 14.96 21.00 31.17
CA TYR D 153 14.29 21.32 29.92
C TYR D 153 14.50 20.16 28.97
N LYS D 154 13.41 19.62 28.41
CA LYS D 154 13.58 18.56 27.43
C LYS D 154 12.41 18.50 26.47
N PRO D 155 12.65 18.23 25.20
CA PRO D 155 11.56 17.93 24.28
C PRO D 155 11.27 16.45 24.26
N LEU D 156 10.01 16.10 24.08
CA LEU D 156 9.68 14.68 24.11
C LEU D 156 8.51 14.37 23.20
N GLN D 157 8.73 13.46 22.26
CA GLN D 157 7.69 12.89 21.42
C GLN D 157 6.95 11.83 22.22
N LEU D 158 5.63 11.90 22.19
CA LEU D 158 4.83 10.96 22.95
C LEU D 158 3.74 10.36 22.07
N VAL D 159 3.56 9.05 22.22
CA VAL D 159 2.59 8.28 21.47
C VAL D 159 1.58 7.72 22.46
N THR D 160 0.40 8.33 22.51
CA THR D 160 -0.58 7.96 23.50
C THR D 160 -1.83 7.40 22.84
N ALA D 161 -2.73 6.92 23.68
CA ALA D 161 -3.97 6.30 23.25
C ALA D 161 -5.15 7.09 23.79
N CYS D 162 -6.13 7.34 22.93
CA CYS D 162 -7.32 8.06 23.35
C CYS D 162 -8.54 7.53 22.62
N SER D 163 -9.70 7.87 23.15
CA SER D 163 -10.97 7.54 22.54
C SER D 163 -11.34 8.62 21.53
N LEU D 164 -11.57 8.21 20.29
CA LEU D 164 -11.84 9.13 19.19
C LEU D 164 -13.24 8.87 18.66
N ASP D 165 -14.07 9.91 18.63
CA ASP D 165 -15.44 9.80 18.15
C ASP D 165 -15.53 10.26 16.69
N ILE D 166 -16.07 9.39 15.85
CA ILE D 166 -16.14 9.68 14.42
C ILE D 166 -17.63 9.75 14.12
N TYR D 167 -18.40 10.33 15.03
CA TYR D 167 -19.83 10.49 14.77
C TYR D 167 -20.09 11.47 13.65
N ASN D 168 -19.20 12.44 13.47
CA ASN D 168 -19.30 13.39 12.36
C ASN D 168 -17.89 13.65 11.83
N PHE D 169 -17.55 12.99 10.71
CA PHE D 169 -16.15 12.80 10.34
C PHE D 169 -15.40 14.09 10.01
N PRO D 170 -15.84 14.97 9.09
CA PRO D 170 -15.02 16.15 8.82
C PRO D 170 -15.21 17.27 9.82
N PHE D 171 -16.27 17.28 10.62
CA PHE D 171 -16.52 18.34 11.58
C PHE D 171 -16.48 17.70 12.96
N ASP D 172 -15.30 17.60 13.57
CA ASP D 172 -15.21 16.93 14.86
C ASP D 172 -14.10 17.53 15.70
N VAL D 173 -14.38 17.71 16.98
CA VAL D 173 -13.35 18.02 17.96
C VAL D 173 -13.01 16.74 18.68
N GLN D 174 -11.76 16.65 19.14
CA GLN D 174 -11.26 15.46 19.83
C GLN D 174 -10.70 15.90 21.16
N ASN D 175 -11.02 15.16 22.20
CA ASN D 175 -10.67 15.52 23.58
C ASN D 175 -9.73 14.43 24.11
N CYS D 176 -8.44 14.68 24.06
CA CYS D 176 -7.42 13.71 24.43
C CYS D 176 -6.76 14.10 25.74
N SER D 177 -6.39 13.10 26.53
CA SER D 177 -5.83 13.32 27.85
C SER D 177 -4.36 12.94 27.88
N LEU D 178 -3.58 13.68 28.67
CA LEU D 178 -2.19 13.37 28.95
C LEU D 178 -2.05 13.44 30.47
N THR D 179 -1.90 12.31 31.13
CA THR D 179 -1.85 12.29 32.59
C THR D 179 -0.41 12.08 33.04
N PHE D 180 0.22 13.15 33.51
CA PHE D 180 1.56 13.08 34.07
C PHE D 180 1.50 12.57 35.49
N THR D 181 2.28 11.54 35.78
CA THR D 181 2.29 10.96 37.10
C THR D 181 3.64 10.29 37.33
N SER D 182 3.99 10.17 38.60
CA SER D 182 5.14 9.38 38.99
C SER D 182 4.73 7.92 38.94
N TRP D 183 5.56 7.08 38.34
CA TRP D 183 5.11 5.72 38.13
C TRP D 183 5.25 4.89 39.40
N LEU D 184 6.12 5.27 40.31
CA LEU D 184 6.35 4.50 41.52
C LEU D 184 5.98 5.24 42.79
N HIS D 185 6.47 6.46 42.96
CA HIS D 185 6.39 7.16 44.22
C HIS D 185 4.97 7.64 44.51
N THR D 186 4.61 7.64 45.79
CA THR D 186 3.28 8.06 46.22
C THR D 186 3.29 9.54 46.57
N ILE D 187 2.15 10.06 47.01
CA ILE D 187 2.00 11.51 47.13
C ILE D 187 2.67 12.05 48.39
N GLN D 188 3.07 11.19 49.32
CA GLN D 188 3.94 11.63 50.39
C GLN D 188 5.40 11.45 50.02
N ASP D 189 5.69 11.12 48.77
CA ASP D 189 7.04 10.87 48.31
C ASP D 189 7.40 11.79 47.14
N ILE D 190 6.53 11.90 46.15
CA ILE D 190 6.66 12.86 45.04
C ILE D 190 5.30 13.47 44.78
N ASN D 191 5.25 14.80 44.74
CA ASN D 191 4.05 15.58 44.51
C ASN D 191 4.22 16.41 43.26
N ILE D 192 3.13 16.68 42.54
CA ILE D 192 3.20 17.36 41.26
C ILE D 192 2.32 18.60 41.27
N THR D 193 2.92 19.76 40.98
CA THR D 193 2.18 21.00 40.81
C THR D 193 2.45 21.57 39.43
N LEU D 194 2.02 22.80 39.20
CA LEU D 194 2.30 23.48 37.94
C LEU D 194 3.40 24.52 38.09
N TRP D 195 4.09 24.77 36.98
CA TRP D 195 5.04 25.88 36.91
C TRP D 195 4.31 27.20 37.02
N ARG D 196 3.43 27.47 36.06
CA ARG D 196 2.73 28.73 35.94
C ARG D 196 1.23 28.51 36.05
N SER D 197 0.49 29.61 35.93
CA SER D 197 -0.95 29.60 36.17
C SER D 197 -1.68 28.79 35.11
N PRO D 198 -2.77 28.09 35.46
CA PRO D 198 -3.50 27.31 34.45
C PRO D 198 -4.23 28.15 33.42
N GLU D 199 -4.53 29.42 33.72
CA GLU D 199 -5.19 30.27 32.75
C GLU D 199 -4.27 30.63 31.59
N GLU D 200 -2.95 30.62 31.80
CA GLU D 200 -2.02 30.90 30.72
C GLU D 200 -1.37 29.64 30.16
N VAL D 201 -1.57 28.48 30.79
CA VAL D 201 -1.27 27.24 30.10
C VAL D 201 -2.37 26.93 29.09
N ARG D 202 -3.61 27.28 29.43
CA ARG D 202 -4.75 26.96 28.57
C ARG D 202 -4.74 27.78 27.29
N SER D 203 -4.35 29.04 27.37
CA SER D 203 -4.42 29.95 26.24
C SER D 203 -3.09 30.14 25.53
N ASP D 204 -2.29 29.09 25.41
CA ASP D 204 -0.92 29.23 24.92
C ASP D 204 -0.81 28.55 23.56
N LYS D 205 -0.77 29.35 22.50
CA LYS D 205 -0.50 28.88 21.15
C LYS D 205 0.60 29.74 20.57
N SER D 206 1.85 29.42 20.89
CA SER D 206 2.93 30.31 20.47
C SER D 206 3.78 29.66 19.40
N ILE D 207 4.07 28.37 19.56
CA ILE D 207 4.94 27.66 18.63
C ILE D 207 4.26 26.50 17.95
N PHE D 208 2.94 26.43 17.96
CA PHE D 208 2.23 25.33 17.33
C PHE D 208 2.34 25.43 15.82
N ILE D 209 2.66 24.31 15.18
CA ILE D 209 2.80 24.24 13.72
C ILE D 209 1.40 24.10 13.13
N ASN D 210 0.94 25.14 12.43
CA ASN D 210 -0.35 25.11 11.77
C ASN D 210 -0.22 24.44 10.40
N GLN D 211 -1.24 24.61 9.57
CA GLN D 211 -1.35 24.04 8.23
C GLN D 211 -1.28 22.51 8.24
N GLY D 212 -1.73 21.88 9.32
CA GLY D 212 -1.49 20.46 9.49
C GLY D 212 -2.69 19.63 9.89
N GLU D 213 -3.86 19.92 9.31
CA GLU D 213 -5.11 19.15 9.38
C GLU D 213 -5.78 19.25 10.75
N TRP D 214 -5.10 19.81 11.75
CA TRP D 214 -5.64 19.87 13.09
C TRP D 214 -5.32 21.23 13.68
N GLU D 215 -6.35 21.93 14.14
CA GLU D 215 -6.17 23.18 14.86
C GLU D 215 -6.13 22.87 16.35
N LEU D 216 -5.18 23.45 17.05
CA LEU D 216 -5.20 23.36 18.50
C LEU D 216 -6.25 24.33 19.02
N LEU D 217 -6.97 23.94 20.07
CA LEU D 217 -7.95 24.83 20.67
C LEU D 217 -7.54 25.27 22.08
N GLU D 218 -7.26 24.32 22.96
CA GLU D 218 -6.78 24.62 24.30
C GLU D 218 -6.11 23.39 24.88
N VAL D 219 -5.23 23.63 25.85
CA VAL D 219 -4.53 22.60 26.60
C VAL D 219 -4.85 22.87 28.06
N PHE D 220 -5.84 22.18 28.61
CA PHE D 220 -6.38 22.54 29.91
C PHE D 220 -5.84 21.61 30.98
N PRO D 221 -5.12 22.12 31.99
CA PRO D 221 -4.59 21.25 33.04
C PRO D 221 -5.59 21.03 34.16
N GLN D 222 -5.39 19.93 34.88
CA GLN D 222 -6.31 19.52 35.94
C GLN D 222 -5.57 18.62 36.91
N PHE D 223 -5.63 18.94 38.19
CA PHE D 223 -4.95 18.13 39.20
C PHE D 223 -5.92 17.16 39.84
N LYS D 224 -5.50 15.90 39.95
CA LYS D 224 -6.29 14.87 40.61
C LYS D 224 -5.37 14.00 41.45
N GLU D 225 -5.80 13.65 42.65
CA GLU D 225 -5.08 12.69 43.48
C GLU D 225 -5.73 11.32 43.32
N PHE D 226 -5.05 10.43 42.60
CA PHE D 226 -5.55 9.08 42.36
C PHE D 226 -5.19 8.22 43.55
N SER D 227 -6.20 7.66 44.21
CA SER D 227 -5.99 6.73 45.31
C SER D 227 -6.37 5.33 44.81
N ILE D 228 -5.37 4.46 44.71
CA ILE D 228 -5.62 3.12 44.21
C ILE D 228 -6.35 2.29 45.26
N ASP D 229 -6.09 2.55 46.54
CA ASP D 229 -6.79 2.00 47.68
C ASP D 229 -6.54 2.92 48.85
N ILE D 230 -6.79 2.44 50.07
CA ILE D 230 -6.39 3.20 51.24
C ILE D 230 -4.86 3.13 51.37
N SER D 231 -4.27 4.22 51.85
CA SER D 231 -2.87 4.38 52.22
C SER D 231 -1.89 4.22 51.05
N ASN D 232 -2.37 4.29 49.81
CA ASN D 232 -1.51 4.38 48.62
C ASN D 232 -2.22 5.30 47.65
N SER D 233 -1.81 6.56 47.63
CA SER D 233 -2.38 7.53 46.72
C SER D 233 -1.28 8.17 45.91
N TYR D 234 -1.61 8.53 44.68
CA TYR D 234 -0.64 9.01 43.70
C TYR D 234 -1.07 10.37 43.21
N ALA D 235 -0.11 11.25 42.96
CA ALA D 235 -0.38 12.57 42.43
C ALA D 235 -0.39 12.49 40.91
N GLU D 236 -1.42 13.05 40.30
CA GLU D 236 -1.55 13.06 38.85
C GLU D 236 -1.88 14.47 38.38
N MET D 237 -1.24 14.87 37.28
CA MET D 237 -1.53 16.15 36.65
C MET D 237 -2.02 15.84 35.25
N LYS D 238 -3.25 16.20 34.95
CA LYS D 238 -3.93 15.74 33.75
C LYS D 238 -4.14 16.91 32.82
N PHE D 239 -3.53 16.84 31.64
CA PHE D 239 -3.69 17.83 30.58
C PHE D 239 -4.69 17.31 29.57
N TYR D 240 -5.69 18.12 29.25
CA TYR D 240 -6.66 17.81 28.21
C TYR D 240 -6.34 18.65 27.00
N VAL D 241 -5.83 18.02 25.95
CA VAL D 241 -5.65 18.71 24.68
C VAL D 241 -6.92 18.55 23.87
N ILE D 242 -7.34 19.64 23.21
CA ILE D 242 -8.56 19.66 22.42
C ILE D 242 -8.20 20.13 21.03
N ILE D 243 -8.39 19.28 20.04
CA ILE D 243 -8.01 19.59 18.67
C ILE D 243 -9.23 19.46 17.78
N ARG D 244 -9.28 20.31 16.75
CA ARG D 244 -10.39 20.31 15.80
C ARG D 244 -9.86 20.09 14.40
N ARG D 245 -10.49 19.20 13.66
CA ARG D 245 -10.07 18.91 12.30
C ARG D 245 -10.51 20.03 11.37
N ARG D 246 -9.63 20.40 10.44
CA ARG D 246 -9.98 21.34 9.40
C ARG D 246 -10.73 20.61 8.30
N PRO D 247 -12.02 20.90 8.08
CA PRO D 247 -12.83 20.09 7.17
C PRO D 247 -12.62 20.37 5.68
N LEU D 248 -11.63 21.18 5.31
CA LEU D 248 -11.47 21.58 3.92
C LEU D 248 -10.91 20.45 3.07
N PHE D 249 -10.27 19.45 3.68
CA PHE D 249 -9.67 18.38 2.91
C PHE D 249 -10.74 17.48 2.30
N TYR D 250 -11.76 17.16 3.09
CA TYR D 250 -12.78 16.20 2.71
C TYR D 250 -14.01 16.87 2.12
N ALA D 251 -13.84 18.09 1.60
CA ALA D 251 -14.88 18.79 0.85
C ALA D 251 -14.57 18.86 -0.63
N VAL D 252 -13.35 18.53 -1.04
CA VAL D 252 -13.02 18.39 -2.44
C VAL D 252 -12.85 16.93 -2.83
N SER D 253 -12.65 16.02 -1.87
CA SER D 253 -12.51 14.62 -2.14
C SER D 253 -13.79 13.83 -1.92
N LEU D 254 -14.80 14.45 -1.31
CA LEU D 254 -16.09 13.81 -1.08
C LEU D 254 -17.25 14.55 -1.72
N LEU D 255 -17.31 15.87 -1.51
CA LEU D 255 -18.48 16.61 -1.96
C LEU D 255 -18.44 16.85 -3.46
N LEU D 256 -17.25 16.86 -4.07
CA LEU D 256 -17.17 17.20 -5.48
C LEU D 256 -17.66 16.08 -6.39
N PRO D 257 -17.22 14.81 -6.28
CA PRO D 257 -17.78 13.80 -7.19
C PRO D 257 -19.23 13.41 -6.90
N SER D 258 -19.69 13.53 -5.65
CA SER D 258 -21.07 13.20 -5.34
C SER D 258 -22.05 14.22 -5.93
N ILE D 259 -21.72 15.50 -5.80
CA ILE D 259 -22.52 16.54 -6.45
C ILE D 259 -22.30 16.49 -7.95
N PHE D 260 -21.14 16.00 -8.39
CA PHE D 260 -20.85 15.95 -9.81
C PHE D 260 -21.66 14.87 -10.53
N LEU D 261 -21.83 13.70 -9.93
CA LEU D 261 -22.54 12.65 -10.65
C LEU D 261 -24.05 12.77 -10.58
N MET D 262 -24.58 13.86 -10.01
CA MET D 262 -25.99 14.16 -10.18
C MET D 262 -26.28 14.88 -11.48
N VAL D 263 -25.36 15.75 -11.93
CA VAL D 263 -25.63 16.48 -13.17
C VAL D 263 -25.52 15.56 -14.36
N VAL D 264 -24.79 14.45 -14.26
CA VAL D 264 -24.76 13.48 -15.35
C VAL D 264 -26.09 12.74 -15.43
N ASP D 265 -26.73 12.45 -14.30
CA ASP D 265 -28.12 11.94 -14.29
C ASP D 265 -29.08 12.92 -14.92
N ILE D 266 -29.01 14.19 -14.52
CA ILE D 266 -29.94 15.20 -15.00
C ILE D 266 -29.78 15.42 -16.51
N VAL D 267 -28.56 15.31 -17.01
CA VAL D 267 -28.39 15.32 -18.46
C VAL D 267 -28.92 14.03 -19.07
N GLY D 268 -28.72 12.89 -18.41
CA GLY D 268 -29.11 11.61 -18.98
C GLY D 268 -30.59 11.34 -19.00
N PHE D 269 -31.39 12.12 -18.29
CA PHE D 269 -32.83 12.03 -18.48
C PHE D 269 -33.30 12.57 -19.81
N CYS D 270 -32.51 13.39 -20.49
CA CYS D 270 -32.95 13.97 -21.74
C CYS D 270 -32.83 13.01 -22.93
N LEU D 271 -32.24 11.84 -22.72
CA LEU D 271 -32.30 10.81 -23.75
C LEU D 271 -33.74 10.32 -23.91
N PRO D 272 -34.19 10.09 -25.14
CA PRO D 272 -35.50 9.51 -25.33
C PRO D 272 -35.51 8.05 -24.94
N PRO D 273 -36.53 7.60 -24.22
CA PRO D 273 -36.47 6.27 -23.58
C PRO D 273 -36.55 5.11 -24.55
N ASP D 274 -37.13 5.29 -25.73
CA ASP D 274 -37.20 4.21 -26.70
C ASP D 274 -35.97 4.11 -27.58
N SER D 275 -34.84 4.65 -27.16
CA SER D 275 -33.60 4.53 -27.92
C SER D 275 -32.88 3.22 -27.60
N GLY D 276 -32.84 2.84 -26.33
CA GLY D 276 -32.21 1.62 -25.89
C GLY D 276 -30.91 1.86 -25.12
N GLU D 277 -30.23 2.97 -25.39
CA GLU D 277 -28.99 3.27 -24.69
C GLU D 277 -29.21 4.08 -23.42
N ARG D 278 -30.45 4.38 -23.06
CA ARG D 278 -30.70 5.09 -21.81
C ARG D 278 -30.46 4.18 -20.60
N VAL D 279 -30.86 2.92 -20.71
CA VAL D 279 -30.61 1.96 -19.65
C VAL D 279 -29.11 1.68 -19.53
N SER D 280 -28.43 1.56 -20.67
CA SER D 280 -26.99 1.39 -20.67
C SER D 280 -26.26 2.62 -20.16
N PHE D 281 -26.86 3.80 -20.30
CA PHE D 281 -26.32 5.00 -19.67
C PHE D 281 -26.43 4.92 -18.17
N LYS D 282 -27.63 4.61 -17.66
CA LYS D 282 -27.89 4.67 -16.23
C LYS D 282 -27.12 3.60 -15.47
N ILE D 283 -26.99 2.40 -16.04
CA ILE D 283 -26.27 1.37 -15.30
C ILE D 283 -24.77 1.63 -15.33
N THR D 284 -24.27 2.27 -16.39
CA THR D 284 -22.87 2.65 -16.43
C THR D 284 -22.57 3.72 -15.39
N LEU D 285 -23.49 4.66 -15.22
CA LEU D 285 -23.28 5.69 -14.20
C LEU D 285 -23.40 5.14 -12.79
N LEU D 286 -24.29 4.17 -12.58
CA LEU D 286 -24.37 3.50 -11.28
C LEU D 286 -23.12 2.68 -10.98
N LEU D 287 -22.55 2.02 -11.99
CA LEU D 287 -21.25 1.36 -11.86
C LEU D 287 -20.16 2.35 -11.47
N GLY D 288 -20.14 3.51 -12.14
CA GLY D 288 -19.16 4.53 -11.86
C GLY D 288 -19.25 5.13 -10.48
N TYR D 289 -20.45 5.17 -9.90
CA TYR D 289 -20.54 5.64 -8.51
C TYR D 289 -20.30 4.53 -7.51
N SER D 290 -20.61 3.28 -7.87
CA SER D 290 -20.35 2.17 -6.99
C SER D 290 -18.86 1.89 -6.85
N VAL D 291 -18.09 2.15 -7.89
CA VAL D 291 -16.64 2.14 -7.75
C VAL D 291 -16.18 3.26 -6.83
N PHE D 292 -16.81 4.44 -6.94
CA PHE D 292 -16.42 5.61 -6.16
C PHE D 292 -16.61 5.42 -4.66
N LEU D 293 -17.74 4.82 -4.26
CA LEU D 293 -17.99 4.59 -2.84
C LEU D 293 -16.94 3.69 -2.21
N ILE D 294 -16.57 2.63 -2.91
CA ILE D 294 -15.59 1.70 -2.36
C ILE D 294 -14.20 2.30 -2.36
N ILE D 295 -13.85 3.07 -3.41
CA ILE D 295 -12.52 3.66 -3.47
C ILE D 295 -12.38 4.86 -2.54
N VAL D 296 -13.49 5.39 -2.02
CA VAL D 296 -13.42 6.37 -0.92
C VAL D 296 -13.39 5.69 0.44
N SER D 297 -14.18 4.63 0.63
CA SER D 297 -14.41 4.05 1.95
C SER D 297 -13.18 3.43 2.59
N ASP D 298 -12.07 3.28 1.85
CA ASP D 298 -10.84 2.82 2.47
C ASP D 298 -10.08 3.95 3.17
N THR D 299 -10.09 5.15 2.60
CA THR D 299 -9.34 6.28 3.17
C THR D 299 -10.16 7.09 4.18
N LEU D 300 -11.35 6.62 4.55
CA LEU D 300 -12.13 7.27 5.59
C LEU D 300 -12.46 6.25 6.67
N PRO D 301 -11.94 6.41 7.88
CA PRO D 301 -12.13 5.38 8.91
C PRO D 301 -13.51 5.47 9.54
N ALA D 302 -13.83 4.41 10.28
CA ALA D 302 -15.12 4.29 10.96
C ALA D 302 -14.94 3.34 12.13
N THR D 303 -15.12 3.84 13.35
CA THR D 303 -14.73 3.07 14.53
C THR D 303 -15.74 3.24 15.66
N ALA D 304 -16.23 2.10 16.16
CA ALA D 304 -17.04 1.88 17.36
C ALA D 304 -18.46 2.41 17.25
N ILE D 305 -18.82 3.09 16.18
CA ILE D 305 -20.17 3.61 16.00
C ILE D 305 -20.88 2.94 14.84
N GLY D 306 -20.15 2.46 13.85
CA GLY D 306 -20.74 2.09 12.59
C GLY D 306 -20.33 3.10 11.54
N THR D 307 -21.20 4.03 11.25
CA THR D 307 -20.84 5.06 10.30
C THR D 307 -21.14 6.45 10.88
N PRO D 308 -20.44 7.48 10.42
CA PRO D 308 -20.88 8.85 10.68
C PRO D 308 -22.08 9.24 9.83
N LEU D 309 -22.44 10.52 9.88
CA LEU D 309 -23.57 11.01 9.11
C LEU D 309 -23.23 11.11 7.62
N ILE D 310 -21.95 11.16 7.27
CA ILE D 310 -21.53 11.15 5.87
C ILE D 310 -21.95 9.85 5.20
N GLY D 311 -21.85 8.74 5.91
CA GLY D 311 -22.35 7.48 5.41
C GLY D 311 -23.85 7.46 5.19
N VAL D 312 -24.61 8.21 5.99
CA VAL D 312 -26.05 8.31 5.77
C VAL D 312 -26.33 9.15 4.53
N TYR D 313 -25.57 10.22 4.34
CA TYR D 313 -25.77 11.08 3.17
C TYR D 313 -25.40 10.38 1.87
N PHE D 314 -24.39 9.49 1.90
CA PHE D 314 -24.10 8.68 0.73
C PHE D 314 -25.18 7.64 0.44
N VAL D 315 -25.80 7.06 1.46
CA VAL D 315 -26.89 6.12 1.24
C VAL D 315 -28.10 6.84 0.66
N VAL D 316 -28.36 8.07 1.08
CA VAL D 316 -29.43 8.84 0.45
C VAL D 316 -29.07 9.21 -1.00
N CYS D 317 -27.79 9.50 -1.25
CA CYS D 317 -27.34 9.77 -2.62
C CYS D 317 -27.49 8.56 -3.53
N MET D 318 -27.33 7.35 -2.98
CA MET D 318 -27.60 6.13 -3.72
C MET D 318 -29.08 5.81 -3.86
N ALA D 319 -29.89 6.17 -2.86
CA ALA D 319 -31.33 5.96 -2.96
C ALA D 319 -31.97 6.88 -3.99
N LEU D 320 -31.40 8.05 -4.24
CA LEU D 320 -31.86 8.86 -5.37
C LEU D 320 -31.49 8.25 -6.71
N LEU D 321 -30.30 7.70 -6.84
CA LEU D 321 -29.83 7.14 -8.09
C LEU D 321 -30.51 5.83 -8.45
N VAL D 322 -30.90 5.03 -7.46
CA VAL D 322 -31.60 3.78 -7.75
C VAL D 322 -33.02 4.07 -8.24
N ILE D 323 -33.71 5.05 -7.67
CA ILE D 323 -35.04 5.35 -8.21
C ILE D 323 -34.93 6.09 -9.53
N SER D 324 -33.83 6.80 -9.76
CA SER D 324 -33.56 7.32 -11.09
C SER D 324 -33.38 6.21 -12.11
N LEU D 325 -32.81 5.08 -11.69
CA LEU D 325 -32.67 3.93 -12.59
C LEU D 325 -34.01 3.24 -12.79
N ALA D 326 -34.76 3.04 -11.71
CA ALA D 326 -36.02 2.32 -11.76
C ALA D 326 -37.10 3.08 -12.52
N GLU D 327 -37.03 4.41 -12.54
CA GLU D 327 -37.93 5.19 -13.38
C GLU D 327 -37.68 4.94 -14.85
N THR D 328 -36.41 4.87 -15.26
CA THR D 328 -36.11 4.57 -16.65
C THR D 328 -36.50 3.15 -17.00
N ILE D 329 -36.33 2.21 -16.07
CA ILE D 329 -36.77 0.83 -16.31
C ILE D 329 -38.28 0.78 -16.49
N PHE D 330 -39.03 1.54 -15.69
CA PHE D 330 -40.48 1.58 -15.82
C PHE D 330 -40.93 2.21 -17.14
N ILE D 331 -40.27 3.28 -17.59
CA ILE D 331 -40.68 3.90 -18.85
C ILE D 331 -40.31 3.02 -20.04
N VAL D 332 -39.14 2.37 -20.00
CA VAL D 332 -38.74 1.48 -21.08
C VAL D 332 -39.64 0.25 -21.15
N ARG D 333 -40.10 -0.23 -20.00
CA ARG D 333 -41.13 -1.27 -20.00
C ARG D 333 -42.44 -0.75 -20.57
N LEU D 334 -42.77 0.50 -20.28
CA LEU D 334 -44.03 1.07 -20.73
C LEU D 334 -44.01 1.42 -22.20
N VAL D 335 -42.83 1.65 -22.78
CA VAL D 335 -42.69 2.09 -24.17
C VAL D 335 -41.89 1.03 -24.90
N HIS D 336 -42.56 0.20 -25.68
CA HIS D 336 -41.92 -0.89 -26.41
C HIS D 336 -42.93 -1.37 -27.44
N LYS D 337 -42.55 -2.35 -28.25
CA LYS D 337 -43.45 -2.99 -29.20
C LYS D 337 -43.54 -4.48 -28.85
N GLN D 338 -44.50 -4.83 -28.00
CA GLN D 338 -44.53 -6.17 -27.43
C GLN D 338 -45.88 -6.86 -27.67
N ASP D 339 -46.39 -6.74 -28.91
CA ASP D 339 -47.73 -7.07 -29.40
C ASP D 339 -48.84 -6.71 -28.40
N LEU D 340 -48.69 -5.53 -27.81
CA LEU D 340 -49.46 -5.15 -26.65
C LEU D 340 -50.83 -4.62 -27.04
N GLN D 341 -51.71 -4.53 -26.05
CA GLN D 341 -53.09 -4.15 -26.28
C GLN D 341 -53.22 -2.63 -26.31
N ARG D 342 -54.44 -2.15 -26.43
CA ARG D 342 -54.72 -0.72 -26.53
C ARG D 342 -54.52 -0.07 -25.16
N PRO D 343 -54.23 1.23 -25.13
CA PRO D 343 -54.18 1.93 -23.84
C PRO D 343 -55.56 2.06 -23.25
N VAL D 344 -55.63 1.89 -21.95
CA VAL D 344 -56.93 1.76 -21.26
C VAL D 344 -57.60 3.12 -21.21
N PRO D 345 -58.87 3.25 -21.62
CA PRO D 345 -59.54 4.56 -21.58
C PRO D 345 -59.83 5.04 -20.17
N ASP D 346 -59.80 4.15 -19.18
CA ASP D 346 -59.76 4.58 -17.78
C ASP D 346 -58.52 5.41 -17.51
N TRP D 347 -57.39 5.04 -18.12
CA TRP D 347 -56.12 5.69 -17.86
C TRP D 347 -55.61 6.45 -19.08
N LEU D 348 -56.47 6.73 -20.05
CA LEU D 348 -56.14 7.58 -21.18
C LEU D 348 -56.58 9.01 -20.92
N ARG D 349 -57.82 9.18 -20.49
CA ARG D 349 -58.32 10.49 -20.08
C ARG D 349 -57.89 10.84 -18.66
N HIS D 350 -57.34 9.88 -17.93
CA HIS D 350 -56.68 10.14 -16.66
C HIS D 350 -55.32 10.81 -16.87
N LEU D 351 -54.79 10.75 -18.08
CA LEU D 351 -53.38 11.02 -18.28
C LEU D 351 -53.08 11.97 -19.43
N VAL D 352 -53.92 12.04 -20.45
CA VAL D 352 -53.65 12.92 -21.58
C VAL D 352 -54.49 14.18 -21.43
N LEU D 353 -55.76 14.01 -21.08
CA LEU D 353 -56.61 15.17 -20.82
C LEU D 353 -56.36 15.79 -19.46
N ASP D 354 -55.68 15.10 -18.55
CA ASP D 354 -55.44 15.68 -17.24
C ASP D 354 -54.07 16.33 -17.15
N ARG D 355 -53.01 15.62 -17.52
CA ARG D 355 -51.65 16.11 -17.33
C ARG D 355 -51.26 17.23 -18.29
N ILE D 356 -52.11 17.58 -19.25
CA ILE D 356 -51.93 18.83 -19.98
C ILE D 356 -52.60 20.00 -19.28
N ALA D 357 -53.18 19.77 -18.10
CA ALA D 357 -53.78 20.84 -17.30
C ALA D 357 -53.36 20.83 -15.84
N TRP D 358 -52.85 19.71 -15.33
CA TRP D 358 -52.24 19.70 -14.01
C TRP D 358 -50.93 20.47 -14.01
N ILE D 359 -49.98 20.03 -14.83
CA ILE D 359 -48.67 20.69 -14.89
C ILE D 359 -48.35 21.12 -16.31
N LEU D 360 -48.21 20.16 -17.22
CA LEU D 360 -47.65 20.46 -18.53
C LEU D 360 -48.74 21.00 -19.46
N CYS D 361 -48.41 21.06 -20.75
CA CYS D 361 -49.37 21.46 -21.77
C CYS D 361 -49.25 20.56 -22.99
N LEU D 362 -50.16 20.70 -23.95
CA LEU D 362 -50.12 19.90 -25.18
C LEU D 362 -48.96 20.35 -26.07
N LEU D 424 -67.13 -13.08 -64.12
CA LEU D 424 -66.99 -13.60 -62.77
C LEU D 424 -65.65 -13.17 -62.17
N ALA D 425 -64.77 -12.66 -63.02
CA ALA D 425 -63.42 -12.33 -62.59
C ALA D 425 -63.34 -11.06 -61.77
N VAL D 426 -64.29 -10.13 -61.93
CA VAL D 426 -64.27 -8.88 -61.17
C VAL D 426 -64.50 -9.15 -59.69
N ARG D 427 -65.36 -10.13 -59.37
CA ARG D 427 -65.56 -10.56 -57.99
C ARG D 427 -64.29 -11.20 -57.42
N GLY D 428 -63.57 -11.95 -58.25
CA GLY D 428 -62.31 -12.54 -57.81
C GLY D 428 -61.26 -11.49 -57.52
N LEU D 429 -61.13 -10.48 -58.39
CA LEU D 429 -60.21 -9.39 -58.14
C LEU D 429 -60.61 -8.57 -56.92
N LEU D 430 -61.90 -8.38 -56.67
CA LEU D 430 -62.32 -7.72 -55.44
C LEU D 430 -61.92 -8.52 -54.21
N GLN D 431 -62.08 -9.85 -54.26
CA GLN D 431 -61.65 -10.68 -53.13
C GLN D 431 -60.13 -10.72 -53.00
N GLU D 432 -59.40 -10.49 -54.08
CA GLU D 432 -57.95 -10.43 -53.97
C GLU D 432 -57.50 -9.11 -53.36
N LEU D 433 -58.16 -8.00 -53.71
CA LEU D 433 -57.75 -6.70 -53.19
C LEU D 433 -58.16 -6.50 -51.74
N SER D 434 -59.30 -7.05 -51.32
CA SER D 434 -59.74 -6.91 -49.94
C SER D 434 -58.79 -7.58 -48.96
N SER D 435 -58.14 -8.67 -49.37
CA SER D 435 -57.15 -9.32 -48.52
C SER D 435 -55.89 -8.47 -48.36
N ILE D 436 -55.50 -7.74 -49.39
CA ILE D 436 -54.32 -6.87 -49.30
C ILE D 436 -54.64 -5.67 -48.42
N ARG D 437 -55.85 -5.12 -48.55
CA ARG D 437 -56.29 -4.05 -47.65
C ARG D 437 -56.34 -4.53 -46.21
N HIS D 438 -56.78 -5.77 -45.98
CA HIS D 438 -56.82 -6.29 -44.62
C HIS D 438 -55.43 -6.57 -44.08
N PHE D 439 -54.50 -6.99 -44.92
CA PHE D 439 -53.12 -7.20 -44.48
C PHE D 439 -52.40 -5.90 -44.18
N LEU D 440 -52.84 -4.79 -44.79
CA LEU D 440 -52.23 -3.51 -44.43
C LEU D 440 -52.89 -2.81 -43.25
N GLU D 441 -54.21 -2.94 -43.08
CA GLU D 441 -54.86 -2.21 -42.01
C GLU D 441 -54.50 -2.74 -40.63
N LYS D 442 -54.14 -4.03 -40.52
CA LYS D 442 -53.71 -4.53 -39.21
C LYS D 442 -52.33 -4.03 -38.84
N ARG D 443 -51.42 -3.89 -39.81
CA ARG D 443 -50.14 -3.24 -39.54
C ARG D 443 -50.32 -1.78 -39.16
N ASP D 444 -51.27 -1.10 -39.81
CA ASP D 444 -51.58 0.29 -39.46
C ASP D 444 -52.11 0.40 -38.04
N GLU D 445 -53.02 -0.51 -37.65
CA GLU D 445 -53.56 -0.49 -36.29
C GLU D 445 -52.50 -0.81 -35.25
N MET D 446 -51.63 -1.79 -35.53
CA MET D 446 -50.56 -2.10 -34.60
C MET D 446 -49.51 -1.01 -34.51
N ARG D 447 -49.41 -0.14 -35.51
CA ARG D 447 -48.56 1.03 -35.32
C ARG D 447 -49.26 2.15 -34.55
N GLU D 448 -50.57 2.31 -34.71
CA GLU D 448 -51.26 3.35 -33.96
C GLU D 448 -51.34 3.04 -32.47
N VAL D 449 -51.44 1.75 -32.12
CA VAL D 449 -51.39 1.36 -30.72
C VAL D 449 -50.04 1.70 -30.09
N ALA D 450 -48.97 1.42 -30.83
CA ALA D 450 -47.63 1.76 -30.36
C ALA D 450 -47.42 3.26 -30.25
N ARG D 451 -48.02 4.04 -31.16
CA ARG D 451 -47.95 5.49 -31.02
C ARG D 451 -48.70 6.01 -29.82
N ASP D 452 -49.82 5.40 -29.45
CA ASP D 452 -50.53 5.85 -28.26
C ASP D 452 -49.75 5.52 -26.99
N TRP D 453 -49.12 4.35 -26.93
CA TRP D 453 -48.28 4.05 -25.77
C TRP D 453 -47.04 4.93 -25.72
N LEU D 454 -46.48 5.27 -26.89
CA LEU D 454 -45.37 6.22 -26.93
C LEU D 454 -45.80 7.62 -26.49
N ARG D 455 -47.05 7.97 -26.75
CA ARG D 455 -47.56 9.26 -26.27
C ARG D 455 -47.74 9.27 -24.76
N VAL D 456 -48.17 8.15 -24.17
CA VAL D 456 -48.29 8.08 -22.71
C VAL D 456 -46.92 8.14 -22.05
N GLY D 457 -45.94 7.45 -22.64
CA GLY D 457 -44.61 7.37 -22.06
C GLY D 457 -43.86 8.68 -21.96
N TYR D 458 -44.04 9.57 -22.93
CA TYR D 458 -43.35 10.86 -22.87
C TYR D 458 -43.93 11.81 -21.83
N VAL D 459 -45.25 11.77 -21.64
CA VAL D 459 -45.88 12.56 -20.59
C VAL D 459 -45.41 12.07 -19.22
N LEU D 460 -45.33 10.74 -19.04
CA LEU D 460 -44.81 10.22 -17.77
C LEU D 460 -43.34 10.54 -17.58
N ASP D 461 -42.55 10.52 -18.66
CA ASP D 461 -41.13 10.84 -18.55
C ASP D 461 -40.91 12.32 -18.27
N ARG D 462 -41.84 13.18 -18.65
CA ARG D 462 -41.73 14.56 -18.23
C ARG D 462 -42.12 14.78 -16.78
N LEU D 463 -43.23 14.17 -16.35
CA LEU D 463 -43.71 14.33 -14.97
C LEU D 463 -42.71 13.79 -13.95
N LEU D 464 -42.18 12.59 -14.20
CA LEU D 464 -41.23 12.02 -13.27
C LEU D 464 -39.90 12.76 -13.26
N PHE D 465 -39.53 13.36 -14.39
CA PHE D 465 -38.34 14.21 -14.41
C PHE D 465 -38.53 15.46 -13.58
N ARG D 466 -39.72 16.07 -13.63
CA ARG D 466 -39.99 17.22 -12.76
C ARG D 466 -39.96 16.84 -11.28
N ILE D 467 -40.55 15.70 -10.93
CA ILE D 467 -40.54 15.24 -9.53
C ILE D 467 -39.13 14.94 -9.06
N TYR D 468 -38.33 14.29 -9.90
CA TYR D 468 -36.94 13.99 -9.54
C TYR D 468 -36.11 15.26 -9.40
N LEU D 469 -36.32 16.24 -10.28
CA LEU D 469 -35.56 17.47 -10.21
C LEU D 469 -35.89 18.26 -8.96
N LEU D 470 -37.18 18.35 -8.60
CA LEU D 470 -37.55 19.00 -7.35
C LEU D 470 -37.08 18.25 -6.11
N ALA D 471 -37.02 16.91 -6.16
CA ALA D 471 -36.48 16.15 -5.04
C ALA D 471 -34.98 16.37 -4.85
N VAL D 472 -34.22 16.42 -5.95
CA VAL D 472 -32.79 16.70 -5.85
C VAL D 472 -32.54 18.13 -5.35
N LEU D 473 -33.36 19.07 -5.80
CA LEU D 473 -33.21 20.46 -5.35
C LEU D 473 -33.56 20.61 -3.87
N ALA D 474 -34.62 19.94 -3.41
CA ALA D 474 -34.98 19.97 -2.00
C ALA D 474 -33.97 19.25 -1.11
N TYR D 475 -33.28 18.25 -1.63
CA TYR D 475 -32.18 17.64 -0.88
C TYR D 475 -30.97 18.54 -0.81
N SER D 476 -30.64 19.22 -1.92
CA SER D 476 -29.47 20.09 -1.94
C SER D 476 -29.64 21.30 -1.04
N ILE D 477 -30.83 21.90 -0.98
CA ILE D 477 -31.00 23.04 -0.09
C ILE D 477 -31.00 22.64 1.38
N THR D 478 -31.46 21.42 1.69
CA THR D 478 -31.34 20.90 3.05
C THR D 478 -29.87 20.70 3.44
N LEU D 479 -29.07 20.19 2.51
CA LEU D 479 -27.64 20.03 2.77
C LEU D 479 -26.93 21.37 2.97
N VAL D 480 -27.30 22.39 2.17
CA VAL D 480 -26.72 23.71 2.32
C VAL D 480 -27.12 24.36 3.64
N THR D 481 -28.41 24.26 4.01
CA THR D 481 -28.84 24.87 5.26
C THR D 481 -28.40 24.09 6.49
N LEU D 482 -27.94 22.84 6.34
CA LEU D 482 -27.24 22.19 7.44
C LEU D 482 -25.77 22.56 7.51
N TRP D 483 -25.14 22.85 6.38
CA TRP D 483 -23.77 23.34 6.42
C TRP D 483 -23.66 24.75 6.98
N SER D 484 -24.64 25.61 6.67
CA SER D 484 -24.55 27.02 7.06
C SER D 484 -24.78 27.24 8.55
N ILE D 485 -25.44 26.29 9.23
CA ILE D 485 -25.55 26.37 10.69
C ILE D 485 -24.19 26.16 11.33
N TRP D 486 -23.40 25.23 10.80
CA TRP D 486 -22.04 25.03 11.29
C TRP D 486 -21.15 26.22 10.94
N HIS D 487 -21.24 26.72 9.70
CA HIS D 487 -20.29 27.73 9.23
C HIS D 487 -20.47 29.08 9.92
N TYR D 488 -21.69 29.42 10.31
CA TYR D 488 -21.95 30.71 10.96
C TYR D 488 -21.52 30.65 12.41
N SER D 489 -20.59 31.53 12.78
CA SER D 489 -19.96 31.62 14.10
C SER D 489 -19.34 30.29 14.55
N THR E 34 62.93 14.19 33.53
CA THR E 34 61.89 13.56 32.72
C THR E 34 62.47 12.53 31.78
N THR E 35 61.60 11.92 30.98
CA THR E 35 62.01 10.88 30.03
C THR E 35 61.11 10.95 28.81
N GLN E 36 61.15 9.89 28.01
CA GLN E 36 60.34 9.80 26.79
C GLN E 36 59.71 8.42 26.68
N PRO E 37 58.54 8.20 27.27
CA PRO E 37 57.77 7.01 26.89
C PRO E 37 57.29 7.10 25.45
N ALA E 38 56.50 8.13 25.16
CA ALA E 38 55.98 8.49 23.85
C ALA E 38 55.36 9.87 24.02
N LEU E 39 54.55 10.28 23.05
CA LEU E 39 53.73 11.48 23.23
C LEU E 39 52.26 11.13 23.46
N LEU E 40 52.03 10.07 24.22
CA LEU E 40 50.79 9.88 24.94
C LEU E 40 50.86 10.51 26.32
N ARG E 41 52.03 10.95 26.74
CA ARG E 41 52.16 11.66 28.01
C ARG E 41 51.56 13.06 27.95
N LEU E 42 51.36 13.61 26.76
CA LEU E 42 50.56 14.82 26.66
C LEU E 42 49.11 14.54 27.02
N SER E 43 48.53 13.49 26.44
CA SER E 43 47.17 13.11 26.77
C SER E 43 47.03 12.65 28.21
N ASP E 44 48.09 12.10 28.79
CA ASP E 44 48.12 11.86 30.23
C ASP E 44 48.16 13.17 31.00
N HIS E 45 48.81 14.19 30.46
CA HIS E 45 48.94 15.46 31.16
C HIS E 45 47.63 16.23 31.23
N LEU E 46 46.87 16.29 30.15
CA LEU E 46 45.75 17.21 30.11
C LEU E 46 44.39 16.52 30.18
N LEU E 47 44.35 15.22 30.45
CA LEU E 47 43.10 14.52 30.77
C LEU E 47 43.18 13.77 32.08
N ALA E 48 44.17 14.07 32.92
CA ALA E 48 44.28 13.39 34.20
C ALA E 48 43.22 13.88 35.18
N ASN E 49 43.25 15.17 35.50
CA ASN E 49 42.30 15.78 36.42
C ASN E 49 41.27 16.63 35.70
N TYR E 50 40.80 16.19 34.55
CA TYR E 50 39.85 16.96 33.76
C TYR E 50 38.44 16.51 34.07
N LYS E 51 37.54 17.49 34.26
CA LYS E 51 36.15 17.23 34.58
C LYS E 51 35.29 17.60 33.39
N LYS E 52 34.68 16.60 32.77
CA LYS E 52 33.89 16.81 31.57
C LYS E 52 32.49 17.32 31.85
N GLY E 53 32.16 17.63 33.10
CA GLY E 53 30.85 18.13 33.41
C GLY E 53 30.78 19.64 33.45
N VAL E 54 31.90 20.30 33.70
CA VAL E 54 31.88 21.73 33.89
C VAL E 54 31.96 22.44 32.54
N ARG E 55 31.34 23.61 32.45
CA ARG E 55 31.51 24.39 31.25
C ARG E 55 32.90 25.02 31.31
N PRO E 56 33.73 24.74 30.35
CA PRO E 56 35.17 24.91 30.55
C PRO E 56 35.66 26.33 30.32
N VAL E 57 35.50 27.19 31.32
CA VAL E 57 36.04 28.54 31.28
C VAL E 57 36.72 28.83 32.62
N ARG E 58 37.70 29.74 32.58
CA ARG E 58 38.33 30.19 33.81
C ARG E 58 37.43 31.13 34.58
N ASP E 59 36.99 32.20 33.92
CA ASP E 59 36.05 33.14 34.49
C ASP E 59 34.65 32.73 34.04
N TRP E 60 33.76 32.52 35.00
CA TRP E 60 32.44 32.00 34.67
C TRP E 60 31.54 33.03 33.99
N ARG E 61 31.96 34.29 33.94
CA ARG E 61 31.17 35.34 33.31
C ARG E 61 31.35 35.38 31.80
N LYS E 62 32.33 34.67 31.27
CA LYS E 62 32.64 34.71 29.86
C LYS E 62 31.93 33.58 29.13
N PRO E 63 31.16 33.86 28.08
CA PRO E 63 30.42 32.79 27.42
C PRO E 63 31.30 31.97 26.48
N THR E 64 30.91 30.71 26.31
CA THR E 64 31.58 29.83 25.36
C THR E 64 30.96 30.05 23.99
N THR E 65 31.77 30.49 23.03
CA THR E 65 31.28 30.84 21.70
C THR E 65 31.58 29.71 20.75
N VAL E 66 30.55 28.98 20.32
CA VAL E 66 30.74 27.94 19.32
C VAL E 66 30.54 28.58 17.95
N SER E 67 31.19 28.01 16.94
CA SER E 67 31.15 28.56 15.60
C SER E 67 30.80 27.46 14.63
N ILE E 68 29.61 27.51 14.04
CA ILE E 68 29.06 26.40 13.28
C ILE E 68 28.91 26.81 11.82
N ASP E 69 28.95 25.82 10.93
CA ASP E 69 28.34 25.95 9.61
C ASP E 69 27.93 24.59 9.09
N VAL E 70 27.24 24.60 7.95
CA VAL E 70 26.49 23.47 7.43
C VAL E 70 26.59 23.46 5.92
N ILE E 71 26.89 22.29 5.35
CA ILE E 71 26.75 22.08 3.91
C ILE E 71 25.71 21.00 3.70
N MET E 72 24.81 21.24 2.73
CA MET E 72 23.69 20.35 2.50
C MET E 72 24.09 19.22 1.56
N TYR E 73 23.73 18.00 1.92
CA TYR E 73 24.12 16.84 1.13
C TYR E 73 22.98 16.23 0.33
N ALA E 74 21.83 15.97 0.94
CA ALA E 74 20.74 15.34 0.20
C ALA E 74 19.41 15.72 0.81
N ILE E 75 18.38 15.76 -0.02
CA ILE E 75 17.01 15.95 0.42
C ILE E 75 16.36 14.58 0.34
N LEU E 76 16.16 13.95 1.51
CA LEU E 76 15.77 12.55 1.49
C LEU E 76 14.28 12.37 1.25
N ASN E 77 13.45 13.23 1.84
CA ASN E 77 12.00 13.07 1.73
C ASN E 77 11.33 14.39 2.00
N VAL E 78 10.18 14.61 1.37
CA VAL E 78 9.30 15.74 1.65
C VAL E 78 7.89 15.19 1.77
N ASP E 79 7.35 15.16 2.98
CA ASP E 79 5.97 14.74 3.21
C ASP E 79 5.09 15.97 3.24
N GLU E 80 4.38 16.23 2.15
CA GLU E 80 3.50 17.38 2.11
C GLU E 80 2.25 17.19 2.97
N LYS E 81 1.88 15.94 3.22
CA LYS E 81 0.73 15.67 4.07
C LYS E 81 1.07 15.89 5.54
N ASN E 82 2.19 15.34 6.00
CA ASN E 82 2.58 15.44 7.39
C ASN E 82 3.36 16.70 7.72
N GLN E 83 3.69 17.51 6.70
CA GLN E 83 4.47 18.74 6.83
C GLN E 83 5.85 18.48 7.44
N VAL E 84 6.51 17.42 6.98
CA VAL E 84 7.75 16.95 7.56
C VAL E 84 8.82 16.85 6.47
N LEU E 85 9.94 17.53 6.69
CA LEU E 85 11.09 17.50 5.80
C LEU E 85 12.14 16.55 6.37
N THR E 86 12.86 15.86 5.49
CA THR E 86 13.92 14.94 5.88
C THR E 86 15.14 15.20 5.01
N THR E 87 16.21 15.74 5.59
CA THR E 87 17.42 16.01 4.86
C THR E 87 18.59 15.28 5.50
N TYR E 88 19.77 15.49 4.95
CA TYR E 88 21.01 14.92 5.47
C TYR E 88 22.09 15.96 5.26
N ILE E 89 22.74 16.42 6.32
CA ILE E 89 23.72 17.48 6.19
C ILE E 89 25.07 16.99 6.69
N TRP E 90 26.09 17.77 6.38
CA TRP E 90 27.38 17.65 7.04
C TRP E 90 27.57 18.86 7.93
N TYR E 91 28.06 18.63 9.14
CA TYR E 91 28.04 19.64 10.19
C TYR E 91 29.41 19.71 10.84
N ARG E 92 29.82 20.92 11.21
CA ARG E 92 31.08 21.09 11.93
C ARG E 92 30.99 22.31 12.83
N GLN E 93 31.82 22.32 13.86
CA GLN E 93 31.76 23.34 14.89
C GLN E 93 33.09 23.40 15.63
N TYR E 94 33.45 24.57 16.13
CA TYR E 94 34.57 24.62 17.05
C TYR E 94 34.26 25.59 18.17
N TRP E 95 34.98 25.39 19.28
CA TRP E 95 34.87 26.26 20.43
C TRP E 95 36.21 26.25 21.14
N THR E 96 36.32 27.04 22.19
CA THR E 96 37.59 27.26 22.87
C THR E 96 37.43 26.90 24.34
N ASP E 97 38.37 26.13 24.88
CA ASP E 97 38.36 25.89 26.31
C ASP E 97 39.75 26.01 26.91
N GLU E 98 39.80 26.66 28.07
CA GLU E 98 41.07 26.97 28.71
C GLU E 98 41.65 25.80 29.48
N PHE E 99 41.00 24.64 29.47
CA PHE E 99 41.48 23.49 30.19
C PHE E 99 42.22 22.51 29.28
N LEU E 100 42.20 22.72 27.98
CA LEU E 100 42.83 21.85 27.00
C LEU E 100 43.99 22.57 26.31
N GLN E 101 44.78 23.32 27.08
CA GLN E 101 45.86 24.12 26.51
C GLN E 101 47.21 23.57 26.95
N TRP E 102 48.19 23.68 26.07
CA TRP E 102 49.54 23.25 26.39
C TRP E 102 50.51 24.07 25.58
N THR E 103 51.75 24.16 26.09
CA THR E 103 52.71 24.78 25.19
C THR E 103 53.16 23.77 24.15
N PRO E 104 53.26 24.15 22.88
CA PRO E 104 53.69 23.18 21.86
C PRO E 104 55.11 22.73 22.01
N GLU E 105 55.98 23.51 22.66
CA GLU E 105 57.30 23.00 23.01
C GLU E 105 57.16 22.02 24.18
N ASP E 106 58.29 21.40 24.55
CA ASP E 106 58.46 20.36 25.58
C ASP E 106 57.44 19.22 25.52
N PHE E 107 56.90 18.97 24.33
CA PHE E 107 56.12 17.79 24.00
C PHE E 107 56.47 17.31 22.61
N ASP E 108 57.71 17.59 22.19
CA ASP E 108 58.23 17.28 20.85
C ASP E 108 57.38 17.91 19.76
N ASN E 109 57.04 19.19 19.96
CA ASN E 109 56.49 20.09 18.95
C ASN E 109 55.12 19.66 18.43
N VAL E 110 54.35 18.93 19.22
CA VAL E 110 53.02 18.54 18.78
C VAL E 110 52.06 19.71 18.98
N THR E 111 51.27 20.01 17.95
CA THR E 111 50.36 21.14 17.99
C THR E 111 48.90 20.76 17.94
N LYS E 112 48.56 19.55 17.50
CA LYS E 112 47.19 19.08 17.61
C LYS E 112 47.20 17.57 17.78
N LEU E 113 46.11 17.06 18.32
CA LEU E 113 45.99 15.63 18.56
C LEU E 113 44.52 15.26 18.60
N SER E 114 44.26 13.97 18.51
CA SER E 114 42.90 13.44 18.59
C SER E 114 42.58 13.04 20.02
N ILE E 115 41.44 13.48 20.50
CA ILE E 115 40.95 13.13 21.83
C ILE E 115 39.57 12.52 21.62
N PRO E 116 39.20 11.45 22.33
CA PRO E 116 37.84 10.91 22.19
C PRO E 116 36.78 11.90 22.64
N THR E 117 35.62 11.79 22.01
CA THR E 117 34.56 12.77 22.20
C THR E 117 33.95 12.66 23.59
N ASP E 118 33.93 11.45 24.14
CA ASP E 118 33.22 11.21 25.38
C ASP E 118 34.05 11.58 26.61
N SER E 119 35.16 12.26 26.40
CA SER E 119 36.03 12.64 27.50
C SER E 119 36.19 14.14 27.65
N ILE E 120 35.52 14.95 26.83
CA ILE E 120 35.58 16.40 26.94
C ILE E 120 34.16 16.96 26.99
N TRP E 121 34.07 18.24 27.31
CA TRP E 121 32.80 18.93 27.32
C TRP E 121 32.35 19.21 25.89
N VAL E 122 31.10 18.87 25.58
CA VAL E 122 30.53 19.09 24.26
C VAL E 122 29.23 19.87 24.43
N PRO E 123 29.02 20.97 23.71
CA PRO E 123 27.79 21.73 23.86
C PRO E 123 26.59 21.01 23.25
N ASP E 124 25.42 21.34 23.78
CA ASP E 124 24.17 20.73 23.33
C ASP E 124 23.51 21.62 22.28
N ILE E 125 23.94 21.49 21.03
CA ILE E 125 23.40 22.30 19.95
C ILE E 125 22.36 21.44 19.25
N LEU E 126 21.10 21.83 19.35
CA LEU E 126 19.99 21.10 18.76
C LEU E 126 19.23 21.99 17.78
N ILE E 127 18.16 21.45 17.24
CA ILE E 127 17.31 22.12 16.27
C ILE E 127 15.94 22.27 16.90
N ASN E 128 15.33 23.46 16.75
CA ASN E 128 13.98 23.65 17.28
C ASN E 128 12.95 22.86 16.50
N GLU E 129 13.16 22.63 15.21
CA GLU E 129 12.14 22.06 14.35
C GLU E 129 12.12 20.55 14.35
N PHE E 130 12.83 19.89 15.27
CA PHE E 130 12.81 18.44 15.36
C PHE E 130 11.42 17.89 15.63
N VAL E 131 11.10 16.79 14.97
CA VAL E 131 9.93 15.99 15.32
C VAL E 131 10.26 14.54 15.57
N ASP E 132 11.51 14.12 15.38
CA ASP E 132 11.93 12.73 15.46
C ASP E 132 13.45 12.74 15.53
N VAL E 133 14.05 11.56 15.66
CA VAL E 133 15.49 11.41 15.70
C VAL E 133 15.94 10.61 14.49
N GLY E 134 16.72 11.24 13.62
CA GLY E 134 17.31 10.54 12.49
C GLY E 134 18.55 9.78 12.92
N LYS E 135 18.80 8.67 12.23
CA LYS E 135 19.96 7.86 12.54
C LYS E 135 21.16 8.39 11.79
N SER E 136 22.24 8.66 12.52
CA SER E 136 23.45 9.23 11.95
C SER E 136 24.65 8.59 12.63
N PRO E 137 25.76 8.40 11.92
CA PRO E 137 26.92 7.77 12.53
C PRO E 137 27.58 8.68 13.54
N ASN E 138 28.01 8.12 14.65
CA ASN E 138 28.76 8.91 15.61
C ASN E 138 30.22 8.99 15.19
N ILE E 139 30.84 10.11 15.51
CA ILE E 139 32.25 10.34 15.23
C ILE E 139 32.99 10.34 16.56
N PRO E 140 33.82 9.35 16.85
CA PRO E 140 34.37 9.20 18.20
C PRO E 140 35.57 10.06 18.50
N TYR E 141 36.03 10.93 17.60
CA TYR E 141 37.24 11.70 17.86
C TYR E 141 37.01 13.15 17.52
N VAL E 142 37.75 14.03 18.20
CA VAL E 142 37.80 15.45 17.88
C VAL E 142 39.26 15.88 17.84
N TYR E 143 39.52 16.97 17.11
CA TYR E 143 40.80 17.65 17.14
C TYR E 143 40.85 18.65 18.26
N VAL E 144 42.04 18.87 18.82
CA VAL E 144 42.28 19.89 19.82
C VAL E 144 43.60 20.55 19.48
N HIS E 145 43.56 21.86 19.21
CA HIS E 145 44.80 22.57 18.98
C HIS E 145 45.41 23.02 20.30
N HIS E 146 46.60 23.62 20.22
CA HIS E 146 47.34 23.90 21.44
C HIS E 146 46.92 25.21 22.10
N ARG E 147 45.95 25.91 21.53
CA ARG E 147 45.34 27.04 22.18
C ARG E 147 44.03 26.68 22.85
N GLY E 148 43.55 25.46 22.67
CA GLY E 148 42.24 25.08 23.15
C GLY E 148 41.16 25.07 22.10
N GLU E 149 41.49 25.39 20.85
CA GLU E 149 40.50 25.34 19.78
C GLU E 149 40.21 23.89 19.47
N VAL E 150 39.07 23.39 19.94
CA VAL E 150 38.66 22.01 19.71
C VAL E 150 37.61 21.97 18.60
N GLN E 151 37.88 21.20 17.56
CA GLN E 151 37.05 21.13 16.37
C GLN E 151 36.30 19.81 16.32
N ASN E 152 35.01 19.86 15.98
CA ASN E 152 34.17 18.67 15.92
C ASN E 152 33.55 18.57 14.54
N TYR E 153 33.69 17.41 13.92
CA TYR E 153 33.13 17.13 12.60
C TYR E 153 32.16 15.98 12.74
N LYS E 154 30.92 16.16 12.29
CA LYS E 154 29.97 15.06 12.33
C LYS E 154 28.91 15.18 11.27
N PRO E 155 28.49 14.08 10.66
CA PRO E 155 27.32 14.10 9.80
C PRO E 155 26.07 13.80 10.59
N LEU E 156 24.97 14.42 10.19
CA LEU E 156 23.75 14.21 10.97
C LEU E 156 22.51 14.29 10.08
N GLN E 157 21.74 13.21 10.10
CA GLN E 157 20.43 13.17 9.47
C GLN E 157 19.43 13.86 10.38
N LEU E 158 18.63 14.75 9.82
CA LEU E 158 17.68 15.49 10.61
C LEU E 158 16.30 15.44 9.97
N VAL E 159 15.29 15.24 10.80
CA VAL E 159 13.90 15.15 10.39
C VAL E 159 13.16 16.31 11.03
N THR E 160 12.86 17.33 10.24
CA THR E 160 12.25 18.53 10.76
C THR E 160 10.88 18.75 10.18
N ALA E 161 10.20 19.76 10.71
CA ALA E 161 8.85 20.10 10.32
C ALA E 161 8.83 21.51 9.75
N CYS E 162 8.13 21.67 8.62
CA CYS E 162 8.02 22.99 8.02
C CYS E 162 6.66 23.15 7.38
N SER E 163 6.32 24.39 7.08
CA SER E 163 5.09 24.74 6.38
C SER E 163 5.34 24.65 4.88
N LEU E 164 4.54 23.84 4.19
CA LEU E 164 4.71 23.59 2.77
C LEU E 164 3.48 24.08 2.02
N ASP E 165 3.69 24.96 1.04
CA ASP E 165 2.60 25.52 0.25
C ASP E 165 2.45 24.75 -1.06
N ILE E 166 1.25 24.27 -1.32
CA ILE E 166 0.98 23.47 -2.50
C ILE E 166 0.00 24.28 -3.33
N TYR E 167 0.18 25.60 -3.35
CA TYR E 167 -0.68 26.43 -4.17
C TYR E 167 -0.46 26.17 -5.65
N ASN E 168 0.75 25.77 -6.04
CA ASN E 168 1.03 25.40 -7.41
C ASN E 168 1.95 24.19 -7.40
N PHE E 169 1.37 23.00 -7.63
CA PHE E 169 2.03 21.75 -7.22
C PHE E 169 3.32 21.44 -7.97
N PRO E 170 3.39 21.40 -9.31
CA PRO E 170 4.69 21.05 -9.91
C PRO E 170 5.67 22.20 -9.99
N PHE E 171 5.22 23.45 -9.85
CA PHE E 171 6.11 24.61 -9.95
C PHE E 171 6.09 25.31 -8.60
N ASP E 172 6.94 24.87 -7.66
CA ASP E 172 6.89 25.46 -6.33
C ASP E 172 8.27 25.47 -5.70
N VAL E 173 8.60 26.57 -5.04
CA VAL E 173 9.75 26.63 -4.17
C VAL E 173 9.27 26.47 -2.74
N GLN E 174 10.13 25.92 -1.90
CA GLN E 174 9.79 25.66 -0.50
C GLN E 174 10.85 26.31 0.35
N ASN E 175 10.43 26.98 1.41
CA ASN E 175 11.31 27.78 2.26
C ASN E 175 11.27 27.15 3.65
N CYS E 176 12.26 26.33 3.96
CA CYS E 176 12.31 25.60 5.21
C CYS E 176 13.40 26.14 6.11
N SER E 177 13.15 26.10 7.42
CA SER E 177 14.05 26.68 8.41
C SER E 177 14.71 25.59 9.24
N LEU E 178 15.96 25.83 9.60
CA LEU E 178 16.71 24.98 10.54
C LEU E 178 17.29 25.93 11.57
N THR E 179 16.78 25.91 12.79
CA THR E 179 17.22 26.84 13.81
C THR E 179 18.11 26.11 14.80
N PHE E 180 19.42 26.35 14.71
CA PHE E 180 20.37 25.79 15.65
C PHE E 180 20.38 26.62 16.92
N THR E 181 20.22 25.95 18.05
CA THR E 181 20.20 26.64 19.33
C THR E 181 20.65 25.69 20.41
N SER E 182 21.16 26.26 21.50
CA SER E 182 21.44 25.48 22.68
C SER E 182 20.12 25.27 23.40
N TRP E 183 19.86 24.03 23.82
CA TRP E 183 18.55 23.76 24.36
C TRP E 183 18.40 24.25 25.79
N LEU E 184 19.49 24.39 26.51
CA LEU E 184 19.45 24.80 27.91
C LEU E 184 20.11 26.13 28.17
N HIS E 185 21.35 26.30 27.72
CA HIS E 185 22.17 27.44 28.12
C HIS E 185 21.70 28.74 27.48
N THR E 186 21.84 29.82 28.21
CA THR E 186 21.42 31.14 27.75
C THR E 186 22.60 31.85 27.08
N ILE E 187 22.36 33.08 26.61
CA ILE E 187 23.35 33.72 25.73
C ILE E 187 24.53 34.28 26.53
N GLN E 188 24.43 34.36 27.84
CA GLN E 188 25.61 34.63 28.64
C GLN E 188 26.31 33.35 29.06
N ASP E 189 25.88 32.21 28.51
CA ASP E 189 26.43 30.92 28.86
C ASP E 189 26.98 30.20 27.64
N ILE E 190 26.21 30.14 26.56
CA ILE E 190 26.66 29.64 25.26
C ILE E 190 26.16 30.57 24.17
N ASN E 191 27.07 31.00 23.30
CA ASN E 191 26.78 31.91 22.21
C ASN E 191 27.13 31.21 20.89
N ILE E 192 26.42 31.55 19.82
CA ILE E 192 26.58 30.86 18.54
C ILE E 192 26.92 31.86 17.44
N THR E 193 28.05 31.65 16.76
CA THR E 193 28.41 32.43 15.59
C THR E 193 28.59 31.49 14.40
N LEU E 194 29.12 32.03 13.31
CA LEU E 194 29.43 31.23 12.14
C LEU E 194 30.90 30.92 12.02
N TRP E 195 31.20 29.79 11.38
CA TRP E 195 32.58 29.46 11.01
C TRP E 195 33.10 30.45 9.98
N ARG E 196 32.45 30.50 8.82
CA ARG E 196 32.88 31.28 7.69
C ARG E 196 31.80 32.29 7.32
N SER E 197 32.07 33.06 6.27
CA SER E 197 31.24 34.19 5.89
C SER E 197 29.87 33.71 5.39
N PRO E 198 28.80 34.45 5.64
CA PRO E 198 27.48 34.02 5.16
C PRO E 198 27.32 34.09 3.65
N GLU E 199 28.12 34.90 2.95
CA GLU E 199 28.03 34.96 1.50
C GLU E 199 28.52 33.68 0.85
N GLU E 200 29.42 32.94 1.49
CA GLU E 200 29.89 31.69 0.95
C GLU E 200 29.25 30.47 1.59
N VAL E 201 28.47 30.65 2.65
CA VAL E 201 27.56 29.60 3.07
C VAL E 201 26.35 29.55 2.15
N ARG E 202 25.92 30.73 1.68
CA ARG E 202 24.72 30.82 0.86
C ARG E 202 24.92 30.23 -0.52
N SER E 203 26.10 30.41 -1.09
CA SER E 203 26.38 30.00 -2.45
C SER E 203 27.15 28.68 -2.54
N ASP E 204 26.87 27.73 -1.67
CA ASP E 204 27.70 26.53 -1.58
C ASP E 204 26.89 25.33 -2.03
N LYS E 205 27.17 24.85 -3.25
CA LYS E 205 26.61 23.62 -3.76
C LYS E 205 27.76 22.77 -4.28
N SER E 206 28.41 22.05 -3.39
CA SER E 206 29.61 21.32 -3.80
C SER E 206 29.36 19.83 -3.80
N ILE E 207 28.67 19.33 -2.79
CA ILE E 207 28.45 17.90 -2.65
C ILE E 207 26.98 17.52 -2.65
N PHE E 208 26.10 18.40 -3.12
CA PHE E 208 24.68 18.09 -3.13
C PHE E 208 24.37 17.04 -4.19
N ILE E 209 23.59 16.04 -3.81
CA ILE E 209 23.21 14.97 -4.71
C ILE E 209 22.04 15.45 -5.57
N ASN E 210 22.30 15.64 -6.86
CA ASN E 210 21.26 16.05 -7.80
C ASN E 210 20.46 14.83 -8.26
N GLN E 211 19.70 15.02 -9.35
CA GLN E 211 18.82 14.00 -9.94
C GLN E 211 17.78 13.47 -8.95
N GLY E 212 17.35 14.30 -8.01
CA GLY E 212 16.54 13.79 -6.92
C GLY E 212 15.31 14.60 -6.59
N GLU E 213 14.60 15.09 -7.62
CA GLU E 213 13.28 15.73 -7.57
C GLU E 213 13.32 17.13 -6.95
N TRP E 214 14.44 17.52 -6.35
CA TRP E 214 14.54 18.80 -5.69
C TRP E 214 15.90 19.42 -5.99
N GLU E 215 15.88 20.63 -6.52
CA GLU E 215 17.10 21.40 -6.73
C GLU E 215 17.33 22.26 -5.50
N LEU E 216 18.55 22.28 -5.01
CA LEU E 216 18.90 23.24 -3.97
C LEU E 216 19.08 24.61 -4.62
N LEU E 217 18.66 25.67 -3.94
CA LEU E 217 18.85 27.01 -4.46
C LEU E 217 19.83 27.81 -3.61
N GLU E 218 19.58 27.91 -2.30
CA GLU E 218 20.50 28.57 -1.40
C GLU E 218 20.22 28.11 0.02
N VAL E 219 21.22 28.25 0.87
CA VAL E 219 21.14 27.95 2.30
C VAL E 219 21.57 29.22 3.01
N PHE E 220 20.61 30.04 3.44
CA PHE E 220 20.90 31.38 3.90
C PHE E 220 20.90 31.43 5.41
N PRO E 221 22.01 31.79 6.05
CA PRO E 221 22.02 31.85 7.52
C PRO E 221 21.57 33.21 8.04
N GLN E 222 21.11 33.20 9.29
CA GLN E 222 20.54 34.40 9.91
C GLN E 222 20.65 34.25 11.42
N PHE E 223 21.23 35.25 12.08
CA PHE E 223 21.38 35.21 13.53
C PHE E 223 20.25 35.98 14.20
N LYS E 224 19.64 35.37 15.21
CA LYS E 224 18.60 36.01 16.00
C LYS E 224 18.80 35.67 17.46
N GLU E 225 18.63 36.65 18.33
CA GLU E 225 18.64 36.42 19.77
C GLU E 225 17.21 36.30 20.27
N PHE E 226 16.78 35.08 20.59
CA PHE E 226 15.44 34.83 21.07
C PHE E 226 15.40 35.10 22.55
N SER E 227 14.54 36.04 22.97
CA SER E 227 14.33 36.33 24.37
C SER E 227 12.95 35.81 24.74
N ILE E 228 12.92 34.79 25.61
CA ILE E 228 11.65 34.19 26.00
C ILE E 228 10.91 35.12 26.96
N ASP E 229 11.63 35.88 27.76
CA ASP E 229 11.12 36.93 28.62
C ASP E 229 12.29 37.85 28.95
N ILE E 230 12.14 38.67 29.98
CA ILE E 230 13.28 39.42 30.48
C ILE E 230 14.24 38.48 31.19
N SER E 231 15.54 38.74 31.06
CA SER E 231 16.65 38.09 31.76
C SER E 231 16.81 36.61 31.43
N ASN E 232 16.20 36.13 30.36
CA ASN E 232 16.46 34.78 29.82
C ASN E 232 16.38 34.91 28.30
N SER E 233 17.54 35.03 27.67
CA SER E 233 17.60 35.11 26.23
C SER E 233 18.52 34.03 25.70
N TYR E 234 18.21 33.55 24.50
CA TYR E 234 18.88 32.41 23.92
C TYR E 234 19.44 32.80 22.57
N ALA E 235 20.61 32.26 22.24
CA ALA E 235 21.23 32.51 20.94
C ALA E 235 20.72 31.48 19.95
N GLU E 236 20.29 31.95 18.79
CA GLU E 236 19.79 31.07 17.74
C GLU E 236 20.46 31.42 16.42
N MET E 237 20.83 30.40 15.66
CA MET E 237 21.37 30.58 14.33
C MET E 237 20.43 29.87 13.37
N LYS E 238 19.82 30.63 12.47
CA LYS E 238 18.71 30.13 11.68
C LYS E 238 19.14 30.01 10.23
N PHE E 239 19.13 28.79 9.70
CA PHE E 239 19.43 28.51 8.31
C PHE E 239 18.13 28.35 7.55
N TYR E 240 17.99 29.06 6.44
CA TYR E 240 16.85 28.93 5.56
C TYR E 240 17.29 28.16 4.32
N VAL E 241 16.86 26.92 4.20
CA VAL E 241 17.10 26.18 2.97
C VAL E 241 15.94 26.44 2.02
N ILE E 242 16.25 26.62 0.75
CA ILE E 242 15.27 26.92 -0.29
C ILE E 242 15.44 25.91 -1.40
N ILE E 243 14.41 25.10 -1.62
CA ILE E 243 14.47 24.03 -2.60
C ILE E 243 13.35 24.22 -3.61
N ARG E 244 13.62 23.83 -4.85
CA ARG E 244 12.64 23.94 -5.92
C ARG E 244 12.41 22.58 -6.55
N ARG E 245 11.16 22.22 -6.74
CA ARG E 245 10.81 20.94 -7.34
C ARG E 245 11.06 20.96 -8.83
N ARG E 246 11.63 19.87 -9.35
CA ARG E 246 11.76 19.71 -10.79
C ARG E 246 10.44 19.25 -11.38
N PRO E 247 9.78 20.06 -12.20
CA PRO E 247 8.41 19.73 -12.64
C PRO E 247 8.31 18.70 -13.74
N LEU E 248 9.41 18.05 -14.12
CA LEU E 248 9.39 17.15 -15.26
C LEU E 248 8.69 15.83 -14.93
N PHE E 249 8.55 15.49 -13.64
CA PHE E 249 7.94 14.22 -13.27
C PHE E 249 6.44 14.24 -13.54
N TYR E 250 5.80 15.35 -13.21
CA TYR E 250 4.35 15.48 -13.26
C TYR E 250 3.88 16.12 -14.56
N ALA E 251 4.71 16.07 -15.59
CA ALA E 251 4.34 16.48 -16.94
C ALA E 251 4.15 15.31 -17.88
N VAL E 252 4.56 14.11 -17.48
CA VAL E 252 4.27 12.90 -18.23
C VAL E 252 3.21 12.06 -17.52
N SER E 253 2.97 12.28 -16.24
CA SER E 253 1.97 11.55 -15.49
C SER E 253 0.66 12.31 -15.35
N LEU E 254 0.64 13.58 -15.71
CA LEU E 254 -0.56 14.40 -15.64
C LEU E 254 -0.94 14.99 -16.99
N LEU E 255 0.01 15.59 -17.69
CA LEU E 255 -0.32 16.32 -18.90
C LEU E 255 -0.57 15.37 -20.06
N LEU E 256 0.01 14.17 -20.01
CA LEU E 256 -0.10 13.28 -21.17
C LEU E 256 -1.48 12.64 -21.30
N PRO E 257 -2.08 12.01 -20.26
CA PRO E 257 -3.44 11.46 -20.47
C PRO E 257 -4.54 12.50 -20.58
N SER E 258 -4.39 13.68 -19.98
CA SER E 258 -5.41 14.70 -20.10
C SER E 258 -5.46 15.30 -21.50
N ILE E 259 -4.30 15.58 -22.09
CA ILE E 259 -4.26 16.01 -23.48
C ILE E 259 -4.59 14.84 -24.40
N PHE E 260 -4.33 13.62 -23.95
CA PHE E 260 -4.60 12.46 -24.78
C PHE E 260 -6.09 12.18 -24.91
N LEU E 261 -6.87 12.32 -23.84
CA LEU E 261 -8.27 11.97 -23.95
C LEU E 261 -9.12 13.07 -24.57
N MET E 262 -8.52 14.15 -25.05
CA MET E 262 -9.24 15.09 -25.89
C MET E 262 -9.28 14.64 -27.34
N VAL E 263 -8.22 14.01 -27.84
CA VAL E 263 -8.22 13.59 -29.24
C VAL E 263 -9.17 12.42 -29.44
N VAL E 264 -9.47 11.65 -28.41
CA VAL E 264 -10.46 10.59 -28.53
C VAL E 264 -11.87 11.20 -28.65
N ASP E 265 -12.14 12.29 -27.94
CA ASP E 265 -13.38 13.05 -28.15
C ASP E 265 -13.49 13.59 -29.56
N ILE E 266 -12.41 14.22 -30.05
CA ILE E 266 -12.41 14.85 -31.37
C ILE E 266 -12.60 13.82 -32.47
N VAL E 267 -12.05 12.61 -32.27
CA VAL E 267 -12.35 11.54 -33.21
C VAL E 267 -13.79 11.07 -33.03
N GLY E 268 -14.29 11.02 -31.78
CA GLY E 268 -15.61 10.49 -31.53
C GLY E 268 -16.76 11.37 -31.95
N PHE E 269 -16.49 12.65 -32.26
CA PHE E 269 -17.54 13.45 -32.88
C PHE E 269 -17.84 13.05 -34.31
N CYS E 270 -16.94 12.33 -34.97
CA CYS E 270 -17.17 11.97 -36.37
C CYS E 270 -18.12 10.80 -36.53
N LEU E 271 -18.54 10.16 -35.45
CA LEU E 271 -19.61 9.19 -35.53
C LEU E 271 -20.93 9.89 -35.89
N PRO E 272 -21.73 9.30 -36.76
CA PRO E 272 -23.04 9.87 -37.05
C PRO E 272 -23.97 9.65 -35.87
N PRO E 273 -24.73 10.68 -35.49
CA PRO E 273 -25.45 10.63 -34.21
C PRO E 273 -26.62 9.66 -34.19
N ASP E 274 -27.20 9.34 -35.33
CA ASP E 274 -28.31 8.39 -35.35
C ASP E 274 -27.87 6.94 -35.41
N SER E 275 -26.62 6.63 -35.02
CA SER E 275 -26.16 5.25 -34.99
C SER E 275 -26.54 4.57 -33.70
N GLY E 276 -26.42 5.26 -32.57
CA GLY E 276 -26.75 4.74 -31.26
C GLY E 276 -25.55 4.46 -30.39
N GLU E 277 -24.40 4.18 -31.00
CA GLU E 277 -23.20 3.92 -30.23
C GLU E 277 -22.38 5.17 -29.95
N ARG E 278 -22.85 6.34 -30.36
CA ARG E 278 -22.12 7.57 -30.04
C ARG E 278 -22.27 7.92 -28.57
N VAL E 279 -23.47 7.71 -28.01
CA VAL E 279 -23.68 7.95 -26.60
C VAL E 279 -22.90 6.93 -25.77
N SER E 280 -22.89 5.68 -26.21
CA SER E 280 -22.09 4.65 -25.55
C SER E 280 -20.60 4.90 -25.68
N PHE E 281 -20.17 5.59 -26.74
CA PHE E 281 -18.79 6.02 -26.85
C PHE E 281 -18.48 7.08 -25.80
N LYS E 282 -19.31 8.12 -25.74
CA LYS E 282 -19.01 9.27 -24.88
C LYS E 282 -19.07 8.92 -23.41
N ILE E 283 -20.02 8.08 -23.00
CA ILE E 283 -20.09 7.75 -21.58
C ILE E 283 -18.96 6.80 -21.19
N THR E 284 -18.49 5.96 -22.11
CA THR E 284 -17.34 5.12 -21.84
C THR E 284 -16.08 5.96 -21.68
N LEU E 285 -15.94 7.00 -22.49
CA LEU E 285 -14.77 7.86 -22.36
C LEU E 285 -14.83 8.71 -21.09
N LEU E 286 -16.03 9.13 -20.69
CA LEU E 286 -16.18 9.84 -19.42
C LEU E 286 -15.88 8.95 -18.22
N LEU E 287 -16.29 7.67 -18.29
CA LEU E 287 -15.91 6.68 -17.30
C LEU E 287 -14.39 6.51 -17.23
N GLY E 288 -13.75 6.43 -18.39
CA GLY E 288 -12.31 6.28 -18.46
C GLY E 288 -11.54 7.46 -17.90
N TYR E 289 -12.08 8.66 -18.00
CA TYR E 289 -11.40 9.80 -17.38
C TYR E 289 -11.76 9.96 -15.91
N SER E 290 -12.96 9.52 -15.51
CA SER E 290 -13.33 9.59 -14.11
C SER E 290 -12.54 8.59 -13.27
N VAL E 291 -12.17 7.45 -13.86
CA VAL E 291 -11.22 6.56 -13.19
C VAL E 291 -9.86 7.24 -13.08
N PHE E 292 -9.45 7.96 -14.12
CA PHE E 292 -8.13 8.60 -14.17
C PHE E 292 -7.95 9.67 -13.10
N LEU E 293 -8.98 10.51 -12.89
CA LEU E 293 -8.88 11.55 -11.86
C LEU E 293 -8.68 10.97 -10.48
N ILE E 294 -9.41 9.91 -10.15
CA ILE E 294 -9.30 9.33 -8.83
C ILE E 294 -7.99 8.58 -8.67
N ILE E 295 -7.52 7.90 -9.72
CA ILE E 295 -6.28 7.16 -9.61
C ILE E 295 -5.05 8.07 -9.66
N VAL E 296 -5.21 9.33 -10.06
CA VAL E 296 -4.16 10.33 -9.91
C VAL E 296 -4.23 11.00 -8.54
N SER E 297 -5.43 11.31 -8.05
CA SER E 297 -5.60 12.17 -6.88
C SER E 297 -5.07 11.57 -5.58
N ASP E 298 -4.70 10.28 -5.56
CA ASP E 298 -4.07 9.72 -4.38
C ASP E 298 -2.58 10.04 -4.32
N THR E 299 -1.89 10.05 -5.45
CA THR E 299 -0.44 10.30 -5.47
C THR E 299 -0.09 11.77 -5.60
N LEU E 300 -1.05 12.67 -5.51
CA LEU E 300 -0.79 14.10 -5.51
C LEU E 300 -1.42 14.72 -4.27
N PRO E 301 -0.61 15.23 -3.34
CA PRO E 301 -1.16 15.71 -2.07
C PRO E 301 -1.80 17.09 -2.21
N ALA E 302 -2.54 17.46 -1.17
CA ALA E 302 -3.25 18.73 -1.13
C ALA E 302 -3.48 19.09 0.32
N THR E 303 -2.87 20.19 0.78
CA THR E 303 -2.83 20.46 2.21
C THR E 303 -3.02 21.95 2.49
N ALA E 304 -3.99 22.25 3.35
CA ALA E 304 -4.33 23.53 4.00
C ALA E 304 -4.87 24.59 3.06
N ILE E 305 -4.93 24.33 1.75
CA ILE E 305 -5.46 25.28 0.80
C ILE E 305 -6.72 24.76 0.13
N GLY E 306 -6.90 23.45 0.05
CA GLY E 306 -7.91 22.88 -0.82
C GLY E 306 -7.24 22.24 -2.00
N THR E 307 -7.20 22.93 -3.12
CA THR E 307 -6.51 22.38 -4.26
C THR E 307 -5.53 23.42 -4.84
N PRO E 308 -4.49 22.98 -5.53
CA PRO E 308 -3.71 23.88 -6.37
C PRO E 308 -4.45 24.24 -7.66
N LEU E 309 -3.74 24.93 -8.54
CA LEU E 309 -4.32 25.33 -9.81
C LEU E 309 -4.48 24.14 -10.76
N ILE E 310 -3.74 23.06 -10.55
CA ILE E 310 -3.89 21.85 -11.34
C ILE E 310 -5.27 21.25 -11.16
N GLY E 311 -5.80 21.31 -9.93
CA GLY E 311 -7.17 20.92 -9.68
C GLY E 311 -8.20 21.77 -10.40
N VAL E 312 -7.90 23.05 -10.62
CA VAL E 312 -8.81 23.89 -11.38
C VAL E 312 -8.74 23.54 -12.86
N TYR E 313 -7.55 23.24 -13.35
CA TYR E 313 -7.40 22.86 -14.76
C TYR E 313 -8.05 21.52 -15.07
N PHE E 314 -8.04 20.59 -14.13
CA PHE E 314 -8.78 19.35 -14.30
C PHE E 314 -10.29 19.53 -14.28
N VAL E 315 -10.81 20.45 -13.45
CA VAL E 315 -12.23 20.74 -13.45
C VAL E 315 -12.67 21.40 -14.75
N VAL E 316 -11.81 22.25 -15.33
CA VAL E 316 -12.13 22.78 -16.66
C VAL E 316 -12.06 21.70 -17.73
N CYS E 317 -11.11 20.76 -17.59
CA CYS E 317 -11.03 19.63 -18.51
C CYS E 317 -12.26 18.74 -18.44
N MET E 318 -12.87 18.61 -17.26
CA MET E 318 -14.14 17.90 -17.13
C MET E 318 -15.34 18.70 -17.59
N ALA E 319 -15.30 20.02 -17.44
CA ALA E 319 -16.39 20.86 -17.93
C ALA E 319 -16.45 20.90 -19.45
N LEU E 320 -15.32 20.73 -20.13
CA LEU E 320 -15.36 20.54 -21.57
C LEU E 320 -15.96 19.20 -21.97
N LEU E 321 -15.61 18.13 -21.26
CA LEU E 321 -16.10 16.81 -21.60
C LEU E 321 -17.57 16.60 -21.30
N VAL E 322 -18.10 17.26 -20.26
CA VAL E 322 -19.52 17.15 -19.96
C VAL E 322 -20.37 17.85 -21.03
N ILE E 323 -19.94 19.02 -21.51
CA ILE E 323 -20.72 19.66 -22.56
C ILE E 323 -20.50 18.94 -23.89
N SER E 324 -19.36 18.27 -24.07
CA SER E 324 -19.21 17.36 -25.20
C SER E 324 -20.18 16.19 -25.13
N LEU E 325 -20.51 15.73 -23.92
CA LEU E 325 -21.51 14.68 -23.77
C LEU E 325 -22.92 15.22 -24.00
N ALA E 326 -23.21 16.38 -23.42
CA ALA E 326 -24.54 16.97 -23.50
C ALA E 326 -24.90 17.42 -24.91
N GLU E 327 -23.91 17.79 -25.72
CA GLU E 327 -24.17 18.09 -27.12
C GLU E 327 -24.62 16.85 -27.87
N THR E 328 -23.98 15.71 -27.62
CA THR E 328 -24.43 14.49 -28.28
C THR E 328 -25.79 14.04 -27.79
N ILE E 329 -26.08 14.26 -26.50
CA ILE E 329 -27.42 13.94 -25.98
C ILE E 329 -28.46 14.82 -26.66
N PHE E 330 -28.15 16.10 -26.87
CA PHE E 330 -29.08 17.00 -27.54
C PHE E 330 -29.30 16.63 -29.00
N ILE E 331 -28.26 16.24 -29.72
CA ILE E 331 -28.44 15.87 -31.12
C ILE E 331 -29.18 14.54 -31.25
N VAL E 332 -28.89 13.57 -30.37
CA VAL E 332 -29.59 12.29 -30.41
C VAL E 332 -31.06 12.46 -30.04
N ARG E 333 -31.36 13.38 -29.11
CA ARG E 333 -32.76 13.74 -28.88
C ARG E 333 -33.38 14.40 -30.10
N LEU E 334 -32.61 15.22 -30.80
CA LEU E 334 -33.14 15.96 -31.94
C LEU E 334 -33.31 15.06 -33.16
N VAL E 335 -32.56 13.96 -33.25
CA VAL E 335 -32.56 13.08 -34.41
C VAL E 335 -33.02 11.71 -33.95
N HIS E 336 -34.27 11.38 -34.23
CA HIS E 336 -34.86 10.11 -33.80
C HIS E 336 -36.15 9.95 -34.60
N LYS E 337 -36.84 8.82 -34.40
CA LYS E 337 -38.15 8.60 -35.00
C LYS E 337 -39.17 8.41 -33.88
N GLN E 338 -39.79 9.51 -33.44
CA GLN E 338 -40.60 9.48 -32.24
C GLN E 338 -42.02 10.00 -32.48
N ASP E 339 -42.62 9.57 -33.60
CA ASP E 339 -43.85 10.03 -34.27
C ASP E 339 -43.99 11.55 -34.22
N LEU E 340 -42.89 12.23 -34.49
CA LEU E 340 -42.77 13.65 -34.22
C LEU E 340 -43.37 14.47 -35.35
N GLN E 341 -43.58 15.75 -35.07
CA GLN E 341 -44.23 16.65 -36.00
C GLN E 341 -43.23 17.20 -37.00
N ARG E 342 -43.71 18.10 -37.86
CA ARG E 342 -42.89 18.68 -38.91
C ARG E 342 -41.90 19.66 -38.31
N PRO E 343 -40.77 19.91 -38.98
CA PRO E 343 -39.86 20.96 -38.50
C PRO E 343 -40.47 22.33 -38.71
N VAL E 344 -40.26 23.20 -37.74
CA VAL E 344 -40.96 24.48 -37.69
C VAL E 344 -40.40 25.40 -38.77
N PRO E 345 -41.24 26.01 -39.61
CA PRO E 345 -40.70 26.92 -40.65
C PRO E 345 -40.13 28.20 -40.10
N ASP E 346 -40.46 28.56 -38.85
CA ASP E 346 -39.72 29.60 -38.15
C ASP E 346 -38.26 29.22 -38.01
N TRP E 347 -38.00 27.95 -37.75
CA TRP E 347 -36.64 27.47 -37.49
C TRP E 347 -36.14 26.56 -38.59
N LEU E 348 -36.77 26.58 -39.77
CA LEU E 348 -36.28 25.87 -40.94
C LEU E 348 -35.47 26.80 -41.82
N ARG E 349 -36.00 27.98 -42.11
CA ARG E 349 -35.25 29.00 -42.83
C ARG E 349 -34.31 29.78 -41.91
N HIS E 350 -34.44 29.59 -40.60
CA HIS E 350 -33.47 30.07 -39.64
C HIS E 350 -32.19 29.23 -39.68
N LEU E 351 -32.23 28.05 -40.26
CA LEU E 351 -31.21 27.05 -40.03
C LEU E 351 -30.68 26.39 -41.29
N VAL E 352 -31.46 26.31 -42.35
CA VAL E 352 -31.00 25.65 -43.57
C VAL E 352 -30.57 26.72 -44.56
N LEU E 353 -31.40 27.75 -44.70
CA LEU E 353 -31.03 28.86 -45.58
C LEU E 353 -30.03 29.81 -44.94
N ASP E 354 -29.83 29.73 -43.63
CA ASP E 354 -28.88 30.63 -42.99
C ASP E 354 -27.52 29.98 -42.81
N ARG E 355 -27.47 28.78 -42.22
CA ARG E 355 -26.19 28.16 -41.87
C ARG E 355 -25.42 27.62 -43.07
N ILE E 356 -26.00 27.67 -44.27
CA ILE E 356 -25.20 27.46 -45.48
C ILE E 356 -24.59 28.75 -45.98
N ALA E 357 -24.76 29.86 -45.25
CA ALA E 357 -24.14 31.13 -45.60
C ALA E 357 -23.46 31.82 -44.42
N TRP E 358 -23.79 31.46 -43.19
CA TRP E 358 -23.03 31.94 -42.04
C TRP E 358 -21.64 31.30 -42.01
N ILE E 359 -21.60 29.96 -41.94
CA ILE E 359 -20.31 29.27 -41.88
C ILE E 359 -20.21 28.23 -43.00
N LEU E 360 -21.09 27.23 -42.98
CA LEU E 360 -20.90 26.08 -43.85
C LEU E 360 -21.47 26.36 -45.23
N CYS E 361 -21.60 25.30 -46.03
CA CYS E 361 -22.22 25.39 -47.34
C CYS E 361 -23.15 24.20 -47.57
N LEU E 362 -23.91 24.22 -48.67
CA LEU E 362 -24.80 23.11 -48.99
C LEU E 362 -24.00 21.89 -49.44
N LEU E 424 -70.59 -2.06 -61.77
CA LEU E 424 -70.48 -1.43 -60.45
C LEU E 424 -69.16 -1.78 -59.79
N ALA E 425 -68.48 -2.78 -60.36
CA ALA E 425 -67.26 -3.30 -59.75
C ALA E 425 -66.06 -2.39 -59.94
N VAL E 426 -66.05 -1.57 -60.99
CA VAL E 426 -64.92 -0.67 -61.23
C VAL E 426 -64.82 0.39 -60.14
N ARG E 427 -65.97 0.87 -59.66
CA ARG E 427 -66.00 1.78 -58.52
C ARG E 427 -65.49 1.11 -57.25
N GLY E 428 -65.82 -0.18 -57.06
CA GLY E 428 -65.31 -0.91 -55.93
C GLY E 428 -63.81 -1.10 -55.97
N LEU E 429 -63.26 -1.44 -57.14
CA LEU E 429 -61.82 -1.53 -57.28
C LEU E 429 -61.12 -0.18 -57.12
N LEU E 430 -61.75 0.91 -57.55
CA LEU E 430 -61.18 2.23 -57.28
C LEU E 430 -61.13 2.52 -55.79
N GLN E 431 -62.18 2.17 -55.06
CA GLN E 431 -62.19 2.37 -53.61
C GLN E 431 -61.21 1.42 -52.91
N GLU E 432 -60.92 0.28 -53.51
CA GLU E 432 -59.91 -0.61 -52.93
C GLU E 432 -58.50 -0.06 -53.15
N LEU E 433 -58.23 0.49 -54.33
CA LEU E 433 -56.89 0.98 -54.62
C LEU E 433 -56.58 2.29 -53.91
N SER E 434 -57.58 3.16 -53.72
CA SER E 434 -57.35 4.42 -53.03
C SER E 434 -56.94 4.22 -51.59
N SER E 435 -57.43 3.17 -50.94
CA SER E 435 -57.02 2.86 -49.57
C SER E 435 -55.57 2.40 -49.51
N ILE E 436 -55.09 1.67 -50.52
CA ILE E 436 -53.70 1.23 -50.53
C ILE E 436 -52.78 2.42 -50.80
N ARG E 437 -53.19 3.31 -51.69
CA ARG E 437 -52.46 4.56 -51.92
C ARG E 437 -52.40 5.40 -50.64
N HIS E 438 -53.50 5.45 -49.89
CA HIS E 438 -53.50 6.22 -48.65
C HIS E 438 -52.66 5.56 -47.57
N PHE E 439 -52.62 4.23 -47.54
CA PHE E 439 -51.77 3.54 -46.57
C PHE E 439 -50.29 3.67 -46.90
N LEU E 440 -49.95 3.91 -48.16
CA LEU E 440 -48.54 4.16 -48.48
C LEU E 440 -48.12 5.61 -48.36
N GLU E 441 -48.99 6.56 -48.67
CA GLU E 441 -48.56 7.96 -48.64
C GLU E 441 -48.32 8.46 -47.23
N LYS E 442 -48.98 7.89 -46.22
CA LYS E 442 -48.68 8.30 -44.85
C LYS E 442 -47.34 7.78 -44.37
N ARG E 443 -46.95 6.57 -44.77
CA ARG E 443 -45.60 6.10 -44.50
C ARG E 443 -44.56 6.95 -45.21
N ASP E 444 -44.86 7.36 -46.44
CA ASP E 444 -43.96 8.26 -47.18
C ASP E 444 -43.80 9.61 -46.48
N GLU E 445 -44.90 10.18 -46.00
CA GLU E 445 -44.85 11.46 -45.29
C GLU E 445 -44.10 11.33 -43.97
N MET E 446 -44.33 10.25 -43.22
CA MET E 446 -43.60 10.05 -41.98
C MET E 446 -42.13 9.76 -42.20
N ARG E 447 -41.73 9.31 -43.38
CA ARG E 447 -40.30 9.23 -43.66
C ARG E 447 -39.72 10.57 -44.09
N GLU E 448 -40.48 11.39 -44.80
CA GLU E 448 -39.94 12.71 -45.20
C GLU E 448 -39.79 13.64 -44.00
N VAL E 449 -40.67 13.53 -43.01
CA VAL E 449 -40.52 14.32 -41.79
C VAL E 449 -39.23 13.93 -41.05
N ALA E 450 -38.96 12.63 -40.97
CA ALA E 450 -37.73 12.15 -40.34
C ALA E 450 -36.50 12.57 -41.13
N ARG E 451 -36.59 12.61 -42.46
CA ARG E 451 -35.46 13.11 -43.24
C ARG E 451 -35.21 14.60 -43.02
N ASP E 452 -36.26 15.41 -42.83
CA ASP E 452 -36.03 16.82 -42.55
C ASP E 452 -35.40 17.04 -41.18
N TRP E 453 -35.83 16.28 -40.18
CA TRP E 453 -35.16 16.40 -38.88
C TRP E 453 -33.74 15.87 -38.92
N LEU E 454 -33.48 14.83 -39.71
CA LEU E 454 -32.11 14.35 -39.89
C LEU E 454 -31.26 15.38 -40.62
N ARG E 455 -31.86 16.18 -41.51
CA ARG E 455 -31.13 17.25 -42.16
C ARG E 455 -30.79 18.39 -41.21
N VAL E 456 -31.70 18.70 -40.28
CA VAL E 456 -31.41 19.73 -39.28
C VAL E 456 -30.29 19.27 -38.33
N GLY E 457 -30.33 18.00 -37.93
CA GLY E 457 -29.39 17.47 -36.97
C GLY E 457 -27.94 17.46 -37.44
N TYR E 458 -27.69 17.21 -38.72
CA TYR E 458 -26.32 17.21 -39.21
C TYR E 458 -25.71 18.59 -39.30
N VAL E 459 -26.51 19.59 -39.67
CA VAL E 459 -26.04 20.96 -39.67
C VAL E 459 -25.69 21.42 -38.26
N LEU E 460 -26.54 21.06 -37.29
CA LEU E 460 -26.21 21.39 -35.90
C LEU E 460 -24.99 20.63 -35.39
N ASP E 461 -24.82 19.38 -35.82
CA ASP E 461 -23.67 18.60 -35.38
C ASP E 461 -22.38 19.11 -36.03
N ARG E 462 -22.47 19.75 -37.19
CA ARG E 462 -21.28 20.40 -37.71
C ARG E 462 -20.96 21.71 -37.00
N LEU E 463 -21.97 22.55 -36.75
CA LEU E 463 -21.75 23.83 -36.09
C LEU E 463 -21.21 23.68 -34.67
N LEU E 464 -21.80 22.77 -33.90
CA LEU E 464 -21.34 22.57 -32.53
C LEU E 464 -19.96 21.92 -32.49
N PHE E 465 -19.63 21.10 -33.49
CA PHE E 465 -18.27 20.56 -33.57
C PHE E 465 -17.25 21.65 -33.86
N ARG E 466 -17.58 22.62 -34.72
CA ARG E 466 -16.68 23.75 -34.94
C ARG E 466 -16.49 24.59 -33.68
N ILE E 467 -17.59 24.86 -32.96
CA ILE E 467 -17.50 25.63 -31.72
C ILE E 467 -16.69 24.91 -30.66
N TYR E 468 -16.89 23.59 -30.53
CA TYR E 468 -16.12 22.81 -29.56
C TYR E 468 -14.64 22.74 -29.93
N LEU E 469 -14.33 22.62 -31.22
CA LEU E 469 -12.94 22.55 -31.64
C LEU E 469 -12.22 23.87 -31.41
N LEU E 470 -12.87 24.99 -31.71
CA LEU E 470 -12.28 26.29 -31.41
C LEU E 470 -12.16 26.55 -29.91
N ALA E 471 -13.09 26.07 -29.08
CA ALA E 471 -12.96 26.20 -27.65
C ALA E 471 -11.79 25.39 -27.07
N VAL E 472 -11.60 24.17 -27.57
CA VAL E 472 -10.46 23.36 -27.12
C VAL E 472 -9.15 23.98 -27.57
N LEU E 473 -9.12 24.53 -28.79
CA LEU E 473 -7.90 25.19 -29.27
C LEU E 473 -7.58 26.45 -28.48
N ALA E 474 -8.59 27.26 -28.16
CA ALA E 474 -8.38 28.46 -27.36
C ALA E 474 -8.00 28.14 -25.91
N TYR E 475 -8.43 27.00 -25.38
CA TYR E 475 -7.95 26.57 -24.07
C TYR E 475 -6.51 26.09 -24.11
N SER E 476 -6.15 25.35 -25.16
CA SER E 476 -4.80 24.83 -25.27
C SER E 476 -3.76 25.94 -25.46
N ILE E 477 -4.09 26.97 -26.25
CA ILE E 477 -3.10 28.04 -26.42
C ILE E 477 -2.96 28.89 -25.16
N THR E 478 -4.03 29.01 -24.37
CA THR E 478 -3.93 29.68 -23.07
C THR E 478 -3.04 28.89 -22.12
N LEU E 479 -3.17 27.56 -22.13
CA LEU E 479 -2.30 26.73 -21.31
C LEU E 479 -0.84 26.82 -21.73
N VAL E 480 -0.57 26.85 -23.05
CA VAL E 480 0.80 26.99 -23.54
C VAL E 480 1.38 28.35 -23.20
N THR E 481 0.60 29.43 -23.37
CA THR E 481 1.13 30.75 -23.06
C THR E 481 1.20 31.03 -21.56
N LEU E 482 0.58 30.21 -20.72
CA LEU E 482 0.88 30.28 -19.29
C LEU E 482 2.08 29.46 -18.91
N TRP E 483 2.36 28.37 -19.63
CA TRP E 483 3.59 27.62 -19.36
C TRP E 483 4.84 28.39 -19.82
N SER E 484 4.74 29.11 -20.94
CA SER E 484 5.92 29.76 -21.50
C SER E 484 6.36 30.98 -20.71
N ILE E 485 5.47 31.57 -19.92
CA ILE E 485 5.88 32.65 -19.01
C ILE E 485 6.79 32.09 -17.92
N TRP E 486 6.46 30.92 -17.40
CA TRP E 486 7.33 30.26 -16.43
C TRP E 486 8.64 29.82 -17.06
N HIS E 487 8.57 29.20 -18.25
CA HIS E 487 9.75 28.58 -18.82
C HIS E 487 10.82 29.59 -19.26
N TYR E 488 10.40 30.79 -19.67
CA TYR E 488 11.35 31.79 -20.13
C TYR E 488 12.01 32.46 -18.93
N SER E 489 13.34 32.37 -18.87
CA SER E 489 14.19 32.86 -17.78
C SER E 489 13.75 32.32 -16.41
C1 NAG F . 49.11 7.06 0.28
C2 NAG F . 50.61 7.18 0.44
C3 NAG F . 51.31 6.65 -0.80
C4 NAG F . 50.85 5.24 -1.13
C5 NAG F . 49.32 5.17 -1.18
C6 NAG F . 48.79 3.77 -1.30
C7 NAG F . 50.96 9.08 1.94
C8 NAG F . 51.38 10.51 2.04
N2 NAG F . 51.00 8.55 0.71
O3 NAG F . 52.72 6.67 -0.59
O4 NAG F . 51.14 4.33 -2.12
O5 NAG F . 48.77 5.71 0.03
O6 NAG F . 47.44 3.68 -0.85
O7 NAG F . 50.62 8.43 2.91
C1 NAG F . 52.04 4.04 -3.14
C2 NAG F . 51.39 4.44 -4.45
C3 NAG F . 52.40 4.31 -5.60
C4 NAG F . 53.63 5.13 -5.29
C5 NAG F . 54.22 4.71 -3.95
C6 NAG F . 55.38 5.56 -3.51
C7 NAG F . 49.04 4.14 -5.10
C8 NAG F . 47.93 3.17 -5.32
N2 NAG F . 50.21 3.62 -4.71
O3 NAG F . 51.79 4.76 -6.80
O4 NAG F . 54.61 5.07 -6.32
O5 NAG F . 53.22 4.83 -2.93
O6 NAG F . 54.92 6.74 -2.86
O7 NAG F . 48.90 5.35 -5.25
C1 BMA F . 55.02 3.75 -6.73
C2 BMA F . 55.01 3.75 -8.29
C3 BMA F . 55.66 2.46 -8.81
C4 BMA F . 57.01 2.16 -8.13
C5 BMA F . 56.81 2.15 -6.61
C6 BMA F . 58.09 1.91 -5.86
O2 BMA F . 55.79 4.82 -8.78
O3 BMA F . 55.83 2.53 -10.21
O4 BMA F . 57.49 0.90 -8.56
O5 BMA F . 56.29 3.42 -6.21
O6 BMA F . 57.87 2.21 -4.49
C1 NAG G . 32.08 4.10 -12.96
C2 NAG G . 32.92 3.64 -14.15
C3 NAG G . 34.35 4.11 -13.98
C4 NAG G . 34.39 5.61 -13.83
C5 NAG G . 33.49 6.07 -12.68
C6 NAG G . 33.31 7.56 -12.63
C7 NAG G . 32.20 1.61 -15.32
C8 NAG G . 32.28 0.12 -15.37
N2 NAG G . 32.87 2.20 -14.32
O3 NAG G . 35.12 3.70 -15.11
O4 NAG G . 35.45 6.48 -13.68
O5 NAG G . 32.17 5.52 -12.84
O6 NAG G . 34.17 8.14 -11.65
O7 NAG G . 31.57 2.27 -16.14
C1 NAG G . 36.69 6.53 -14.29
C2 NAG G . 37.39 7.83 -13.91
C3 NAG G . 38.83 7.86 -14.42
C4 NAG G . 39.58 6.60 -14.01
C5 NAG G . 38.79 5.37 -14.45
C6 NAG G . 39.43 4.07 -14.01
C7 NAG G . 35.95 9.81 -13.65
C8 NAG G . 35.24 10.91 -14.35
N2 NAG G . 36.64 8.96 -14.42
O3 NAG G . 39.48 9.01 -13.90
O4 NAG G . 40.86 6.58 -14.62
O5 NAG G . 37.49 5.41 -13.86
O6 NAG G . 38.57 2.97 -14.27
O7 NAG G . 35.91 9.66 -12.42
C1 NAG H . 36.01 -30.72 15.17
C2 NAG H . 37.07 -31.59 15.80
C3 NAG H . 36.75 -33.06 15.56
C4 NAG H . 35.34 -33.38 16.04
C5 NAG H . 34.33 -32.40 15.45
C6 NAG H . 32.95 -32.53 16.03
C7 NAG H . 39.13 -30.26 15.76
C8 NAG H . 40.45 -30.05 15.12
N2 NAG H . 38.39 -31.26 15.28
O3 NAG H . 37.69 -33.86 16.26
O4 NAG H . 34.56 -34.52 16.06
O5 NAG H . 34.75 -31.04 15.71
O6 NAG H . 32.19 -31.34 15.84
O7 NAG H . 38.73 -29.56 16.69
C1 NAG H . 34.60 -35.90 15.90
C2 NAG H . 34.08 -36.23 14.51
C3 NAG H . 34.27 -37.71 14.22
C4 NAG H . 35.73 -38.10 14.41
C5 NAG H . 36.19 -37.73 15.81
C6 NAG H . 37.66 -37.96 16.03
C7 NAG H . 32.22 -35.15 13.33
C8 NAG H . 30.76 -34.84 13.34
N2 NAG H . 32.68 -35.84 14.37
O3 NAG H . 33.86 -37.98 12.88
O4 NAG H . 35.96 -39.48 14.13
O5 NAG H . 35.96 -36.32 16.03
O6 NAG H . 38.42 -36.86 15.55
O7 NAG H . 32.96 -34.79 12.41
C1 BMA H . 35.14 -40.42 14.84
C2 BMA H . 34.65 -41.46 13.80
C3 BMA H . 33.96 -42.63 14.49
C4 BMA H . 34.79 -43.17 15.68
C5 BMA H . 35.11 -42.03 16.63
C6 BMA H . 35.97 -42.47 17.80
O2 BMA H . 35.76 -42.01 13.11
O3 BMA H . 33.69 -43.67 13.57
O4 BMA H . 34.04 -44.17 16.37
O5 BMA H . 35.85 -41.03 15.90
O6 BMA H . 36.46 -41.30 18.44
C1 NAG I . 19.30 -28.96 1.32
C2 NAG I . 19.12 -30.45 1.14
C3 NAG I . 20.41 -31.17 1.53
C4 NAG I . 21.57 -30.65 0.70
C5 NAG I . 21.68 -29.13 0.84
C6 NAG I . 22.68 -28.54 -0.12
C7 NAG I . 16.86 -31.36 1.32
C8 NAG I . 15.81 -31.89 2.25
N2 NAG I . 18.00 -30.97 1.90
O3 NAG I . 20.24 -32.56 1.32
O4 NAG I . 22.90 -31.01 0.69
O5 NAG I . 20.43 -28.50 0.55
O6 NAG I . 23.93 -28.28 0.50
O7 NAG I . 16.69 -31.29 0.11
C1 NAG I . 23.51 -32.25 0.74
C2 NAG I . 25.00 -32.07 0.47
C3 NAG I . 25.75 -33.39 0.67
C4 NAG I . 25.44 -34.00 2.03
C5 NAG I . 23.92 -34.12 2.20
C6 NAG I . 23.51 -34.64 3.54
C7 NAG I . 25.63 -30.34 -1.16
C8 NAG I . 25.78 -30.00 -2.60
N2 NAG I . 25.21 -31.59 -0.89
O3 NAG I . 27.15 -33.15 0.57
O4 NAG I . 26.03 -35.29 2.14
O5 NAG I . 23.33 -32.83 2.04
O6 NAG I . 22.10 -34.57 3.71
O7 NAG I . 25.86 -29.53 -0.27
C1 NAG J . 4.83 -23.66 43.54
C2 NAG J . 5.05 -24.21 44.93
C3 NAG J . 3.72 -24.59 45.56
C4 NAG J . 2.76 -23.42 45.52
C5 NAG J . 2.66 -22.84 44.11
C6 NAG J . 1.88 -21.55 44.04
C7 NAG J . 7.28 -25.22 44.89
C8 NAG J . 8.07 -26.50 44.84
N2 NAG J . 5.96 -25.36 44.90
O3 NAG J . 3.94 -25.00 46.91
O4 NAG J . 1.46 -23.22 45.94
O5 NAG J . 3.97 -22.54 43.61
O6 NAG J . 2.21 -20.81 42.88
O7 NAG J . 7.82 -24.13 44.92
C1 NAG J . 0.44 -23.77 46.71
C2 NAG J . -0.54 -24.45 45.77
C3 NAG J . -1.59 -25.22 46.57
C4 NAG J . -0.90 -26.20 47.52
C5 NAG J . 0.08 -25.44 48.42
C6 NAG J . 0.89 -26.36 49.28
C7 NAG J . -1.29 -23.67 43.56
C8 NAG J . -1.96 -22.59 42.80
N2 NAG J . -1.17 -23.50 44.88
O3 NAG J . -2.44 -25.93 45.68
O4 NAG J . -1.84 -26.96 48.28
O5 NAG J . 1.02 -24.74 47.59
O6 NAG J . 2.01 -26.88 48.59
O7 NAG J . -0.84 -24.67 43.01
C1 BMA J . -2.82 -26.21 49.02
C2 BMA J . -4.18 -26.89 48.77
C3 BMA J . -5.25 -26.31 49.70
C4 BMA J . -4.77 -26.23 51.16
C5 BMA J . -3.44 -25.47 51.22
C6 BMA J . -2.88 -25.39 52.62
O2 BMA J . -4.10 -28.27 49.09
O3 BMA J . -6.45 -27.07 49.62
O4 BMA J . -5.74 -25.56 51.96
O5 BMA J . -2.50 -26.16 50.40
O6 BMA J . -1.54 -24.94 52.52
C1 NAG K . -8.48 -21.17 26.49
C2 NAG K . -9.72 -21.62 27.23
C3 NAG K . -9.32 -22.43 28.45
C4 NAG K . -8.48 -23.62 28.03
C5 NAG K . -7.27 -23.15 27.23
C6 NAG K . -6.51 -24.29 26.59
C7 NAG K . -11.73 -20.24 27.03
C8 NAG K . -12.48 -19.06 27.56
N2 NAG K . -10.56 -20.50 27.62
O3 NAG K . -10.49 -22.88 29.12
O4 NAG K . -7.91 -24.63 28.78
O5 NAG K . -7.68 -22.30 26.14
O6 NAG K . -5.36 -24.63 27.35
O7 NAG K . -12.14 -20.91 26.10
C1 NAG K . -8.41 -25.39 29.82
C2 NAG K . -7.43 -26.52 30.11
C3 NAG K . -7.86 -27.29 31.37
C4 NAG K . -8.09 -26.34 32.54
C5 NAG K . -9.07 -25.25 32.13
C6 NAG K . -9.29 -24.22 33.20
C7 NAG K . -6.29 -27.51 28.19
C8 NAG K . -6.39 -28.50 27.06
N2 NAG K . -7.37 -27.43 28.98
O3 NAG K . -6.84 -28.23 31.70
O4 NAG K . -8.61 -27.05 33.66
O5 NAG K . -8.55 -24.56 30.99
O6 NAG K . -10.06 -23.12 32.71
O7 NAG K . -5.29 -26.84 28.37
C1 NAG L . -1.04 18.39 46.20
C2 NAG L . -0.90 18.99 47.58
C3 NAG L . -1.84 20.18 47.75
C4 NAG L . -1.61 21.18 46.62
C5 NAG L . -1.68 20.50 45.26
C6 NAG L . -1.29 21.40 44.12
C7 NAG L . -0.21 17.14 49.02
C8 NAG L . -0.64 16.17 50.08
N2 NAG L . -1.15 17.99 48.61
O3 NAG L . -1.60 20.80 49.00
O4 NAG L . -2.19 22.40 46.29
O5 NAG L . -0.77 19.39 45.23
O6 NAG L . -0.88 20.65 42.99
O7 NAG L . 0.93 17.16 48.58
C1 NAG L . -3.00 23.41 46.77
C2 NAG L . -4.39 23.23 46.18
C3 NAG L . -5.37 24.21 46.80
C4 NAG L . -5.36 24.06 48.32
C5 NAG L . -3.94 24.25 48.84
C6 NAG L . -3.82 23.98 50.32
C7 NAG L . -4.94 22.51 43.90
C8 NAG L . -4.82 22.82 42.44
N2 NAG L . -4.36 23.38 44.73
O3 NAG L . -6.68 23.96 46.30
O4 NAG L . -6.27 24.95 48.96
O5 NAG L . -3.07 23.30 48.20
O6 NAG L . -3.68 22.59 50.58
O7 NAG L . -5.54 21.52 44.31
C1 BMA L . -6.14 26.34 48.63
C2 BMA L . -7.57 26.87 48.38
C3 BMA L . -7.57 28.39 48.24
C4 BMA L . -6.78 29.08 49.38
C5 BMA L . -5.37 28.47 49.45
C6 BMA L . -4.54 29.05 50.58
O2 BMA L . -8.42 26.58 49.47
O3 BMA L . -8.89 28.90 48.20
O4 BMA L . -6.69 30.47 49.14
O5 BMA L . -5.50 27.07 49.68
O6 BMA L . -3.40 28.23 50.75
C1 NAG M . -12.70 16.80 27.87
C2 NAG M . -13.60 17.98 28.19
C3 NAG M . -13.58 18.26 29.69
C4 NAG M . -14.01 17.01 30.46
C5 NAG M . -13.13 15.83 30.07
C6 NAG M . -13.65 14.52 30.63
C7 NAG M . -13.95 19.64 26.44
C8 NAG M . -13.44 20.89 25.78
N2 NAG M . -13.23 19.16 27.45
O3 NAG M . -14.45 19.34 29.98
O4 NAG M . -14.16 16.81 31.80
O5 NAG M . -13.11 15.66 28.64
O6 NAG M . -12.95 14.15 31.80
O7 NAG M . -14.97 19.08 26.06
C1 NAG M . -14.71 17.60 32.81
C2 NAG M . -14.82 16.76 34.08
C3 NAG M . -15.27 17.63 35.26
C4 NAG M . -14.39 18.87 35.39
C5 NAG M . -14.36 19.62 34.06
C6 NAG M . -13.44 20.81 34.07
C7 NAG M . -15.35 14.38 33.80
C8 NAG M . -16.44 13.38 33.59
N2 NAG M . -15.75 15.65 33.89
O3 NAG M . -15.20 16.86 36.45
O4 NAG M . -14.91 19.73 36.39
O5 NAG M . -13.86 18.74 33.04
O6 NAG M . -13.31 21.36 32.77
O7 NAG M . -14.18 14.05 33.90
C1 NAG N . 26.08 37.35 19.66
C2 NAG N . 27.01 38.37 20.29
C3 NAG N . 27.31 39.49 19.31
C4 NAG N . 27.84 38.92 17.99
C5 NAG N . 26.92 37.83 17.46
C6 NAG N . 27.47 37.09 16.27
C7 NAG N . 26.53 38.28 22.69
C8 NAG N . 25.88 38.95 23.85
N2 NAG N . 26.43 38.90 21.51
O3 NAG N . 28.27 40.37 19.88
O4 NAG N . 28.25 39.47 16.81
O5 NAG N . 26.67 36.84 18.48
O6 NAG N . 26.85 35.82 16.13
O7 NAG N . 27.14 37.23 22.81
C1 NAG N . 28.60 40.66 16.19
C2 NAG N . 27.41 41.13 15.36
C3 NAG N . 27.69 42.53 14.81
C4 NAG N . 28.03 43.48 15.94
C5 NAG N . 29.22 42.94 16.73
C6 NAG N . 29.53 43.76 17.95
C7 NAG N . 25.89 39.75 14.04
C8 NAG N . 25.75 38.80 12.89
N2 NAG N . 27.12 40.20 14.29
O3 NAG N . 26.53 42.99 14.12
O4 NAG N . 28.28 44.81 15.48
O5 NAG N . 28.90 41.62 17.21
O6 NAG N . 28.71 43.39 19.05
O7 NAG N . 24.92 40.11 14.70
C1 BMA N . 29.26 44.96 14.44
C2 BMA N . 28.65 45.91 13.39
C3 BMA N . 29.70 46.30 12.35
C4 BMA N . 31.02 46.76 13.01
C5 BMA N . 31.51 45.67 13.98
C6 BMA N . 32.78 46.05 14.71
O2 BMA N . 28.22 47.10 14.00
O3 BMA N . 29.22 47.33 11.50
O4 BMA N . 32.02 46.98 12.02
O5 BMA N . 30.48 45.45 14.95
O6 BMA N . 32.96 45.13 15.78
C1 NAG O . 12.19 32.43 3.63
C2 NAG O . 12.56 33.62 2.77
C3 NAG O . 13.21 34.69 3.62
C4 NAG O . 12.27 35.09 4.75
C5 NAG O . 11.86 33.87 5.56
C6 NAG O . 10.76 34.18 6.55
C7 NAG O . 13.01 33.22 0.40
C8 NAG O . 14.04 32.84 -0.63
N2 NAG O . 13.43 33.25 1.66
O3 NAG O . 13.52 35.82 2.82
O4 NAG O . 12.42 36.03 5.75
O5 NAG O . 11.34 32.85 4.69
O6 NAG O . 11.28 34.36 7.86
O7 NAG O . 11.86 33.47 0.08
C1 NAG O . 12.93 37.32 5.74
C2 NAG O . 12.64 37.99 7.08
C3 NAG O . 13.33 39.35 7.17
C4 NAG O . 14.80 39.25 6.84
C5 NAG O . 14.97 38.58 5.47
C6 NAG O . 16.41 38.35 5.09
C7 NAG O . 10.51 37.40 8.15
C8 NAG O . 9.04 37.66 8.22
N2 NAG O . 11.20 38.12 7.27
O3 NAG O . 13.17 39.85 8.50
O4 NAG O . 15.39 40.54 6.78
O5 NAG O . 14.34 37.28 5.51
O6 NAG O . 16.51 37.56 3.91
O7 NAG O . 11.06 36.56 8.88
C1 NAG P . 60.23 -22.30 20.81
C2 NAG P . 60.56 -23.41 21.80
C3 NAG P . 62.01 -23.84 21.66
C4 NAG P . 62.31 -24.23 20.21
C5 NAG P . 61.89 -23.10 19.26
C6 NAG P . 62.00 -23.49 17.81
C7 NAG P . 60.75 -22.06 23.92
C8 NAG P . 60.23 -21.94 25.32
N2 NAG P . 60.24 -23.06 23.18
O3 NAG P . 62.24 -24.96 22.53
O5 NAG P . 60.52 -22.74 19.49
O6 NAG P . 60.97 -22.90 17.04
O7 NAG P . 61.61 -21.28 23.49
C1 NAG Q . 67.71 -24.99 20.93
C2 NAG Q . 67.18 -24.45 19.60
C3 NAG Q . 65.73 -24.01 19.77
C4 NAG Q . 64.87 -25.13 20.34
C5 NAG Q . 65.49 -25.67 21.63
C6 NAG Q . 64.79 -26.91 22.16
C7 NAG Q . 68.36 -23.24 17.84
C8 NAG Q . 69.21 -22.05 17.50
N2 NAG Q . 67.99 -23.36 19.11
O1 NAG Q . 69.01 -25.46 20.75
O3 NAG Q . 65.22 -23.61 18.50
O4 NAG Q . 63.56 -24.66 20.61
O5 NAG Q . 66.86 -26.04 21.40
O6 NAG Q . 63.80 -26.57 23.12
O7 NAG Q . 68.02 -24.06 16.98
O13 CWB R . 32.77 18.02 7.24
C12 CWB R . 33.30 18.30 6.19
C14 CWB R . 33.03 19.67 5.50
C23 CWB R . 32.04 20.68 5.90
C22 CWB R . 31.07 20.78 6.91
C21 CWB R . 30.27 21.94 6.99
C20 CWB R . 30.43 22.97 6.06
C19 CWB R . 31.39 22.87 5.06
C18 CWB R . 32.20 21.71 4.97
N16 CWB R . 33.21 21.33 4.12
C17 CWB R . 33.68 22.13 3.02
N15 CWB R . 33.67 20.14 4.44
N11 CWB R . 34.20 17.36 5.57
C09 CWB R . 34.50 15.96 6.26
C10 CWB R . 35.94 15.82 6.39
C03 CWB R . 36.70 15.14 5.19
C08 CWB R . 33.83 14.90 5.56
C07 CWB R . 34.57 14.20 4.45
N02 CWB R . 35.96 13.96 4.72
C01 CWB R . 36.20 12.93 5.26
C06 CWB R . 34.48 15.08 3.17
C05 CWB R . 35.91 15.64 2.76
C04 CWB R . 36.82 16.09 4.03
CL CL S . -39.11 -2.48 -42.29
C1 NAG T . 27.86 -33.16 51.70
C2 NAG T . 27.57 -33.04 53.19
C3 NAG T . 28.10 -34.26 53.94
C4 NAG T . 27.58 -35.54 53.32
C5 NAG T . 27.84 -35.56 51.81
C6 NAG T . 27.19 -36.74 51.12
C7 NAG T . 29.30 -31.35 53.86
C8 NAG T . 29.49 -30.02 54.52
N2 NAG T . 28.04 -31.79 53.79
O3 NAG T . 27.70 -34.15 55.31
O5 NAG T . 27.32 -34.38 51.19
O6 NAG T . 26.74 -36.37 49.82
O7 NAG T . 30.27 -31.99 53.42
C1 NAG U . 30.58 -38.95 56.42
C2 NAG U . 30.24 -39.31 54.99
C3 NAG U . 29.71 -38.09 54.25
C4 NAG U . 28.55 -37.46 54.99
C5 NAG U . 28.93 -37.18 56.45
C6 NAG U . 27.76 -36.72 57.29
C7 NAG U . 31.31 -40.95 53.51
C8 NAG U . 32.59 -41.40 52.88
N2 NAG U . 31.38 -39.88 54.30
O1 NAG U . 30.98 -40.08 57.11
O3 NAG U . 29.30 -38.48 52.94
O4 NAG U . 28.15 -36.25 54.36
O5 NAG U . 29.43 -38.37 57.07
O6 NAG U . 27.68 -35.30 57.34
O7 NAG U . 30.24 -41.53 53.31
O13 CWB V . 35.64 -11.68 6.53
C12 CWB V . 35.90 -12.66 5.89
C14 CWB V . 36.56 -12.55 4.48
C23 CWB V . 36.77 -11.30 3.72
C22 CWB V . 36.51 -9.95 3.94
C21 CWB V . 36.87 -9.00 2.96
C20 CWB V . 37.48 -9.42 1.77
C19 CWB V . 37.75 -10.77 1.55
C18 CWB V . 37.39 -11.71 2.53
N16 CWB V . 37.52 -13.08 2.61
C17 CWB V . 38.10 -13.89 1.57
N15 CWB V . 37.03 -13.55 3.74
N11 CWB V . 35.61 -13.97 6.42
C09 CWB V . 34.95 -14.13 7.85
C10 CWB V . 35.81 -14.97 8.65
C03 CWB V . 35.56 -16.53 8.58
C08 CWB V . 33.60 -14.57 7.71
C07 CWB V . 33.33 -16.04 7.69
N02 CWB V . 34.10 -16.80 8.63
C01 CWB V . 33.62 -16.93 9.70
C06 CWB V . 33.63 -16.60 6.28
C05 CWB V . 34.90 -17.55 6.28
C04 CWB V . 36.09 -17.10 7.30
C1 NAG W . 9.05 5.70 66.50
C2 NAG W . 9.40 6.94 67.31
C3 NAG W . 9.08 6.73 68.79
C4 NAG W . 7.64 6.27 68.97
C5 NAG W . 7.33 5.07 68.07
C6 NAG W . 5.87 4.70 68.07
C7 NAG W . 11.90 6.72 67.40
C8 NAG W . 13.17 7.44 67.09
N2 NAG W . 10.77 7.40 67.12
O3 NAG W . 9.32 7.94 69.48
O5 NAG W . 7.67 5.37 66.71
O6 NAG W . 5.45 4.23 66.79
O7 NAG W . 11.91 5.58 67.88
C1 NAG X . 7.99 5.31 74.37
C2 NAG X . 7.07 4.46 73.50
C3 NAG X . 7.41 4.68 72.02
C4 NAG X . 7.36 6.17 71.67
C5 NAG X . 8.24 6.97 72.62
C6 NAG X . 8.10 8.47 72.45
C7 NAG X . 6.11 2.25 73.93
C8 NAG X . 6.40 0.82 74.30
N2 NAG X . 7.17 3.06 73.84
O1 NAG X . 7.63 5.15 75.70
O3 NAG X . 6.47 3.97 71.22
O4 NAG X . 7.80 6.36 70.33
O5 NAG X . 7.88 6.69 73.99
O6 NAG X . 9.09 8.98 71.57
O7 NAG X . 4.97 2.66 73.75
O13 CWB Y . 15.78 -23.27 25.70
C12 CWB Y . 15.06 -24.19 25.99
C14 CWB Y . 15.13 -25.54 25.20
C23 CWB Y . 15.95 -25.83 24.02
C22 CWB Y . 16.84 -25.08 23.24
C21 CWB Y . 17.47 -25.69 22.13
C20 CWB Y . 17.20 -27.02 21.82
C19 CWB Y . 16.31 -27.76 22.60
C18 CWB Y . 15.68 -27.15 23.71
N16 CWB Y . 14.78 -27.60 24.65
C17 CWB Y . 14.24 -28.94 24.67
N15 CWB Y . 14.48 -26.65 25.51
N11 CWB Y . 14.11 -24.06 27.05
C09 CWB Y . 13.97 -22.73 27.89
C10 CWB Y . 14.16 -23.06 29.29
C03 CWB Y . 12.87 -23.47 30.11
C08 CWB Y . 12.74 -22.09 27.58
C07 CWB Y . 11.51 -22.43 28.36
N02 CWB Y . 11.76 -22.57 29.77
C01 CWB Y . 11.65 -21.58 30.40
C06 CWB Y . 10.93 -23.77 27.83
C05 CWB Y . 11.05 -24.91 28.92
C04 CWB Y . 12.44 -24.89 29.76
C1 NAG Z . 29.29 40.44 45.40
C2 NAG Z . 30.64 41.16 45.33
C3 NAG Z . 30.71 42.28 46.36
C4 NAG Z . 29.52 43.23 46.21
C5 NAG Z . 28.20 42.44 46.22
C6 NAG Z . 26.99 43.29 45.90
C7 NAG Z . 32.10 39.47 46.48
C8 NAG Z . 33.33 38.64 46.29
N2 NAG Z . 31.78 40.25 45.44
O3 NAG Z . 31.93 42.98 46.17
O5 NAG Z . 28.23 41.39 45.23
O6 NAG Z . 26.03 42.56 45.15
O7 NAG Z . 31.43 39.40 47.51
C1 NAG AA . 30.62 46.27 50.66
C2 NAG AA . 29.19 46.02 50.22
C3 NAG AA . 29.12 44.89 49.20
C4 NAG AA . 30.05 45.17 48.03
C5 NAG AA . 31.47 45.47 48.53
C6 NAG AA . 32.39 45.94 47.42
C7 NAG AA . 27.12 46.24 51.53
C8 NAG AA . 26.38 45.82 52.78
N2 NAG AA . 28.34 45.72 51.37
O1 NAG AA . 30.67 47.34 51.53
O3 NAG AA . 27.78 44.75 48.74
O4 NAG AA . 30.08 44.05 47.15
O5 NAG AA . 31.43 46.54 49.50
O6 NAG AA . 33.13 44.85 46.87
O7 NAG AA . 26.62 47.01 50.72
O13 CWB BA . 0.90 -0.69 38.09
C12 CWB BA . -0.16 -0.28 38.50
C14 CWB BA . -1.33 -1.27 38.80
C23 CWB BA . -1.37 -2.70 38.50
C22 CWB BA . -0.49 -3.60 37.89
C21 CWB BA . -0.87 -4.95 37.75
C20 CWB BA . -2.10 -5.39 38.22
C19 CWB BA . -2.99 -4.49 38.83
C18 CWB BA . -2.61 -3.14 38.98
N16 CWB BA . -3.23 -2.03 39.51
C17 CWB BA . -4.55 -2.08 40.11
N15 CWB BA . -2.48 -0.96 39.41
N11 CWB BA . -0.37 1.13 38.69
C09 CWB BA . 0.78 2.17 38.42
C10 CWB BA . 1.07 2.88 39.64
C03 CWB BA . 0.21 4.18 39.92
C08 CWB BA . 0.43 2.98 37.29
C07 CWB BA . -0.33 4.24 37.54
N02 CWB BA . 0.10 4.98 38.69
C01 CWB BA . 0.96 5.78 38.48
C06 CWB BA . -1.84 3.91 37.75
C05 CWB BA . -2.30 4.19 39.23
C04 CWB BA . -1.19 3.82 40.36
O13 CWB CA . 11.40 24.62 26.73
C12 CWB CA . 11.12 25.73 26.38
C14 CWB CA . 9.73 26.36 26.73
C23 CWB CA . 8.60 25.68 27.38
C22 CWB CA . 8.34 24.39 27.84
C21 CWB CA . 7.10 24.09 28.41
C20 CWB CA . 6.11 25.07 28.53
C19 CWB CA . 6.36 26.36 28.06
C18 CWB CA . 7.61 26.66 27.48
N16 CWB CA . 8.14 27.82 26.95
C17 CWB CA . 7.42 29.07 26.87
N15 CWB CA . 9.37 27.62 26.51
N11 CWB CA . 12.05 26.51 25.59
C09 CWB CA . 13.47 25.92 25.22
C10 CWB CA . 14.48 26.89 25.62
C03 CWB CA . 14.89 27.98 24.55
C08 CWB CA . 13.50 25.51 23.85
C07 CWB CA . 13.96 26.52 22.83
N02 CWB CA . 15.06 27.35 23.24
C01 CWB CA . 16.13 26.93 22.98
C06 CWB CA . 12.77 27.47 22.50
C05 CWB CA . 13.05 28.95 23.00
C04 CWB CA . 13.82 29.03 24.43
C1 NAG DA . 60.86 23.53 17.11
C2 NAG DA . 62.20 22.81 17.15
C3 NAG DA . 63.35 23.81 17.18
C4 NAG DA . 63.23 24.81 16.04
C5 NAG DA . 61.84 25.44 16.02
C6 NAG DA . 61.59 26.31 14.81
C7 NAG DA . 62.25 22.05 19.54
C8 NAG DA . 62.39 20.84 20.41
N2 NAG DA . 62.31 21.82 18.21
O3 NAG DA . 64.57 23.09 17.09
O5 NAG DA . 60.82 24.43 16.01
O6 NAG DA . 60.24 26.23 14.37
O7 NAG DA . 62.09 23.16 20.02
C1 NAG EA . 67.41 28.00 17.62
C2 NAG EA . 66.20 28.62 16.92
C3 NAG EA . 65.04 27.61 16.90
C4 NAG EA . 65.49 26.29 16.27
C5 NAG EA . 66.75 25.76 16.97
C6 NAG EA . 67.35 24.56 16.29
C7 NAG EA . 65.43 30.94 16.89
C8 NAG EA . 65.03 32.13 17.72
N2 NAG EA . 65.78 29.85 17.57
O1 NAG EA . 68.46 28.92 17.56
O3 NAG EA . 63.97 28.15 16.16
O4 NAG EA . 64.45 25.33 16.38
O5 NAG EA . 67.78 26.78 16.97
O6 NAG EA . 66.88 23.35 16.87
O7 NAG EA . 65.43 30.98 15.66
#